data_5Z14
#
_entry.id   5Z14
#
_cell.length_a   143.510
_cell.length_b   99.000
_cell.length_c   139.490
_cell.angle_alpha   90.00
_cell.angle_beta   108.51
_cell.angle_gamma   90.00
#
_symmetry.space_group_name_H-M   'C 1 2 1'
#
loop_
_entity.id
_entity.type
_entity.pdbx_description
1 polymer 'Toll-like receptor 8'
2 branched beta-D-mannopyranose-(1-4)-2-acetamido-2-deoxy-beta-D-glucopyranose-(1-4)-2-acetamido-2-deoxy-beta-D-glucopyranose
3 branched 2-acetamido-2-deoxy-beta-D-glucopyranose-(1-4)-2-acetamido-2-deoxy-beta-D-glucopyranose
4 branched alpha-D-mannopyranose-(1-3)-[alpha-D-mannopyranose-(1-6)]beta-D-mannopyranose-(1-4)-2-acetamido-2-deoxy-beta-D-glucopyranose-(1-4)-2-acetamido-2-deoxy-beta-D-glucopyranose
5 branched alpha-D-mannopyranose-(1-6)-alpha-D-mannopyranose-(1-4)-2-acetamido-2-deoxy-beta-D-glucopyranose-(1-4)-2-acetamido-2-deoxy-beta-D-glucopyranose
6 branched alpha-D-mannopyranose-(1-6)-beta-D-mannopyranose-(1-4)-2-acetamido-2-deoxy-beta-D-glucopyranose-(1-4)-2-acetamido-2-deoxy-beta-D-glucopyranose
7 non-polymer 4-(7-methoxyquinolin-4-yl)-2-methyl-phenol
8 non-polymer 2-acetamido-2-deoxy-beta-D-glucopyranose
9 water water
#
_entity_poly.entity_id   1
_entity_poly.type   'polypeptide(L)'
_entity_poly.pdbx_seq_one_letter_code
;RSPWEENFSRSYPCDEKKQNDSVIAECSNRRLQEVPQTVGKYVTELDLSDNFITHITNESFQGLQNLTKINLNHNPNVQH
QNGNPGIQSNGLNITDGAFLNLKNLRELLLEDNQLPQIPSGLPESLTELSLIQNNIYNITKEGISRLINLKNLYLAWNCY
FNKVCEKTNIEDGVFETLTNLELLSLSFNSLSHVPPKLPSSLRKLFLSNTQIKYISEEDFKGLINLTLLDLSGNCPRCFN
APFPCVPCDGGASINIDRFAFQNLTQLRYLNLSSTSLRKINAAWFKNMPHLKVLDLEFNYLVGEIASGAFLTMLPRLEIL
DLSFNYIKGSYPQHINISRNFSKLLSLRALHLRGYVFQELREDDFQPLMQLPNLSTINLGINFIKQIDFKLFQNFSNLEI
IYLSENRISPLVKDTRQSYANSSSFQRHIRKRRSTDFEFDPHSNFYHFTRPLIKPQCAAYGKALDLSLNSIFFIGPNQFE
NLPDIACLNLSANSNAQVLSGTEFSAIPHVKYLDLTNNRLDFDNASALTELSDLEVLDLSYNSHYFRIAGVTHHLEFIQN
FTNLKVLNLSHNNIYTLTDKYNLESKSLVELVFSGNRLDILWNDDDNRYISIFKGLKNLTRLDLSLNRLKHIPNEAFLNL
PASLTELHINDNMLKFFNWTLLQQFPRLELLDLRGNKLLFLTDSLSDFTSSLRTLLLSHNRISHLPSGFLSEVSSLKHLD
LSSNLLKTINKSALETKTTTKLSMLELHGNPFECTCDIGDFRRWMDEHLNVKIPRLVDVICASPGDQRGKSIVSLELTTC
VSDVTEFLVPR
;
_entity_poly.pdbx_strand_id   A,B
#
loop_
_chem_comp.id
_chem_comp.type
_chem_comp.name
_chem_comp.formula
7VC non-polymer 4-(7-methoxyquinolin-4-yl)-2-methyl-phenol 'C17 H15 N O2'
BMA D-saccharide, beta linking beta-D-mannopyranose 'C6 H12 O6'
MAN D-saccharide, alpha linking alpha-D-mannopyranose 'C6 H12 O6'
NAG D-saccharide, beta linking 2-acetamido-2-deoxy-beta-D-glucopyranose 'C8 H15 N O6'
#
# COMPACT_ATOMS: atom_id res chain seq x y z
N ARG A 10 -44.69 -3.68 3.52
CA ARG A 10 -43.25 -3.94 3.17
C ARG A 10 -43.07 -3.93 1.66
N SER A 11 -42.31 -2.96 1.19
CA SER A 11 -42.17 -2.68 -0.23
C SER A 11 -41.17 -3.61 -0.88
N TYR A 12 -41.31 -3.78 -2.18
CA TYR A 12 -40.37 -4.57 -2.96
C TYR A 12 -40.59 -4.22 -4.41
N PRO A 13 -39.52 -4.12 -5.20
CA PRO A 13 -38.14 -4.28 -4.73
C PRO A 13 -37.55 -3.02 -4.07
N CYS A 14 -38.11 -1.84 -4.32
CA CYS A 14 -37.54 -0.59 -3.82
C CYS A 14 -37.70 -0.34 -2.32
N ASP A 15 -36.70 0.30 -1.75
CA ASP A 15 -36.76 0.76 -0.37
C ASP A 15 -37.50 2.10 -0.39
N GLU A 16 -38.59 2.20 0.35
CA GLU A 16 -39.47 3.36 0.27
C GLU A 16 -39.49 4.05 1.60
N LYS A 17 -39.55 5.38 1.60
CA LYS A 17 -39.57 6.16 2.85
C LYS A 17 -40.01 7.62 2.68
N LYS A 18 -40.34 8.26 3.81
CA LYS A 18 -40.67 9.68 3.83
C LYS A 18 -39.38 10.45 3.52
N GLN A 19 -39.49 11.57 2.81
CA GLN A 19 -38.39 12.52 2.68
C GLN A 19 -39.06 13.88 2.69
N ASN A 20 -38.63 14.76 3.59
CA ASN A 20 -39.35 16.01 3.80
C ASN A 20 -40.85 15.69 3.98
N ASP A 21 -41.68 15.94 2.96
CA ASP A 21 -43.13 15.76 3.12
C ASP A 21 -43.71 14.95 1.95
N SER A 22 -43.00 13.88 1.60
CA SER A 22 -43.25 13.15 0.37
C SER A 22 -42.67 11.76 0.55
N VAL A 23 -43.02 10.84 -0.33
CA VAL A 23 -42.47 9.51 -0.17
C VAL A 23 -41.66 9.18 -1.42
N ILE A 24 -40.52 8.56 -1.18
CA ILE A 24 -39.42 8.42 -2.12
C ILE A 24 -39.17 6.94 -2.32
N ALA A 25 -38.74 6.57 -3.53
CA ALA A 25 -38.49 5.17 -3.84
C ALA A 25 -37.03 4.94 -4.25
N GLU A 26 -36.20 4.52 -3.32
CA GLU A 26 -34.82 4.22 -3.65
C GLU A 26 -34.75 2.86 -4.31
N CYS A 27 -34.65 2.84 -5.62
CA CYS A 27 -34.69 1.60 -6.32
C CYS A 27 -33.44 1.31 -7.14
N SER A 28 -32.30 1.87 -6.73
CA SER A 28 -31.08 1.80 -7.54
C SER A 28 -30.26 0.55 -7.26
N ASN A 29 -29.35 0.24 -8.18
CA ASN A 29 -28.50 -0.96 -8.08
C ASN A 29 -29.16 -2.22 -7.52
N ARG A 30 -30.22 -2.69 -8.18
CA ARG A 30 -30.89 -3.95 -7.82
C ARG A 30 -31.19 -4.85 -9.01
N ARG A 31 -30.42 -4.70 -10.08
CA ARG A 31 -30.46 -5.68 -11.16
C ARG A 31 -31.84 -5.88 -11.81
N LEU A 32 -32.70 -4.88 -11.76
CA LEU A 32 -34.02 -4.98 -12.36
C LEU A 32 -33.87 -4.89 -13.86
N GLN A 33 -34.61 -5.74 -14.59
CA GLN A 33 -34.59 -5.71 -16.06
C GLN A 33 -35.76 -4.90 -16.56
N GLU A 34 -36.55 -4.36 -15.64
CA GLU A 34 -37.63 -3.48 -16.01
C GLU A 34 -38.16 -2.73 -14.79
N VAL A 35 -38.52 -1.47 -15.03
CA VAL A 35 -39.44 -0.73 -14.16
C VAL A 35 -40.41 -1.69 -13.44
N PRO A 36 -40.41 -1.71 -12.09
CA PRO A 36 -41.39 -2.55 -11.40
C PRO A 36 -42.77 -1.93 -11.42
N GLN A 37 -43.79 -2.77 -11.28
CA GLN A 37 -45.18 -2.29 -11.17
C GLN A 37 -45.65 -2.39 -9.71
N THR A 38 -44.72 -2.82 -8.86
CA THR A 38 -44.99 -3.11 -7.46
C THR A 38 -44.49 -1.98 -6.58
N VAL A 39 -44.54 -0.75 -7.10
CA VAL A 39 -44.04 0.41 -6.38
C VAL A 39 -45.22 1.01 -5.64
N GLY A 40 -44.96 1.55 -4.45
CA GLY A 40 -46.01 2.11 -3.59
C GLY A 40 -46.90 3.13 -4.26
N LYS A 41 -48.10 3.32 -3.74
CA LYS A 41 -49.02 4.23 -4.38
C LYS A 41 -48.62 5.69 -4.11
N TYR A 42 -47.93 5.94 -3.00
CA TYR A 42 -47.65 7.31 -2.51
C TYR A 42 -46.34 7.89 -3.07
N VAL A 43 -45.57 7.05 -3.77
CA VAL A 43 -44.27 7.46 -4.26
C VAL A 43 -44.36 8.54 -5.33
N THR A 44 -43.65 9.65 -5.10
CA THR A 44 -43.50 10.73 -6.07
C THR A 44 -42.07 10.93 -6.61
N GLU A 45 -41.09 10.23 -6.06
CA GLU A 45 -39.74 10.26 -6.62
C GLU A 45 -39.18 8.88 -6.64
N LEU A 46 -38.72 8.47 -7.82
CA LEU A 46 -38.35 7.08 -8.06
C LEU A 46 -36.93 6.96 -8.65
N ASP A 47 -36.04 6.24 -7.98
CA ASP A 47 -34.65 6.14 -8.41
C ASP A 47 -34.39 4.72 -8.89
N LEU A 48 -34.40 4.53 -10.21
CA LEU A 48 -34.17 3.22 -10.84
C LEU A 48 -32.80 3.13 -11.47
N SER A 49 -31.87 3.97 -11.02
CA SER A 49 -30.58 4.11 -11.68
C SER A 49 -29.63 2.95 -11.41
N ASP A 50 -28.73 2.71 -12.35
CA ASP A 50 -27.74 1.65 -12.25
C ASP A 50 -28.39 0.26 -12.17
N ASN A 51 -29.20 -0.04 -13.17
CA ASN A 51 -29.92 -1.31 -13.27
C ASN A 51 -29.73 -1.98 -14.65
N PHE A 52 -30.58 -2.96 -14.98
CA PHE A 52 -30.54 -3.63 -16.29
C PHE A 52 -31.81 -3.37 -17.08
N ILE A 53 -32.36 -2.17 -16.92
CA ILE A 53 -33.57 -1.78 -17.61
C ILE A 53 -33.22 -1.47 -19.06
N THR A 54 -33.92 -2.10 -20.00
CA THR A 54 -33.61 -1.91 -21.42
C THR A 54 -34.62 -1.07 -22.16
N HIS A 55 -35.89 -1.17 -21.79
CA HIS A 55 -36.94 -0.47 -22.52
C HIS A 55 -37.85 0.31 -21.60
N ILE A 56 -38.33 1.46 -22.08
CA ILE A 56 -39.33 2.29 -21.39
C ILE A 56 -40.44 2.60 -22.37
N THR A 57 -41.67 2.21 -22.04
CA THR A 57 -42.85 2.47 -22.90
C THR A 57 -43.85 3.35 -22.15
N ASN A 58 -44.93 3.78 -22.82
CA ASN A 58 -45.99 4.55 -22.15
C ASN A 58 -46.71 3.77 -21.01
N GLU A 59 -46.34 2.50 -20.85
CA GLU A 59 -46.94 1.59 -19.89
C GLU A 59 -46.06 1.36 -18.66
N SER A 60 -44.79 1.71 -18.75
CA SER A 60 -43.85 1.41 -17.67
C SER A 60 -44.29 2.08 -16.36
N PHE A 61 -44.67 3.36 -16.43
CA PHE A 61 -45.01 4.16 -15.24
C PHE A 61 -46.48 4.51 -15.09
N GLN A 62 -47.39 3.73 -15.66
CA GLN A 62 -48.81 3.97 -15.36
C GLN A 62 -49.02 3.62 -13.91
N GLY A 63 -50.18 3.99 -13.38
CA GLY A 63 -50.52 3.73 -11.98
C GLY A 63 -49.57 4.43 -11.02
N LEU A 64 -48.93 5.50 -11.51
CA LEU A 64 -47.89 6.23 -10.79
C LEU A 64 -47.80 7.64 -11.35
N GLN A 65 -48.96 8.25 -11.58
CA GLN A 65 -49.06 9.47 -12.37
C GLN A 65 -48.68 10.67 -11.49
N ASN A 66 -48.71 10.46 -10.18
CA ASN A 66 -48.27 11.48 -9.20
C ASN A 66 -46.73 11.74 -9.19
N LEU A 67 -45.95 10.90 -9.88
CA LEU A 67 -44.47 11.05 -9.94
C LEU A 67 -43.95 12.44 -10.34
N THR A 68 -43.09 12.97 -9.51
CA THR A 68 -42.45 14.27 -9.72
C THR A 68 -41.07 14.16 -10.36
N LYS A 69 -40.32 13.13 -9.94
CA LYS A 69 -38.94 12.96 -10.32
C LYS A 69 -38.65 11.46 -10.59
N ILE A 70 -38.05 11.19 -11.75
CA ILE A 70 -37.60 9.86 -12.14
C ILE A 70 -36.11 9.95 -12.46
N ASN A 71 -35.33 9.02 -11.93
CA ASN A 71 -33.91 8.93 -12.24
C ASN A 71 -33.68 7.61 -12.91
N LEU A 72 -33.22 7.65 -14.17
CA LEU A 72 -33.00 6.43 -14.94
C LEU A 72 -31.55 6.22 -15.29
N ASN A 73 -30.67 7.02 -14.70
CA ASN A 73 -29.25 6.94 -15.05
C ASN A 73 -28.67 5.52 -15.10
N HIS A 74 -27.67 5.34 -15.97
CA HIS A 74 -26.81 4.13 -16.02
C HIS A 74 -27.60 2.86 -16.29
N ASN A 75 -28.60 2.95 -17.16
CA ASN A 75 -29.35 1.78 -17.60
C ASN A 75 -29.11 1.56 -19.10
N PRO A 76 -28.73 0.34 -19.50
CA PRO A 76 -28.44 -0.81 -18.63
C PRO A 76 -26.94 -0.94 -18.34
N ASN A 77 -26.50 -2.06 -17.77
CA ASN A 77 -25.07 -2.26 -17.48
C ASN A 77 -24.49 -3.57 -18.04
N VAL A 78 -23.15 -3.67 -18.01
CA VAL A 78 -22.36 -4.86 -18.43
C VAL A 78 -23.06 -5.68 -19.51
N ASN A 90 -25.85 -2.22 -26.63
CA ASN A 90 -26.89 -1.27 -27.02
C ASN A 90 -27.59 -0.58 -25.81
N GLY A 91 -28.13 0.61 -26.07
CA GLY A 91 -28.58 1.51 -25.00
C GLY A 91 -30.02 1.32 -24.53
N LEU A 92 -30.67 2.43 -24.17
CA LEU A 92 -32.02 2.40 -23.59
C LEU A 92 -33.08 2.70 -24.63
N ASN A 93 -34.10 1.86 -24.70
CA ASN A 93 -35.11 2.02 -25.72
C ASN A 93 -36.30 2.76 -25.12
N ILE A 94 -36.40 4.05 -25.45
CA ILE A 94 -37.48 4.89 -24.95
C ILE A 94 -38.52 5.12 -26.05
N THR A 95 -39.64 4.41 -25.99
CA THR A 95 -40.69 4.60 -26.98
C THR A 95 -41.19 6.03 -26.94
N ASP A 96 -41.77 6.49 -28.03
CA ASP A 96 -42.20 7.88 -28.13
C ASP A 96 -43.35 8.12 -27.16
N GLY A 97 -43.47 9.36 -26.68
CA GLY A 97 -44.48 9.73 -25.68
C GLY A 97 -44.44 8.92 -24.39
N ALA A 98 -43.37 8.16 -24.16
CA ALA A 98 -43.30 7.23 -23.02
C ALA A 98 -43.68 7.89 -21.71
N PHE A 99 -43.37 9.17 -21.60
CA PHE A 99 -43.56 9.94 -20.38
C PHE A 99 -44.69 10.97 -20.45
N LEU A 100 -45.27 11.16 -21.63
CA LEU A 100 -46.30 12.21 -21.79
C LEU A 100 -47.51 12.00 -20.86
N ASN A 101 -47.71 10.78 -20.36
CA ASN A 101 -48.74 10.46 -19.34
C ASN A 101 -48.58 11.16 -17.99
N LEU A 102 -47.32 11.39 -17.59
CA LEU A 102 -46.99 11.95 -16.26
C LEU A 102 -47.05 13.49 -16.23
N LYS A 103 -48.22 14.01 -15.87
CA LYS A 103 -48.52 15.45 -15.93
C LYS A 103 -47.90 16.25 -14.79
N ASN A 104 -47.21 15.59 -13.87
CA ASN A 104 -46.48 16.28 -12.80
C ASN A 104 -44.98 16.04 -12.79
N LEU A 105 -44.44 15.44 -13.85
CA LEU A 105 -43.02 15.13 -13.88
C LEU A 105 -42.22 16.41 -14.06
N ARG A 106 -41.53 16.82 -12.98
CA ARG A 106 -40.67 18.02 -12.94
C ARG A 106 -39.22 17.75 -13.33
N GLU A 107 -38.68 16.64 -12.84
CA GLU A 107 -37.25 16.37 -12.92
C GLU A 107 -37.05 15.00 -13.49
N LEU A 108 -36.40 14.92 -14.64
CA LEU A 108 -36.21 13.64 -15.30
C LEU A 108 -34.74 13.45 -15.66
N LEU A 109 -34.08 12.47 -15.05
CA LEU A 109 -32.66 12.25 -15.26
C LEU A 109 -32.42 11.06 -16.16
N LEU A 110 -31.88 11.35 -17.35
CA LEU A 110 -31.44 10.29 -18.27
C LEU A 110 -29.95 10.37 -18.56
N GLU A 111 -29.13 10.09 -17.55
CA GLU A 111 -27.70 10.14 -17.73
C GLU A 111 -27.08 8.76 -17.96
N ASP A 112 -26.13 8.70 -18.89
CA ASP A 112 -25.41 7.47 -19.21
C ASP A 112 -26.40 6.41 -19.62
N ASN A 113 -27.13 6.67 -20.70
CA ASN A 113 -28.11 5.73 -21.19
C ASN A 113 -27.84 5.32 -22.63
N GLN A 114 -26.71 5.77 -23.18
CA GLN A 114 -26.40 5.50 -24.57
C GLN A 114 -27.59 5.91 -25.49
N LEU A 115 -28.16 7.09 -25.25
CA LEU A 115 -29.27 7.55 -26.06
C LEU A 115 -28.74 8.02 -27.39
N PRO A 116 -29.43 7.67 -28.49
CA PRO A 116 -28.97 8.12 -29.79
C PRO A 116 -29.62 9.42 -30.24
N GLN A 117 -30.73 9.81 -29.59
CA GLN A 117 -31.38 11.11 -29.85
C GLN A 117 -32.12 11.60 -28.59
N ILE A 118 -32.43 12.89 -28.55
CA ILE A 118 -33.28 13.40 -27.48
C ILE A 118 -34.60 12.65 -27.64
N PRO A 119 -35.05 11.97 -26.58
CA PRO A 119 -36.37 11.34 -26.63
C PRO A 119 -37.45 12.35 -27.01
N SER A 120 -38.42 11.93 -27.81
CA SER A 120 -39.39 12.89 -28.30
C SER A 120 -40.72 12.79 -27.58
N GLY A 121 -41.38 13.92 -27.41
CA GLY A 121 -42.64 13.97 -26.70
C GLY A 121 -42.42 13.86 -25.21
N LEU A 122 -41.51 14.68 -24.70
CA LEU A 122 -41.26 14.73 -23.27
C LEU A 122 -42.27 15.67 -22.68
N PRO A 123 -42.75 15.39 -21.46
CA PRO A 123 -43.82 16.19 -20.89
C PRO A 123 -43.45 17.65 -20.71
N GLU A 124 -44.36 18.55 -21.09
CA GLU A 124 -44.13 19.99 -20.95
C GLU A 124 -44.04 20.44 -19.49
N SER A 125 -44.31 19.53 -18.54
CA SER A 125 -44.23 19.85 -17.11
C SER A 125 -42.79 19.91 -16.57
N LEU A 126 -41.81 19.59 -17.42
CA LEU A 126 -40.43 19.45 -16.97
C LEU A 126 -39.76 20.77 -16.66
N THR A 127 -38.97 20.74 -15.61
CA THR A 127 -38.19 21.86 -15.23
C THR A 127 -36.72 21.51 -15.12
N GLU A 128 -36.39 20.23 -14.92
CA GLU A 128 -35.00 19.84 -14.94
C GLU A 128 -34.86 18.56 -15.73
N LEU A 129 -34.02 18.61 -16.76
CA LEU A 129 -33.76 17.47 -17.64
C LEU A 129 -32.26 17.28 -17.81
N SER A 130 -31.78 16.07 -17.59
CA SER A 130 -30.36 15.79 -17.75
C SER A 130 -30.15 14.58 -18.65
N LEU A 131 -29.37 14.79 -19.71
CA LEU A 131 -29.18 13.81 -20.75
C LEU A 131 -27.70 13.60 -20.98
N ILE A 132 -26.90 13.79 -19.93
CA ILE A 132 -25.44 13.73 -20.07
C ILE A 132 -25.04 12.26 -20.34
N GLN A 133 -23.84 12.05 -20.91
CA GLN A 133 -23.26 10.71 -21.24
C GLN A 133 -24.12 9.86 -22.18
N ASN A 134 -24.63 10.51 -23.22
CA ASN A 134 -25.38 9.80 -24.25
C ASN A 134 -24.73 9.98 -25.58
N ASN A 135 -25.36 9.50 -26.65
CA ASN A 135 -24.81 9.65 -27.99
C ASN A 135 -25.70 10.58 -28.82
N ILE A 136 -26.18 11.63 -28.16
CA ILE A 136 -27.05 12.62 -28.79
C ILE A 136 -26.18 13.63 -29.48
N TYR A 137 -26.34 13.76 -30.80
CA TYR A 137 -25.57 14.75 -31.59
C TYR A 137 -26.43 15.85 -32.21
N ASN A 138 -27.73 15.65 -32.34
CA ASN A 138 -28.64 16.70 -32.83
C ASN A 138 -29.45 17.29 -31.70
N ILE A 139 -29.37 18.60 -31.53
CA ILE A 139 -30.24 19.31 -30.58
C ILE A 139 -31.34 19.98 -31.39
N THR A 140 -32.53 19.37 -31.41
CA THR A 140 -33.65 19.80 -32.29
C THR A 140 -34.81 20.50 -31.59
N LYS A 141 -35.56 21.32 -32.34
CA LYS A 141 -36.80 21.91 -31.85
C LYS A 141 -37.82 20.84 -31.52
N GLU A 142 -37.88 19.82 -32.38
CA GLU A 142 -38.68 18.63 -32.13
C GLU A 142 -38.53 18.21 -30.68
N GLY A 143 -37.30 17.86 -30.31
CA GLY A 143 -36.98 17.32 -28.99
C GLY A 143 -37.37 18.17 -27.78
N ILE A 144 -36.95 19.44 -27.74
CA ILE A 144 -37.01 20.22 -26.50
C ILE A 144 -37.50 21.68 -26.57
N SER A 145 -38.23 22.08 -27.58
CA SER A 145 -38.69 23.47 -27.60
C SER A 145 -40.11 23.62 -27.09
N ARG A 146 -40.80 22.48 -26.98
CA ARG A 146 -42.08 22.45 -26.29
C ARG A 146 -41.91 22.55 -24.78
N LEU A 147 -40.69 22.33 -24.30
CA LEU A 147 -40.42 22.30 -22.86
C LEU A 147 -40.21 23.73 -22.34
N ILE A 148 -41.21 24.57 -22.54
CA ILE A 148 -41.09 25.97 -22.18
C ILE A 148 -40.72 26.18 -20.71
N ASN A 149 -41.07 25.24 -19.84
CA ASN A 149 -40.83 25.38 -18.38
C ASN A 149 -39.44 24.96 -17.85
N LEU A 150 -38.57 24.37 -18.67
CA LEU A 150 -37.22 24.05 -18.21
C LEU A 150 -36.59 25.22 -17.43
N LYS A 151 -36.03 24.90 -16.27
CA LYS A 151 -35.09 25.75 -15.56
C LYS A 151 -33.67 25.27 -15.80
N ASN A 152 -33.48 23.96 -15.73
CA ASN A 152 -32.17 23.33 -15.75
C ASN A 152 -32.06 22.26 -16.80
N LEU A 153 -31.28 22.54 -17.84
CA LEU A 153 -31.12 21.64 -18.98
C LEU A 153 -29.65 21.26 -19.07
N TYR A 154 -29.36 19.98 -18.94
CA TYR A 154 -27.99 19.50 -18.93
C TYR A 154 -27.81 18.56 -20.12
N LEU A 155 -27.05 19.01 -21.13
CA LEU A 155 -26.76 18.18 -22.32
C LEU A 155 -25.29 17.77 -22.48
N ALA A 156 -24.49 17.87 -21.42
CA ALA A 156 -23.04 17.65 -21.49
C ALA A 156 -22.60 16.23 -21.84
N TRP A 157 -21.29 16.08 -22.12
CA TRP A 157 -20.69 14.78 -22.39
C TRP A 157 -21.46 13.97 -23.44
N ASN A 158 -21.60 14.51 -24.65
CA ASN A 158 -22.31 13.81 -25.71
C ASN A 158 -21.42 13.58 -26.95
N CYS A 159 -20.61 14.57 -27.31
CA CYS A 159 -19.63 14.42 -28.40
C CYS A 159 -18.25 14.88 -27.97
N TYR A 160 -17.44 13.91 -27.58
CA TYR A 160 -16.04 14.16 -27.28
C TYR A 160 -15.25 12.93 -27.73
N PHE A 161 -14.17 13.17 -28.48
CA PHE A 161 -13.27 12.10 -28.92
C PHE A 161 -14.05 10.86 -29.31
N ASN A 162 -14.84 11.01 -30.36
CA ASN A 162 -15.65 9.92 -30.87
C ASN A 162 -15.77 10.00 -32.39
N LYS A 163 -15.52 8.86 -33.05
CA LYS A 163 -15.50 8.74 -34.52
C LYS A 163 -16.68 9.48 -35.17
N VAL A 164 -17.84 9.33 -34.54
CA VAL A 164 -18.93 10.29 -34.63
C VAL A 164 -19.42 10.59 -33.20
N CYS A 165 -19.87 11.83 -32.93
CA CYS A 165 -20.09 12.78 -33.97
C CYS A 165 -18.78 13.39 -34.36
N GLU A 166 -18.81 13.95 -35.56
CA GLU A 166 -17.84 14.93 -36.01
C GLU A 166 -18.04 16.18 -35.16
N LYS A 167 -19.30 16.61 -35.03
CA LYS A 167 -19.66 17.86 -34.40
C LYS A 167 -21.14 17.86 -33.99
N THR A 168 -21.38 18.29 -32.75
CA THR A 168 -22.74 18.48 -32.24
C THR A 168 -23.44 19.53 -33.12
N ASN A 169 -24.68 19.25 -33.49
CA ASN A 169 -25.46 20.13 -34.35
C ASN A 169 -26.62 20.80 -33.58
N ILE A 170 -26.63 22.12 -33.56
CA ILE A 170 -27.60 22.84 -32.74
C ILE A 170 -28.55 23.67 -33.61
N GLU A 171 -29.63 23.01 -34.03
CA GLU A 171 -30.72 23.67 -34.73
C GLU A 171 -30.95 25.13 -34.28
N ASP A 172 -30.87 26.05 -35.23
CA ASP A 172 -30.83 27.49 -34.93
C ASP A 172 -32.03 27.92 -34.12
N GLY A 173 -31.81 28.14 -32.82
CA GLY A 173 -32.83 28.69 -31.92
C GLY A 173 -33.69 27.67 -31.20
N VAL A 174 -33.16 26.46 -31.02
CA VAL A 174 -33.81 25.44 -30.18
C VAL A 174 -34.23 26.11 -28.89
N PHE A 175 -33.27 26.77 -28.26
CA PHE A 175 -33.54 27.52 -27.06
C PHE A 175 -34.04 28.88 -27.56
N GLU A 176 -34.69 29.63 -26.66
CA GLU A 176 -35.34 30.93 -26.92
C GLU A 176 -36.85 30.74 -26.73
N THR A 177 -37.35 29.58 -27.13
CA THR A 177 -38.63 29.09 -26.67
C THR A 177 -38.56 28.80 -25.17
N LEU A 178 -37.35 28.51 -24.73
CA LEU A 178 -37.04 28.28 -23.34
C LEU A 178 -36.87 29.59 -22.54
N THR A 179 -37.95 30.31 -22.28
CA THR A 179 -37.80 31.63 -21.64
C THR A 179 -37.62 31.55 -20.12
N ASN A 180 -37.59 30.35 -19.55
CA ASN A 180 -37.37 30.23 -18.12
C ASN A 180 -36.06 29.52 -17.77
N LEU A 181 -35.27 29.19 -18.78
CA LEU A 181 -34.05 28.45 -18.59
C LEU A 181 -33.02 29.27 -17.87
N GLU A 182 -32.52 28.73 -16.77
CA GLU A 182 -31.51 29.39 -15.94
C GLU A 182 -30.16 28.72 -16.06
N LEU A 183 -30.19 27.40 -16.27
CA LEU A 183 -28.99 26.64 -16.40
C LEU A 183 -29.00 25.87 -17.69
N LEU A 184 -27.92 26.01 -18.45
CA LEU A 184 -27.67 25.23 -19.65
C LEU A 184 -26.21 24.73 -19.61
N SER A 185 -26.02 23.43 -19.73
CA SER A 185 -24.70 22.89 -19.79
C SER A 185 -24.45 22.13 -21.11
N LEU A 186 -23.63 22.70 -21.97
CA LEU A 186 -23.24 21.99 -23.19
C LEU A 186 -21.79 21.49 -23.11
N SER A 187 -21.18 21.61 -21.94
CA SER A 187 -19.78 21.22 -21.79
C SER A 187 -19.47 19.85 -22.41
N PHE A 188 -18.24 19.69 -22.90
CA PHE A 188 -17.77 18.43 -23.52
C PHE A 188 -18.62 18.02 -24.72
N ASN A 189 -18.82 18.97 -25.63
CA ASN A 189 -19.39 18.72 -26.94
C ASN A 189 -18.59 19.55 -27.90
N SER A 190 -18.26 18.97 -29.05
CA SER A 190 -17.64 19.72 -30.12
C SER A 190 -18.67 20.65 -30.71
N LEU A 191 -18.58 21.92 -30.36
CA LEU A 191 -19.48 22.95 -30.85
C LEU A 191 -18.82 23.91 -31.83
N SER A 192 -17.52 24.14 -31.65
CA SER A 192 -16.77 25.10 -32.44
C SER A 192 -17.22 26.55 -32.20
N HIS A 193 -18.50 26.76 -32.00
CA HIS A 193 -18.98 28.13 -31.74
C HIS A 193 -20.17 28.19 -30.76
N VAL A 194 -20.33 29.33 -30.12
CA VAL A 194 -21.40 29.52 -29.13
C VAL A 194 -22.76 29.53 -29.83
N PRO A 195 -23.70 28.75 -29.34
CA PRO A 195 -24.97 28.84 -29.97
C PRO A 195 -25.50 30.24 -29.94
N PRO A 196 -26.07 30.69 -31.05
CA PRO A 196 -26.84 31.91 -31.04
C PRO A 196 -28.23 31.66 -30.45
N LYS A 197 -29.00 32.75 -30.31
CA LYS A 197 -30.35 32.71 -29.77
C LYS A 197 -30.43 31.85 -28.50
N LEU A 198 -29.78 32.38 -27.45
CA LEU A 198 -29.86 31.84 -26.08
C LEU A 198 -30.81 32.72 -25.26
N PRO A 199 -31.57 32.12 -24.35
CA PRO A 199 -32.57 32.91 -23.65
C PRO A 199 -31.93 33.86 -22.68
N SER A 200 -32.61 34.97 -22.41
CA SER A 200 -32.09 35.97 -21.49
C SER A 200 -32.29 35.56 -20.02
N SER A 201 -33.13 34.55 -19.80
CA SER A 201 -33.28 33.95 -18.48
C SER A 201 -32.03 33.26 -17.91
N LEU A 202 -31.03 32.95 -18.75
CA LEU A 202 -29.83 32.24 -18.28
C LEU A 202 -29.11 32.94 -17.14
N ARG A 203 -28.74 32.15 -16.14
CA ARG A 203 -27.81 32.59 -15.12
C ARG A 203 -26.51 31.81 -15.14
N LYS A 204 -26.53 30.62 -15.71
CA LYS A 204 -25.36 29.79 -15.67
C LYS A 204 -25.18 29.07 -16.99
N LEU A 205 -24.07 29.32 -17.66
CA LEU A 205 -23.82 28.77 -18.99
C LEU A 205 -22.49 28.05 -18.95
N PHE A 206 -22.55 26.73 -19.12
CA PHE A 206 -21.39 25.86 -19.03
C PHE A 206 -20.94 25.41 -20.41
N LEU A 207 -19.75 25.86 -20.80
CA LEU A 207 -19.21 25.57 -22.13
C LEU A 207 -17.79 25.09 -22.04
N SER A 208 -17.48 24.35 -20.98
CA SER A 208 -16.15 23.76 -20.87
C SER A 208 -15.89 22.70 -21.95
N ASN A 209 -14.67 22.65 -22.45
CA ASN A 209 -14.26 21.60 -23.40
C ASN A 209 -15.25 21.47 -24.56
N THR A 210 -15.54 22.58 -25.25
CA THR A 210 -16.45 22.60 -26.41
C THR A 210 -15.80 23.03 -27.73
N GLN A 211 -14.45 23.07 -27.74
CA GLN A 211 -13.70 23.37 -28.96
C GLN A 211 -14.09 24.72 -29.50
N ILE A 212 -14.42 25.63 -28.57
CA ILE A 212 -14.72 26.99 -28.92
C ILE A 212 -13.45 27.78 -28.70
N LYS A 213 -12.82 28.20 -29.81
CA LYS A 213 -11.53 28.87 -29.77
C LYS A 213 -11.66 30.39 -29.73
N TYR A 214 -12.79 30.91 -30.16
CA TYR A 214 -12.93 32.35 -30.33
C TYR A 214 -14.27 32.85 -29.76
N ILE A 215 -14.24 34.02 -29.13
CA ILE A 215 -15.41 34.52 -28.42
C ILE A 215 -15.66 35.89 -29.01
N SER A 216 -16.71 36.01 -29.81
CA SER A 216 -17.05 37.27 -30.43
C SER A 216 -17.70 38.19 -29.42
N GLU A 217 -17.89 39.43 -29.82
CA GLU A 217 -18.66 40.38 -29.06
C GLU A 217 -20.13 39.95 -29.02
N GLU A 218 -20.61 39.37 -30.13
CA GLU A 218 -22.03 39.03 -30.29
C GLU A 218 -22.39 37.84 -29.40
N ASP A 219 -21.42 36.95 -29.22
CA ASP A 219 -21.69 35.63 -28.64
C ASP A 219 -22.48 35.65 -27.31
N PHE A 220 -22.26 36.61 -26.42
CA PHE A 220 -22.98 36.65 -25.13
C PHE A 220 -23.85 37.89 -24.89
N LYS A 221 -24.26 38.57 -25.96
CA LYS A 221 -25.13 39.71 -25.78
C LYS A 221 -26.55 39.19 -25.51
N GLY A 222 -27.32 39.98 -24.77
CA GLY A 222 -28.67 39.59 -24.40
C GLY A 222 -28.77 38.67 -23.18
N LEU A 223 -27.62 38.28 -22.64
CA LEU A 223 -27.53 37.45 -21.44
C LEU A 223 -27.07 38.34 -20.31
N ILE A 224 -27.94 39.28 -19.98
CA ILE A 224 -27.66 40.28 -18.96
C ILE A 224 -28.03 39.79 -17.56
N ASN A 225 -28.35 38.51 -17.41
CA ASN A 225 -28.52 37.95 -16.08
C ASN A 225 -27.47 36.87 -15.76
N LEU A 226 -26.44 36.75 -16.62
CA LEU A 226 -25.41 35.73 -16.41
C LEU A 226 -24.65 35.92 -15.08
N THR A 227 -24.74 34.90 -14.22
CA THR A 227 -23.98 34.88 -12.99
C THR A 227 -22.75 33.98 -13.13
N LEU A 228 -22.80 33.00 -14.05
CA LEU A 228 -21.70 32.06 -14.25
C LEU A 228 -21.48 31.79 -15.73
N LEU A 229 -20.20 31.80 -16.12
CA LEU A 229 -19.79 31.35 -17.44
C LEU A 229 -18.54 30.43 -17.36
N ASP A 230 -18.67 29.22 -17.91
CA ASP A 230 -17.55 28.27 -17.97
C ASP A 230 -17.05 28.08 -19.40
N LEU A 231 -15.83 28.55 -19.67
CA LEU A 231 -15.14 28.34 -20.98
C LEU A 231 -13.84 27.58 -20.85
N SER A 232 -13.66 26.92 -19.70
CA SER A 232 -12.50 26.07 -19.47
C SER A 232 -12.32 25.07 -20.60
N GLY A 233 -11.08 24.67 -20.82
CA GLY A 233 -10.78 23.55 -21.72
C GLY A 233 -10.94 23.85 -23.20
N ASN A 234 -11.03 25.13 -23.51
CA ASN A 234 -11.04 25.57 -24.88
C ASN A 234 -9.69 26.18 -25.22
N CYS A 235 -8.97 25.50 -26.13
CA CYS A 235 -7.50 25.60 -26.27
C CYS A 235 -6.85 25.09 -24.99
N PRO A 236 -7.04 23.81 -24.71
CA PRO A 236 -6.41 23.19 -23.54
C PRO A 236 -4.96 23.53 -23.37
N ARG A 237 -4.51 23.49 -22.12
CA ARG A 237 -3.10 23.36 -21.83
C ARG A 237 -2.92 21.85 -21.72
N CYS A 238 -2.42 21.24 -22.80
CA CYS A 238 -2.45 19.77 -22.93
C CYS A 238 -1.29 19.10 -22.27
N PHE A 239 -0.26 19.89 -21.97
CA PHE A 239 0.95 19.34 -21.36
C PHE A 239 0.59 18.49 -20.15
N ASN A 240 1.12 17.26 -20.13
CA ASN A 240 0.83 16.33 -19.04
C ASN A 240 -0.66 16.37 -18.70
N ALA A 241 -1.50 16.18 -19.71
CA ALA A 241 -2.96 16.13 -19.52
C ALA A 241 -3.44 14.66 -19.37
N PRO A 242 -4.15 14.36 -18.26
CA PRO A 242 -4.51 12.97 -18.01
C PRO A 242 -5.40 12.37 -19.10
N PHE A 243 -6.37 13.17 -19.57
CA PHE A 243 -7.36 12.77 -20.59
C PHE A 243 -6.88 13.24 -21.97
N PRO A 244 -7.40 12.65 -23.05
CA PRO A 244 -6.94 13.16 -24.34
C PRO A 244 -7.30 14.63 -24.53
N CYS A 245 -6.53 15.29 -25.39
CA CYS A 245 -6.38 16.71 -25.32
C CYS A 245 -5.77 17.20 -26.64
N VAL A 246 -6.51 18.02 -27.36
CA VAL A 246 -6.10 18.50 -28.65
C VAL A 246 -5.93 19.98 -28.46
N PRO A 247 -4.68 20.45 -28.35
CA PRO A 247 -4.53 21.87 -28.10
C PRO A 247 -4.94 22.65 -29.33
N CYS A 248 -4.90 23.97 -29.23
CA CYS A 248 -5.35 24.81 -30.32
C CYS A 248 -4.37 24.89 -31.52
N ASP A 249 -3.09 24.58 -31.31
CA ASP A 249 -2.05 24.64 -32.38
C ASP A 249 -1.50 26.08 -32.60
N GLY A 250 -0.18 26.19 -32.64
CA GLY A 250 0.50 27.46 -32.33
C GLY A 250 0.51 27.68 -30.81
N GLY A 251 0.05 26.68 -30.05
CA GLY A 251 -0.19 26.79 -28.59
C GLY A 251 -0.95 28.04 -28.18
N ALA A 252 -1.88 28.44 -29.04
CA ALA A 252 -2.58 29.70 -28.88
C ALA A 252 -3.60 29.55 -27.76
N SER A 253 -3.87 30.66 -27.10
CA SER A 253 -4.87 30.72 -26.06
C SER A 253 -6.24 30.72 -26.72
N ILE A 254 -7.31 30.53 -25.95
CA ILE A 254 -8.62 30.96 -26.43
C ILE A 254 -8.40 32.38 -26.88
N ASN A 255 -9.31 32.81 -27.74
CA ASN A 255 -9.28 34.10 -28.35
C ASN A 255 -10.60 34.81 -28.02
N ILE A 256 -10.57 35.68 -27.02
CA ILE A 256 -11.78 36.38 -26.58
C ILE A 256 -11.67 37.83 -26.97
N ASP A 257 -12.63 38.27 -27.76
CA ASP A 257 -12.69 39.63 -28.27
C ASP A 257 -12.79 40.61 -27.09
N ARG A 258 -12.30 41.82 -27.29
CA ARG A 258 -12.17 42.79 -26.21
C ARG A 258 -13.50 42.97 -25.49
N PHE A 259 -14.53 43.38 -26.20
CA PHE A 259 -15.80 43.75 -25.57
C PHE A 259 -16.77 42.57 -25.40
N ALA A 260 -16.23 41.34 -25.33
CA ALA A 260 -17.02 40.11 -25.40
C ALA A 260 -17.83 39.78 -24.15
N PHE A 261 -17.46 40.42 -23.03
CA PHE A 261 -18.16 40.30 -21.75
C PHE A 261 -18.71 41.64 -21.25
N GLN A 262 -19.00 42.56 -22.17
CA GLN A 262 -19.31 43.94 -21.74
C GLN A 262 -20.70 44.11 -21.14
N ASN A 263 -21.67 43.30 -21.59
CA ASN A 263 -23.05 43.38 -21.09
C ASN A 263 -23.34 42.22 -20.13
N LEU A 264 -22.28 41.61 -19.60
CA LEU A 264 -22.34 40.53 -18.61
C LEU A 264 -22.17 41.08 -17.21
N THR A 265 -22.98 42.04 -16.79
CA THR A 265 -22.65 42.83 -15.60
C THR A 265 -23.01 42.19 -14.28
N GLN A 266 -23.48 40.95 -14.36
CA GLN A 266 -23.86 40.18 -13.18
C GLN A 266 -22.89 39.02 -12.92
N LEU A 267 -21.84 38.90 -13.72
CA LEU A 267 -21.07 37.67 -13.70
C LEU A 267 -20.43 37.56 -12.35
N ARG A 268 -20.60 36.40 -11.71
CA ARG A 268 -20.03 36.10 -10.39
C ARG A 268 -18.95 35.04 -10.44
N TYR A 269 -19.05 34.11 -11.39
CA TYR A 269 -18.13 32.98 -11.46
C TYR A 269 -17.61 32.92 -12.92
N LEU A 270 -16.28 32.97 -13.12
CA LEU A 270 -15.69 32.86 -14.45
C LEU A 270 -14.58 31.84 -14.41
N ASN A 271 -14.68 30.84 -15.27
CA ASN A 271 -13.79 29.71 -15.24
C ASN A 271 -13.14 29.67 -16.58
N LEU A 272 -11.87 30.07 -16.60
CA LEU A 272 -11.06 30.10 -17.81
C LEU A 272 -9.88 29.15 -17.70
N SER A 273 -9.93 28.22 -16.75
CA SER A 273 -8.86 27.23 -16.61
C SER A 273 -8.58 26.56 -17.95
N SER A 274 -7.31 26.22 -18.18
CA SER A 274 -6.93 25.39 -19.31
C SER A 274 -7.47 25.95 -20.60
N THR A 275 -7.20 27.23 -20.82
CA THR A 275 -7.41 27.83 -22.11
C THR A 275 -6.13 28.46 -22.67
N SER A 276 -4.97 27.96 -22.25
CA SER A 276 -3.66 28.37 -22.78
C SER A 276 -3.38 29.89 -22.77
N LEU A 277 -4.03 30.62 -21.87
CA LEU A 277 -3.83 32.04 -21.74
C LEU A 277 -2.42 32.43 -21.31
N ARG A 278 -1.79 33.32 -22.08
CA ARG A 278 -0.57 34.03 -21.65
C ARG A 278 -0.88 35.43 -21.14
N LYS A 279 -2.00 35.99 -21.62
CA LYS A 279 -2.35 37.41 -21.44
C LYS A 279 -3.80 37.54 -21.08
N ILE A 280 -4.08 38.41 -20.12
CA ILE A 280 -5.41 38.57 -19.59
C ILE A 280 -5.81 40.02 -19.79
N ASN A 281 -6.78 40.24 -20.66
CA ASN A 281 -7.25 41.58 -20.99
C ASN A 281 -8.13 42.21 -19.91
N ALA A 282 -7.64 43.27 -19.29
CA ALA A 282 -8.37 43.93 -18.20
C ALA A 282 -9.67 44.56 -18.67
N ALA A 283 -9.80 44.71 -19.99
CA ALA A 283 -11.05 45.13 -20.63
C ALA A 283 -12.20 44.18 -20.29
N TRP A 284 -11.88 42.90 -20.25
CA TRP A 284 -12.88 41.85 -20.03
C TRP A 284 -13.69 42.04 -18.75
N PHE A 285 -13.11 42.73 -17.76
CA PHE A 285 -13.72 42.93 -16.45
C PHE A 285 -14.25 44.34 -16.24
N LYS A 286 -14.09 45.21 -17.23
CA LYS A 286 -14.55 46.61 -17.16
C LYS A 286 -16.00 46.73 -16.67
N ASN A 287 -16.85 45.78 -17.03
CA ASN A 287 -18.25 45.81 -16.65
C ASN A 287 -18.68 44.61 -15.83
N MET A 288 -17.84 44.23 -14.88
CA MET A 288 -18.04 42.99 -14.16
C MET A 288 -17.77 43.22 -12.67
N PRO A 289 -18.32 44.33 -12.13
CA PRO A 289 -18.02 44.79 -10.78
C PRO A 289 -18.29 43.77 -9.64
N HIS A 290 -18.86 42.60 -9.94
CA HIS A 290 -19.18 41.64 -8.89
C HIS A 290 -18.44 40.30 -9.00
N LEU A 291 -17.41 40.20 -9.82
CA LEU A 291 -16.83 38.91 -10.07
C LEU A 291 -16.30 38.39 -8.75
N LYS A 292 -16.73 37.17 -8.42
CA LYS A 292 -16.52 36.59 -7.09
C LYS A 292 -15.43 35.52 -7.06
N VAL A 293 -15.31 34.78 -8.15
CA VAL A 293 -14.49 33.60 -8.21
C VAL A 293 -13.99 33.48 -9.61
N LEU A 294 -12.68 33.36 -9.75
CA LEU A 294 -12.04 33.36 -11.05
C LEU A 294 -11.12 32.16 -11.10
N ASP A 295 -11.41 31.20 -11.96
CA ASP A 295 -10.54 30.03 -12.14
C ASP A 295 -9.53 30.28 -13.31
N LEU A 296 -8.23 30.31 -13.02
CA LEU A 296 -7.23 30.46 -14.06
C LEU A 296 -6.19 29.34 -14.11
N GLU A 297 -6.51 28.21 -13.48
CA GLU A 297 -5.63 27.04 -13.50
C GLU A 297 -5.25 26.58 -14.89
N PHE A 298 -4.10 25.94 -14.96
CA PHE A 298 -3.70 25.22 -16.15
C PHE A 298 -3.60 26.17 -17.35
N ASN A 299 -2.99 27.33 -17.10
CA ASN A 299 -2.69 28.31 -18.13
C ASN A 299 -1.18 28.63 -18.11
N TYR A 300 -0.76 29.66 -18.85
CA TYR A 300 0.64 30.10 -18.87
C TYR A 300 0.75 31.54 -18.38
N LEU A 301 0.33 31.80 -17.14
CA LEU A 301 0.21 33.17 -16.67
C LEU A 301 1.26 33.59 -15.65
N VAL A 302 2.37 32.88 -15.59
CA VAL A 302 3.48 33.29 -14.73
C VAL A 302 3.80 34.76 -14.93
N GLY A 303 3.91 35.14 -16.21
CA GLY A 303 4.11 36.54 -16.60
C GLY A 303 3.07 37.49 -16.04
N GLU A 304 1.81 37.16 -16.28
CA GLU A 304 0.71 38.00 -15.88
C GLU A 304 0.60 38.13 -14.36
N ILE A 305 0.96 37.07 -13.65
CA ILE A 305 1.03 37.13 -12.21
C ILE A 305 2.10 38.12 -11.75
N ALA A 306 3.18 38.23 -12.53
CA ALA A 306 4.26 39.15 -12.15
C ALA A 306 3.83 40.61 -12.29
N SER A 307 3.05 40.92 -13.30
CA SER A 307 2.57 42.30 -13.53
C SER A 307 1.07 42.44 -13.21
N GLY A 308 0.21 41.89 -14.06
CA GLY A 308 -1.22 41.78 -13.75
C GLY A 308 -2.03 43.07 -13.67
N ALA A 309 -2.26 43.69 -14.82
CA ALA A 309 -3.09 44.88 -14.88
C ALA A 309 -4.50 44.55 -14.38
N PHE A 310 -5.01 43.40 -14.84
CA PHE A 310 -6.34 42.91 -14.48
C PHE A 310 -6.61 42.85 -12.98
N LEU A 311 -5.59 42.63 -12.16
CA LEU A 311 -5.81 42.61 -10.72
C LEU A 311 -6.47 43.90 -10.20
N THR A 312 -6.28 45.02 -10.91
CA THR A 312 -6.87 46.29 -10.47
C THR A 312 -8.39 46.31 -10.73
N MET A 313 -8.85 45.42 -11.63
CA MET A 313 -10.28 45.32 -12.02
C MET A 313 -11.21 44.42 -11.18
N LEU A 314 -10.81 44.00 -9.97
CA LEU A 314 -11.51 42.90 -9.28
C LEU A 314 -11.62 43.11 -7.77
N PRO A 315 -12.12 44.28 -7.34
CA PRO A 315 -12.13 44.54 -5.89
C PRO A 315 -13.11 43.69 -5.08
N ARG A 316 -13.92 42.86 -5.74
CA ARG A 316 -14.88 42.00 -5.05
C ARG A 316 -14.57 40.51 -5.16
N LEU A 317 -13.44 40.21 -5.81
CA LEU A 317 -13.05 38.84 -6.08
C LEU A 317 -12.75 38.19 -4.76
N GLU A 318 -13.31 37.01 -4.58
CA GLU A 318 -13.21 36.33 -3.32
C GLU A 318 -12.33 35.10 -3.42
N ILE A 319 -12.26 34.47 -4.59
CA ILE A 319 -11.49 33.26 -4.79
C ILE A 319 -10.79 33.32 -6.13
N LEU A 320 -9.47 33.21 -6.07
CA LEU A 320 -8.63 33.27 -7.21
C LEU A 320 -7.75 32.02 -7.24
N ASP A 321 -7.93 31.21 -8.28
CA ASP A 321 -7.09 30.08 -8.57
C ASP A 321 -6.17 30.34 -9.78
N LEU A 322 -4.87 30.39 -9.50
CA LEU A 322 -3.82 30.46 -10.53
C LEU A 322 -2.94 29.21 -10.52
N SER A 323 -3.53 28.07 -10.23
CA SER A 323 -2.77 26.85 -10.09
C SER A 323 -2.32 26.26 -11.41
N PHE A 324 -1.15 25.63 -11.36
CA PHE A 324 -0.62 24.87 -12.47
C PHE A 324 -0.42 25.73 -13.72
N ASN A 325 0.34 26.82 -13.55
CA ASN A 325 0.84 27.61 -14.68
C ASN A 325 2.34 27.61 -14.64
N TYR A 326 2.91 26.55 -14.11
CA TYR A 326 4.35 26.43 -14.07
C TYR A 326 4.86 26.41 -15.50
N ILE A 327 6.10 26.88 -15.68
CA ILE A 327 6.76 26.85 -17.00
C ILE A 327 7.60 25.57 -17.11
N LYS A 328 7.32 24.78 -18.14
CA LYS A 328 8.03 23.54 -18.31
C LYS A 328 9.53 23.84 -18.33
N GLY A 329 10.30 22.88 -17.83
CA GLY A 329 11.75 22.92 -17.89
C GLY A 329 12.40 23.82 -16.86
N SER A 330 11.61 24.46 -16.01
CA SER A 330 12.10 25.57 -15.20
C SER A 330 11.80 25.40 -13.69
N TYR A 331 12.64 25.97 -12.86
CA TYR A 331 12.52 25.82 -11.42
C TYR A 331 13.20 27.03 -10.80
N PRO A 332 12.53 28.22 -10.90
CA PRO A 332 13.08 29.53 -10.51
C PRO A 332 13.33 29.69 -9.02
N GLN A 333 14.17 30.64 -8.67
CA GLN A 333 14.55 30.81 -7.28
C GLN A 333 13.35 31.37 -6.51
N HIS A 334 12.73 32.43 -7.04
CA HIS A 334 11.69 33.17 -6.32
C HIS A 334 10.42 33.25 -7.11
N ILE A 335 9.33 33.44 -6.40
CA ILE A 335 8.06 33.69 -7.05
C ILE A 335 7.96 35.20 -7.29
N ASN A 336 7.30 35.61 -8.37
CA ASN A 336 7.09 37.04 -8.64
C ASN A 336 5.62 37.52 -8.54
N ILE A 337 5.31 38.18 -7.43
CA ILE A 337 3.96 38.62 -7.14
C ILE A 337 3.79 40.11 -7.36
N SER A 338 3.05 40.48 -8.40
CA SER A 338 2.70 41.87 -8.62
C SER A 338 2.29 42.61 -7.36
N ARG A 339 2.59 43.90 -7.35
CA ARG A 339 2.03 44.83 -6.37
C ARG A 339 0.47 44.83 -6.42
N ASN A 340 -0.09 44.67 -7.61
CA ASN A 340 -1.54 44.75 -7.81
C ASN A 340 -2.39 43.72 -7.03
N PHE A 341 -1.81 42.59 -6.60
CA PHE A 341 -2.56 41.67 -5.74
C PHE A 341 -3.21 42.38 -4.53
N SER A 342 -2.67 43.51 -4.11
CA SER A 342 -3.24 44.29 -2.99
C SER A 342 -4.51 45.06 -3.32
N LYS A 343 -4.85 45.16 -4.61
CA LYS A 343 -6.16 45.68 -5.03
C LYS A 343 -7.30 44.64 -4.92
N LEU A 344 -6.96 43.40 -4.58
CA LEU A 344 -7.92 42.32 -4.37
C LEU A 344 -8.50 42.40 -2.95
N LEU A 345 -9.31 43.43 -2.72
CA LEU A 345 -9.73 43.77 -1.38
C LEU A 345 -10.54 42.68 -0.74
N SER A 346 -11.35 42.01 -1.55
CA SER A 346 -12.31 41.04 -1.05
C SER A 346 -11.80 39.61 -1.02
N LEU A 347 -10.51 39.41 -1.30
CA LEU A 347 -9.94 38.06 -1.46
C LEU A 347 -9.96 37.26 -0.18
N ARG A 348 -10.39 36.02 -0.31
CA ARG A 348 -10.50 35.09 0.78
C ARG A 348 -9.60 33.84 0.62
N ALA A 349 -9.38 33.41 -0.60
CA ALA A 349 -8.62 32.21 -0.83
C ALA A 349 -7.80 32.44 -2.08
N LEU A 350 -6.48 32.32 -1.93
CA LEU A 350 -5.59 32.37 -3.07
C LEU A 350 -4.93 31.01 -3.30
N HIS A 351 -5.17 30.43 -4.47
CA HIS A 351 -4.76 29.08 -4.78
C HIS A 351 -3.64 29.17 -5.76
N LEU A 352 -2.43 28.93 -5.28
CA LEU A 352 -1.25 29.06 -6.07
C LEU A 352 -0.51 27.74 -6.09
N ARG A 353 -1.24 26.68 -6.43
CA ARG A 353 -0.62 25.35 -6.51
C ARG A 353 0.24 25.24 -7.76
N GLY A 354 1.36 24.53 -7.64
CA GLY A 354 2.15 24.13 -8.81
C GLY A 354 2.59 25.25 -9.72
N TYR A 355 3.19 26.27 -9.12
CA TYR A 355 3.83 27.37 -9.87
C TYR A 355 5.28 27.01 -10.03
N VAL A 356 5.85 26.50 -8.91
CA VAL A 356 7.13 25.77 -8.85
C VAL A 356 8.25 26.76 -8.64
N PHE A 357 8.74 26.83 -7.41
CA PHE A 357 9.80 27.79 -7.11
C PHE A 357 10.46 27.45 -5.79
N GLN A 358 11.66 28.01 -5.60
CA GLN A 358 12.57 27.51 -4.57
C GLN A 358 12.56 28.19 -3.24
N GLU A 359 12.74 29.51 -3.25
CA GLU A 359 12.72 30.30 -2.03
C GLU A 359 11.47 31.16 -2.05
N LEU A 360 10.84 31.33 -0.89
CA LEU A 360 9.78 32.33 -0.70
C LEU A 360 10.15 33.26 0.45
N ARG A 361 10.10 34.57 0.18
CA ARG A 361 10.57 35.63 1.11
C ARG A 361 9.47 36.51 1.66
N GLU A 362 9.72 37.10 2.81
CA GLU A 362 8.82 38.08 3.41
C GLU A 362 8.24 38.93 2.30
N ASP A 363 9.14 39.62 1.61
CA ASP A 363 8.82 40.69 0.68
C ASP A 363 7.94 40.25 -0.49
N ASP A 364 8.08 38.98 -0.90
CA ASP A 364 7.33 38.41 -2.03
C ASP A 364 5.81 38.48 -1.82
N PHE A 365 5.40 38.38 -0.56
CA PHE A 365 4.00 38.36 -0.15
C PHE A 365 3.53 39.63 0.56
N GLN A 366 4.29 40.71 0.42
CA GLN A 366 3.88 42.02 0.95
C GLN A 366 2.49 42.39 0.40
N PRO A 367 2.26 42.20 -0.90
CA PRO A 367 0.92 42.53 -1.42
C PRO A 367 -0.24 41.90 -0.68
N LEU A 368 -0.10 40.64 -0.26
CA LEU A 368 -1.21 39.89 0.33
C LEU A 368 -1.42 40.25 1.79
N MET A 369 -0.39 40.81 2.41
CA MET A 369 -0.45 41.15 3.82
C MET A 369 -1.47 42.22 4.13
N GLN A 370 -1.88 42.99 3.12
CA GLN A 370 -2.89 44.02 3.34
C GLN A 370 -4.35 43.55 3.16
N LEU A 371 -4.56 42.49 2.39
CA LEU A 371 -5.89 42.00 2.13
C LEU A 371 -6.59 41.56 3.43
N PRO A 372 -7.63 42.27 3.90
CA PRO A 372 -8.22 41.99 5.23
C PRO A 372 -8.85 40.63 5.47
N ASN A 373 -9.48 40.05 4.44
CA ASN A 373 -10.25 38.81 4.58
C ASN A 373 -9.59 37.59 4.01
N LEU A 374 -8.31 37.68 3.71
CA LEU A 374 -7.63 36.56 3.08
C LEU A 374 -7.38 35.47 4.12
N SER A 375 -8.15 34.38 4.05
CA SER A 375 -7.97 33.35 5.06
C SER A 375 -7.28 32.06 4.60
N THR A 376 -7.25 31.79 3.31
CA THR A 376 -6.59 30.63 2.77
C THR A 376 -5.57 31.03 1.76
N ILE A 377 -4.33 30.62 2.01
CA ILE A 377 -3.25 30.63 1.03
C ILE A 377 -2.89 29.18 0.78
N ASN A 378 -2.91 28.80 -0.50
CA ASN A 378 -2.66 27.46 -0.94
C ASN A 378 -1.39 27.42 -1.75
N LEU A 379 -0.31 27.00 -1.14
CA LEU A 379 0.94 26.84 -1.83
C LEU A 379 1.28 25.36 -2.02
N GLY A 380 0.28 24.52 -2.13
CA GLY A 380 0.54 23.15 -2.51
C GLY A 380 1.47 22.94 -3.70
N ILE A 381 2.32 21.92 -3.57
CA ILE A 381 3.09 21.34 -4.67
C ILE A 381 3.83 22.36 -5.54
N ASN A 382 4.66 23.15 -4.88
CA ASN A 382 5.63 24.05 -5.52
C ASN A 382 7.10 23.61 -5.27
N PHE A 383 7.29 22.50 -4.57
CA PHE A 383 8.63 21.99 -4.34
C PHE A 383 9.57 23.06 -3.76
N ILE A 384 9.02 23.96 -2.94
CA ILE A 384 9.76 25.04 -2.29
C ILE A 384 10.70 24.53 -1.23
N LYS A 385 11.94 25.01 -1.26
CA LYS A 385 13.02 24.62 -0.35
C LYS A 385 13.07 25.41 0.95
N GLN A 386 13.02 26.74 0.84
CA GLN A 386 13.11 27.65 1.98
C GLN A 386 11.88 28.55 1.97
N ILE A 387 11.28 28.71 3.15
CA ILE A 387 10.22 29.70 3.37
C ILE A 387 10.54 30.62 4.54
N ASP A 388 10.23 31.90 4.39
CA ASP A 388 10.45 32.84 5.47
C ASP A 388 9.23 32.91 6.37
N PHE A 389 9.12 31.94 7.29
CA PHE A 389 7.87 31.67 8.01
C PHE A 389 7.29 32.83 8.86
N LYS A 390 8.14 33.77 9.27
CA LYS A 390 7.67 34.96 10.01
C LYS A 390 6.64 35.74 9.19
N LEU A 391 6.73 35.67 7.86
CA LEU A 391 5.80 36.40 7.01
C LEU A 391 4.33 36.10 7.27
N PHE A 392 4.01 34.88 7.71
CA PHE A 392 2.62 34.50 7.98
C PHE A 392 2.10 35.09 9.30
N GLN A 393 2.99 35.58 10.13
CA GLN A 393 2.55 36.34 11.30
C GLN A 393 1.83 37.62 10.88
N ASN A 394 2.16 38.15 9.70
CA ASN A 394 1.68 39.45 9.24
C ASN A 394 0.38 39.42 8.46
N PHE A 395 -0.60 38.64 8.91
CA PHE A 395 -1.87 38.55 8.21
C PHE A 395 -2.94 38.50 9.28
N SER A 396 -3.92 39.39 9.25
CA SER A 396 -4.94 39.40 10.33
C SER A 396 -5.86 38.17 10.37
N ASN A 397 -6.09 37.50 9.23
CA ASN A 397 -7.09 36.43 9.15
C ASN A 397 -6.63 35.11 8.54
N LEU A 398 -5.34 34.78 8.54
CA LEU A 398 -4.95 33.44 8.00
C LEU A 398 -5.56 32.41 8.90
N GLU A 399 -6.32 31.50 8.28
CA GLU A 399 -6.84 30.32 8.96
C GLU A 399 -6.22 29.00 8.42
N ILE A 400 -5.72 29.00 7.19
CA ILE A 400 -5.31 27.80 6.52
C ILE A 400 -4.05 28.11 5.70
N ILE A 401 -2.92 27.53 6.10
CA ILE A 401 -1.67 27.72 5.38
C ILE A 401 -1.33 26.35 4.89
N TYR A 402 -1.48 26.11 3.59
CA TYR A 402 -1.40 24.75 3.07
C TYR A 402 -0.15 24.64 2.23
N LEU A 403 0.85 23.96 2.80
CA LEU A 403 2.18 23.84 2.18
C LEU A 403 2.54 22.39 1.83
N SER A 404 1.56 21.54 1.55
CA SER A 404 1.88 20.16 1.23
C SER A 404 2.71 20.10 -0.04
N GLU A 405 3.53 19.06 -0.14
CA GLU A 405 4.34 18.77 -1.33
C GLU A 405 5.27 19.90 -1.69
N ASN A 406 5.98 20.38 -0.65
CA ASN A 406 7.13 21.23 -0.83
C ASN A 406 8.34 20.52 -0.27
N ARG A 407 9.48 21.17 -0.27
CA ARG A 407 10.74 20.56 0.21
C ARG A 407 11.36 21.35 1.37
N ILE A 408 10.54 21.64 2.37
CA ILE A 408 11.04 22.23 3.58
C ILE A 408 11.94 21.20 4.28
N SER A 409 13.15 21.62 4.64
CA SER A 409 14.09 20.76 5.30
C SER A 409 14.03 21.06 6.77
N PRO A 410 14.78 20.30 7.58
CA PRO A 410 14.85 20.68 8.98
C PRO A 410 15.64 21.95 9.11
N LEU A 411 15.34 22.68 10.18
CA LEU A 411 15.87 24.03 10.44
C LEU A 411 16.80 24.06 11.63
N VAL A 412 18.03 24.46 11.38
CA VAL A 412 19.07 24.52 12.39
C VAL A 412 19.58 25.95 12.50
N ASP A 440 -16.72 10.89 -12.91
CA ASP A 440 -17.92 11.63 -12.58
C ASP A 440 -17.88 13.02 -13.21
N PRO A 441 -18.88 13.36 -14.03
CA PRO A 441 -18.90 14.65 -14.70
C PRO A 441 -19.65 15.76 -13.96
N HIS A 442 -20.13 15.50 -12.75
CA HIS A 442 -20.82 16.51 -11.95
C HIS A 442 -19.85 17.07 -10.92
N SER A 443 -18.56 16.87 -11.19
CA SER A 443 -17.50 17.36 -10.34
C SER A 443 -16.66 18.40 -11.09
N ASN A 444 -16.35 19.48 -10.37
CA ASN A 444 -15.37 20.42 -10.80
C ASN A 444 -14.22 19.59 -11.33
N PHE A 445 -13.92 19.77 -12.61
CA PHE A 445 -12.91 19.01 -13.37
C PHE A 445 -11.47 19.55 -13.18
N TYR A 446 -11.32 20.77 -12.66
CA TYR A 446 -10.03 21.51 -12.69
C TYR A 446 -9.52 22.08 -11.36
N HIS A 447 -10.42 22.31 -10.40
CA HIS A 447 -10.03 22.92 -9.14
C HIS A 447 -10.51 22.01 -8.03
N PHE A 448 -9.54 21.51 -7.26
CA PHE A 448 -9.82 20.59 -6.13
C PHE A 448 -10.61 21.31 -5.05
N THR A 449 -11.90 21.00 -5.06
CA THR A 449 -12.91 21.72 -4.31
C THR A 449 -13.07 21.20 -2.86
N ARG A 450 -12.81 19.91 -2.63
CA ARG A 450 -12.81 19.33 -1.27
C ARG A 450 -11.78 20.02 -0.33
N PRO A 451 -11.98 19.91 1.00
CA PRO A 451 -11.20 20.80 1.86
C PRO A 451 -9.72 20.48 1.84
N LEU A 452 -8.89 21.50 1.84
CA LEU A 452 -7.44 21.32 1.89
C LEU A 452 -7.00 20.67 3.15
N ILE A 453 -7.78 20.78 4.22
CA ILE A 453 -7.38 20.31 5.53
C ILE A 453 -8.59 19.82 6.28
N LYS A 454 -8.44 18.68 6.95
CA LYS A 454 -9.58 17.97 7.53
C LYS A 454 -10.33 18.91 8.45
N PRO A 455 -11.60 19.14 8.17
CA PRO A 455 -12.43 19.98 9.02
C PRO A 455 -12.15 19.83 10.51
N GLN A 456 -12.03 18.58 10.96
CA GLN A 456 -11.95 18.31 12.36
C GLN A 456 -10.65 18.91 12.91
N CYS A 457 -9.61 18.96 12.07
CA CYS A 457 -8.37 19.60 12.45
C CYS A 457 -8.48 21.12 12.37
N ALA A 458 -8.93 21.63 11.24
CA ALA A 458 -9.04 23.10 11.10
C ALA A 458 -10.04 23.69 12.11
N ALA A 459 -11.10 22.98 12.44
CA ALA A 459 -12.04 23.40 13.50
C ALA A 459 -11.37 23.93 14.76
N TYR A 460 -10.15 23.48 15.08
CA TYR A 460 -9.50 23.92 16.32
C TYR A 460 -8.87 25.32 16.21
N GLY A 461 -8.66 25.83 15.00
CA GLY A 461 -7.97 27.09 14.79
C GLY A 461 -7.11 27.14 13.56
N LYS A 462 -6.12 28.05 13.58
CA LYS A 462 -5.20 28.22 12.45
C LYS A 462 -4.63 26.85 12.16
N ALA A 463 -4.63 26.47 10.88
CA ALA A 463 -4.10 25.20 10.38
C ALA A 463 -2.86 25.45 9.57
N LEU A 464 -1.94 24.49 9.60
CA LEU A 464 -0.66 24.55 8.86
C LEU A 464 -0.30 23.16 8.36
N ASP A 465 -0.19 23.00 7.05
CA ASP A 465 0.00 21.66 6.52
C ASP A 465 1.32 21.60 5.87
N LEU A 466 2.21 20.80 6.46
CA LEU A 466 3.56 20.53 5.95
C LEU A 466 3.77 19.05 5.60
N SER A 467 2.68 18.32 5.34
CA SER A 467 2.79 16.94 4.90
C SER A 467 3.63 16.83 3.62
N LEU A 468 4.23 15.67 3.35
CA LEU A 468 5.02 15.48 2.10
C LEU A 468 6.02 16.62 1.79
N ASN A 469 6.82 16.98 2.78
CA ASN A 469 7.98 17.85 2.64
C ASN A 469 9.26 17.05 2.94
N SER A 470 10.39 17.70 3.23
CA SER A 470 11.62 17.00 3.60
C SER A 470 12.00 17.19 5.04
N ILE A 471 11.06 17.11 5.94
CA ILE A 471 11.40 17.40 7.33
C ILE A 471 11.77 16.09 8.00
N PHE A 472 13.02 15.64 7.77
CA PHE A 472 13.40 14.27 8.16
C PHE A 472 13.61 14.10 9.67
N PHE A 473 14.02 15.17 10.34
CA PHE A 473 13.93 15.28 11.80
C PHE A 473 13.36 16.67 12.01
N ILE A 474 12.89 16.97 13.21
CA ILE A 474 12.34 18.30 13.53
C ILE A 474 13.47 19.19 14.05
N GLY A 475 13.97 20.09 13.21
CA GLY A 475 15.05 20.99 13.63
C GLY A 475 14.69 21.78 14.90
N PRO A 476 15.69 22.29 15.59
CA PRO A 476 15.34 23.10 16.76
C PRO A 476 14.63 24.45 16.41
N ASN A 477 14.84 24.97 15.20
CA ASN A 477 14.18 26.22 14.76
C ASN A 477 12.97 25.99 13.84
N GLN A 478 12.54 24.74 13.74
CA GLN A 478 11.50 24.38 12.81
C GLN A 478 10.29 25.28 12.86
N PHE A 479 9.87 25.67 14.07
CA PHE A 479 8.62 26.36 14.27
C PHE A 479 8.72 27.73 14.89
N GLU A 480 9.92 28.32 14.90
CA GLU A 480 10.10 29.69 15.36
C GLU A 480 9.42 30.60 14.35
N ASN A 481 8.96 31.75 14.79
CA ASN A 481 8.30 32.71 13.92
C ASN A 481 6.96 32.27 13.33
N LEU A 482 6.48 31.09 13.70
CA LEU A 482 5.12 30.74 13.33
C LEU A 482 4.14 31.53 14.20
N PRO A 483 2.98 31.86 13.63
CA PRO A 483 1.91 32.32 14.48
C PRO A 483 1.43 31.15 15.29
N ASP A 484 0.33 31.35 16.00
CA ASP A 484 -0.16 30.34 16.88
C ASP A 484 -0.97 29.33 16.09
N ILE A 485 -0.43 28.10 15.95
CA ILE A 485 -1.03 27.02 15.17
C ILE A 485 -1.85 26.10 16.08
N ALA A 486 -3.06 25.80 15.67
CA ALA A 486 -3.93 24.94 16.45
C ALA A 486 -3.98 23.57 15.85
N CYS A 487 -3.64 23.48 14.56
CA CYS A 487 -3.81 22.27 13.76
C CYS A 487 -2.59 22.13 12.87
N LEU A 488 -1.93 20.96 12.87
CA LEU A 488 -0.64 20.82 12.22
C LEU A 488 -0.46 19.45 11.56
N ASN A 489 -0.13 19.48 10.26
CA ASN A 489 0.12 18.27 9.52
C ASN A 489 1.62 18.13 9.21
N LEU A 490 2.24 17.09 9.78
CA LEU A 490 3.61 16.70 9.47
C LEU A 490 3.63 15.30 8.82
N SER A 491 2.46 14.85 8.39
CA SER A 491 2.35 13.55 7.78
C SER A 491 3.35 13.37 6.66
N ALA A 492 3.92 12.16 6.58
CA ALA A 492 4.72 11.67 5.43
C ALA A 492 5.93 12.52 5.12
N ASN A 493 6.74 12.73 6.14
CA ASN A 493 7.96 13.48 6.00
C ASN A 493 9.22 12.65 6.25
N SER A 494 9.10 11.32 6.23
CA SER A 494 10.22 10.39 6.53
C SER A 494 10.92 10.88 7.78
N ASN A 495 10.12 11.22 8.79
CA ASN A 495 10.60 11.98 9.96
C ASN A 495 10.88 11.04 11.10
N ALA A 496 12.09 11.07 11.64
CA ALA A 496 12.51 10.09 12.65
C ALA A 496 12.88 10.69 14.00
N GLN A 497 12.18 11.75 14.41
CA GLN A 497 12.48 12.45 15.65
C GLN A 497 12.39 11.59 16.93
N VAL A 498 13.46 11.62 17.72
CA VAL A 498 13.38 11.17 19.10
C VAL A 498 12.78 12.33 19.91
N LEU A 499 11.48 12.19 20.19
CA LEU A 499 10.71 13.24 20.84
C LEU A 499 11.09 13.31 22.30
N SER A 500 11.53 14.49 22.73
CA SER A 500 11.97 14.70 24.09
C SER A 500 11.09 15.66 24.86
N GLY A 501 10.16 16.36 24.21
CA GLY A 501 9.31 17.34 24.89
C GLY A 501 9.67 18.80 24.66
N THR A 502 10.56 19.07 23.70
CA THR A 502 10.99 20.45 23.40
C THR A 502 10.84 20.87 21.93
N GLU A 503 10.24 19.99 21.12
CA GLU A 503 10.25 20.16 19.67
C GLU A 503 9.15 21.11 19.26
N PHE A 504 8.10 21.19 20.08
CA PHE A 504 6.90 22.01 19.75
C PHE A 504 6.68 23.20 20.67
N SER A 505 7.72 23.61 21.39
CA SER A 505 7.62 24.69 22.37
C SER A 505 7.24 26.05 21.73
N ALA A 506 7.78 26.38 20.55
CA ALA A 506 7.42 27.59 19.77
C ALA A 506 5.96 27.69 19.32
N ILE A 507 5.24 26.55 19.31
CA ILE A 507 3.83 26.49 19.01
C ILE A 507 3.18 25.59 20.09
N PRO A 508 3.28 26.05 21.34
CA PRO A 508 2.82 25.20 22.42
C PRO A 508 1.34 24.89 22.41
N HIS A 509 0.54 25.50 21.54
CA HIS A 509 -0.93 25.35 21.64
C HIS A 509 -1.57 24.58 20.51
N VAL A 510 -0.82 23.67 19.90
CA VAL A 510 -1.37 22.78 18.89
C VAL A 510 -2.37 21.86 19.58
N LYS A 511 -3.55 21.70 18.96
CA LYS A 511 -4.66 20.89 19.49
C LYS A 511 -4.83 19.61 18.73
N TYR A 512 -4.50 19.63 17.45
CA TYR A 512 -4.67 18.48 16.53
C TYR A 512 -3.37 18.37 15.81
N LEU A 513 -2.71 17.23 15.99
CA LEU A 513 -1.39 17.00 15.43
C LEU A 513 -1.45 15.75 14.62
N ASP A 514 -1.13 15.86 13.34
CA ASP A 514 -1.08 14.69 12.47
C ASP A 514 0.34 14.35 12.13
N LEU A 515 0.77 13.16 12.62
CA LEU A 515 2.12 12.63 12.44
C LEU A 515 2.16 11.31 11.64
N THR A 516 1.02 10.97 11.04
CA THR A 516 0.91 9.78 10.22
C THR A 516 2.07 9.60 9.24
N ASN A 517 2.49 8.35 9.05
CA ASN A 517 3.50 8.01 8.03
C ASN A 517 4.85 8.62 8.24
N ASN A 518 5.30 8.65 9.47
CA ASN A 518 6.69 8.99 9.71
C ASN A 518 7.36 7.80 10.42
N ARG A 519 8.55 8.01 10.95
CA ARG A 519 9.32 6.95 11.58
C ARG A 519 9.71 7.39 12.97
N LEU A 520 8.73 7.83 13.74
CA LEU A 520 8.99 8.54 14.98
C LEU A 520 9.26 7.61 16.13
N ASP A 521 10.08 8.08 17.08
CA ASP A 521 10.44 7.38 18.32
C ASP A 521 9.94 8.17 19.54
N PHE A 522 8.94 7.62 20.23
CA PHE A 522 8.38 8.25 21.44
C PHE A 522 8.63 7.32 22.64
N ASP A 523 9.90 6.93 22.79
CA ASP A 523 10.36 6.09 23.87
C ASP A 523 10.54 6.96 25.13
N ASN A 524 10.94 8.22 24.96
CA ASN A 524 10.98 9.16 26.10
C ASN A 524 9.54 9.52 26.51
N ALA A 525 9.20 9.40 27.80
CA ALA A 525 7.84 9.67 28.29
C ALA A 525 7.54 11.14 28.41
N SER A 526 8.52 11.99 28.07
CA SER A 526 8.34 13.41 27.90
C SER A 526 7.82 13.78 26.52
N ALA A 527 7.88 12.83 25.58
CA ALA A 527 7.50 13.05 24.19
C ALA A 527 6.19 13.79 24.14
N LEU A 528 6.16 14.84 23.31
CA LEU A 528 4.99 15.69 23.13
C LEU A 528 4.39 16.36 24.41
N THR A 529 5.15 16.48 25.50
CA THR A 529 4.54 17.02 26.73
C THR A 529 4.43 18.53 26.66
N GLU A 530 5.32 19.19 25.94
CA GLU A 530 5.19 20.63 25.71
C GLU A 530 3.83 21.05 25.09
N LEU A 531 3.02 20.07 24.67
CA LEU A 531 1.74 20.36 24.06
C LEU A 531 0.64 19.99 25.03
N SER A 532 0.57 20.71 26.14
CA SER A 532 -0.46 20.40 27.15
C SER A 532 -1.90 20.59 26.70
N ASP A 533 -2.16 21.30 25.59
CA ASP A 533 -3.56 21.50 25.17
C ASP A 533 -3.97 20.49 24.07
N LEU A 534 -3.12 19.53 23.74
CA LEU A 534 -3.38 18.64 22.62
C LEU A 534 -4.61 17.83 22.87
N GLU A 535 -5.48 17.81 21.86
CA GLU A 535 -6.73 17.05 21.93
C GLU A 535 -6.77 15.86 20.98
N VAL A 536 -6.15 15.97 19.80
CA VAL A 536 -6.14 14.87 18.86
C VAL A 536 -4.74 14.55 18.39
N LEU A 537 -4.38 13.26 18.43
CA LEU A 537 -3.09 12.80 17.92
C LEU A 537 -3.26 11.58 16.99
N ASP A 538 -2.69 11.69 15.80
CA ASP A 538 -2.70 10.64 14.82
C ASP A 538 -1.27 10.16 14.54
N LEU A 539 -0.98 8.96 15.03
CA LEU A 539 0.29 8.27 14.73
C LEU A 539 0.05 7.09 13.79
N SER A 540 -1.11 7.06 13.13
CA SER A 540 -1.38 6.06 12.08
C SER A 540 -0.15 5.82 11.21
N TYR A 541 0.10 4.54 10.93
CA TYR A 541 1.18 4.11 10.04
C TYR A 541 2.57 4.54 10.48
N ASN A 542 2.85 4.54 11.78
CA ASN A 542 4.19 4.96 12.24
C ASN A 542 5.03 3.73 12.55
N SER A 543 6.22 3.66 12.02
CA SER A 543 7.10 2.51 12.27
C SER A 543 8.49 3.05 12.62
N HIS A 544 9.52 2.20 12.64
CA HIS A 544 10.90 2.67 12.81
C HIS A 544 11.53 2.76 11.43
N TYR A 545 12.63 3.53 11.29
CA TYR A 545 13.16 3.79 9.94
C TYR A 545 13.71 2.55 9.21
N PHE A 546 13.84 1.44 9.93
CA PHE A 546 14.41 0.24 9.32
C PHE A 546 13.34 -0.69 8.77
N ARG A 547 12.12 -0.58 9.30
CA ARG A 547 11.02 -1.45 8.87
C ARG A 547 11.48 -2.92 8.92
N ILE A 548 12.26 -3.22 9.96
CA ILE A 548 12.62 -4.57 10.36
C ILE A 548 11.66 -4.94 11.49
N ALA A 549 11.14 -6.16 11.46
CA ALA A 549 10.23 -6.63 12.51
C ALA A 549 11.00 -6.80 13.82
N GLY A 550 10.38 -6.33 14.91
CA GLY A 550 10.98 -6.41 16.23
C GLY A 550 11.04 -5.11 17.03
N VAL A 551 10.21 -4.13 16.68
CA VAL A 551 10.27 -2.81 17.30
C VAL A 551 9.42 -2.77 18.56
N THR A 552 9.97 -2.22 19.64
CA THR A 552 9.21 -1.94 20.87
C THR A 552 8.66 -0.52 20.89
N HIS A 553 7.76 -0.30 21.85
CA HIS A 553 7.09 0.98 22.02
C HIS A 553 6.92 1.28 23.52
N HIS A 554 7.22 2.52 23.89
CA HIS A 554 6.85 3.02 25.21
C HIS A 554 5.70 4.01 24.98
N LEU A 555 4.61 3.84 25.73
CA LEU A 555 3.42 4.67 25.59
C LEU A 555 3.16 5.40 26.88
N GLU A 556 4.21 5.75 27.58
CA GLU A 556 4.01 6.38 28.87
C GLU A 556 3.72 7.88 28.69
N PHE A 557 4.21 8.47 27.60
CA PHE A 557 3.95 9.88 27.29
C PHE A 557 2.46 10.19 27.31
N ILE A 558 1.65 9.25 26.86
CA ILE A 558 0.20 9.41 26.82
C ILE A 558 -0.39 9.87 28.16
N GLN A 559 -0.05 9.20 29.25
CA GLN A 559 -0.66 9.45 30.58
C GLN A 559 -0.64 10.91 31.00
N ASN A 560 0.40 11.62 30.55
CA ASN A 560 0.61 12.98 30.94
C ASN A 560 -0.52 13.96 30.54
N PHE A 561 -1.15 13.77 29.39
CA PHE A 561 -2.09 14.77 28.86
C PHE A 561 -3.41 14.80 29.58
N THR A 562 -3.83 15.99 30.04
CA THR A 562 -5.06 16.13 30.84
C THR A 562 -6.31 16.43 30.05
N ASN A 563 -6.19 16.78 28.77
CA ASN A 563 -7.37 16.87 27.89
C ASN A 563 -7.20 16.16 26.55
N LEU A 564 -6.29 15.19 26.46
CA LEU A 564 -6.19 14.38 25.22
C LEU A 564 -7.45 13.53 25.01
N LYS A 565 -8.06 13.66 23.83
CA LYS A 565 -9.36 13.02 23.57
C LYS A 565 -9.32 11.88 22.57
N VAL A 566 -8.49 11.98 21.54
CA VAL A 566 -8.43 10.96 20.45
C VAL A 566 -6.99 10.61 20.05
N LEU A 567 -6.63 9.33 20.14
CA LEU A 567 -5.28 8.83 19.80
C LEU A 567 -5.50 7.72 18.81
N ASN A 568 -4.70 7.74 17.76
CA ASN A 568 -4.83 6.78 16.67
C ASN A 568 -3.46 6.15 16.48
N LEU A 569 -3.34 4.92 16.99
CA LEU A 569 -2.15 4.09 16.82
C LEU A 569 -2.34 3.06 15.72
N SER A 570 -3.32 3.25 14.85
CA SER A 570 -3.57 2.28 13.80
C SER A 570 -2.31 1.95 13.01
N HIS A 571 -2.24 0.69 12.58
CA HIS A 571 -1.12 0.16 11.82
C HIS A 571 0.28 0.55 12.32
N ASN A 572 0.46 0.51 13.65
CA ASN A 572 1.75 0.68 14.29
C ASN A 572 2.50 -0.62 14.61
N ASN A 573 1.87 -1.76 14.46
CA ASN A 573 2.53 -3.04 14.69
C ASN A 573 3.13 -3.16 16.08
N ILE A 574 2.28 -2.94 17.06
CA ILE A 574 2.68 -3.00 18.43
C ILE A 574 2.40 -4.41 18.90
N TYR A 575 3.47 -5.10 19.32
CA TYR A 575 3.40 -6.46 19.91
C TYR A 575 3.96 -6.54 21.36
N THR A 576 4.77 -5.54 21.75
CA THR A 576 5.33 -5.42 23.12
C THR A 576 5.57 -3.96 23.52
N LEU A 577 5.12 -3.62 24.73
CA LEU A 577 5.51 -2.37 25.36
C LEU A 577 6.60 -2.63 26.39
N THR A 578 7.47 -1.65 26.59
CA THR A 578 8.61 -1.77 27.52
C THR A 578 8.30 -1.10 28.87
N ASP A 579 8.47 -1.86 29.96
CA ASP A 579 8.51 -1.28 31.33
C ASP A 579 7.12 -0.99 31.93
N LYS A 580 6.37 -0.08 31.32
CA LYS A 580 4.95 0.12 31.68
C LYS A 580 4.12 -0.67 30.68
N TYR A 581 3.27 -1.58 31.17
CA TYR A 581 2.46 -2.45 30.32
C TYR A 581 1.00 -2.01 30.29
N ASN A 582 0.72 -0.82 30.83
CA ASN A 582 -0.59 -0.16 30.77
C ASN A 582 -0.55 1.23 30.15
N LEU A 583 -1.52 1.50 29.28
CA LEU A 583 -1.85 2.84 28.84
C LEU A 583 -2.65 3.45 29.99
N GLU A 584 -2.48 4.74 30.24
CA GLU A 584 -3.27 5.42 31.24
C GLU A 584 -3.66 6.84 30.81
N SER A 585 -4.95 7.15 30.96
CA SER A 585 -5.46 8.49 30.69
C SER A 585 -6.74 8.66 31.45
N LYS A 586 -6.83 9.77 32.17
CA LYS A 586 -8.10 10.19 32.75
C LYS A 586 -8.98 10.93 31.72
N SER A 587 -8.39 11.44 30.64
CA SER A 587 -9.13 12.17 29.59
C SER A 587 -9.58 11.40 28.33
N LEU A 588 -8.88 10.34 27.96
CA LEU A 588 -9.08 9.79 26.62
C LEU A 588 -10.46 9.18 26.41
N VAL A 589 -10.96 9.38 25.20
CA VAL A 589 -12.31 9.04 24.80
C VAL A 589 -12.27 8.06 23.66
N GLU A 590 -11.23 8.12 22.84
CA GLU A 590 -11.16 7.24 21.68
C GLU A 590 -9.75 6.73 21.49
N LEU A 591 -9.63 5.42 21.30
CA LEU A 591 -8.35 4.82 20.94
C LEU A 591 -8.61 3.95 19.76
N VAL A 592 -7.85 4.16 18.71
CA VAL A 592 -7.93 3.34 17.53
C VAL A 592 -6.66 2.54 17.57
N PHE A 593 -6.80 1.25 17.86
CA PHE A 593 -5.65 0.35 18.04
C PHE A 593 -5.49 -0.67 16.91
N SER A 594 -6.16 -0.46 15.80
CA SER A 594 -6.20 -1.42 14.72
C SER A 594 -4.86 -1.59 14.09
N GLY A 595 -4.67 -2.75 13.50
CA GLY A 595 -3.46 -3.02 12.75
C GLY A 595 -2.33 -3.15 13.72
N ASN A 596 -2.59 -3.78 14.86
CA ASN A 596 -1.55 -4.06 15.83
C ASN A 596 -1.60 -5.54 16.23
N ARG A 597 -0.74 -5.93 17.18
CA ARG A 597 -0.59 -7.32 17.55
C ARG A 597 -1.04 -7.52 18.96
N LEU A 598 -2.32 -7.23 19.19
CA LEU A 598 -2.94 -7.64 20.43
C LEU A 598 -2.99 -9.17 20.56
N ASP A 599 -3.03 -9.89 19.43
CA ASP A 599 -3.01 -11.33 19.49
C ASP A 599 -1.77 -11.83 20.24
N ILE A 600 -0.60 -11.24 19.95
CA ILE A 600 0.61 -11.52 20.71
C ILE A 600 0.48 -11.04 22.17
N LEU A 601 0.05 -9.80 22.37
CA LEU A 601 0.05 -9.17 23.70
C LEU A 601 -0.80 -9.93 24.76
N TRP A 602 -1.96 -10.37 24.34
CA TRP A 602 -2.86 -11.13 25.19
C TRP A 602 -2.56 -12.64 25.31
N ASN A 603 -1.71 -13.16 24.41
CA ASN A 603 -1.24 -14.55 24.49
C ASN A 603 0.12 -14.61 25.18
N ASP A 604 0.53 -13.53 25.83
CA ASP A 604 1.72 -13.54 26.67
C ASP A 604 1.52 -14.46 27.87
N ASP A 605 2.16 -15.63 27.83
CA ASP A 605 2.04 -16.66 28.88
C ASP A 605 2.23 -16.19 30.35
N ASP A 606 2.86 -15.02 30.55
CA ASP A 606 3.12 -14.46 31.89
C ASP A 606 2.10 -13.38 32.34
N ASN A 607 1.22 -12.96 31.43
CA ASN A 607 0.01 -12.15 31.74
C ASN A 607 0.19 -10.63 31.91
N ARG A 608 1.21 -10.06 31.25
CA ARG A 608 1.58 -8.67 31.44
C ARG A 608 0.58 -7.66 30.89
N TYR A 609 -0.20 -8.04 29.88
CA TYR A 609 -1.08 -7.08 29.20
C TYR A 609 -2.55 -7.37 29.42
N ILE A 610 -2.85 -7.92 30.58
CA ILE A 610 -4.23 -8.28 30.93
C ILE A 610 -5.02 -6.99 31.23
N SER A 611 -4.30 -5.88 31.38
CA SER A 611 -4.91 -4.61 31.71
C SER A 611 -4.38 -3.40 30.89
N ILE A 612 -3.82 -3.66 29.70
CA ILE A 612 -3.27 -2.60 28.82
C ILE A 612 -4.13 -1.34 28.82
N PHE A 613 -5.44 -1.53 28.69
CA PHE A 613 -6.38 -0.44 28.46
C PHE A 613 -7.16 -0.01 29.69
N LYS A 614 -7.22 -0.84 30.71
CA LYS A 614 -8.10 -0.58 31.86
C LYS A 614 -7.96 0.86 32.39
N GLY A 615 -6.73 1.40 32.37
CA GLY A 615 -6.43 2.70 32.94
C GLY A 615 -6.81 3.92 32.10
N LEU A 616 -7.30 3.65 30.89
CA LEU A 616 -8.00 4.63 30.08
C LEU A 616 -9.44 4.75 30.63
N LYS A 617 -9.59 5.51 31.71
CA LYS A 617 -10.78 5.40 32.57
C LYS A 617 -12.03 6.08 31.99
N ASN A 618 -11.84 7.00 31.03
CA ASN A 618 -13.00 7.63 30.39
C ASN A 618 -13.36 7.13 29.01
N LEU A 619 -12.74 6.04 28.58
CA LEU A 619 -12.86 5.63 27.19
C LEU A 619 -14.29 5.17 26.83
N THR A 620 -14.82 5.65 25.71
CA THR A 620 -16.11 5.17 25.20
C THR A 620 -16.04 4.46 23.85
N ARG A 621 -14.96 4.64 23.09
CA ARG A 621 -14.84 3.99 21.77
C ARG A 621 -13.50 3.34 21.54
N LEU A 622 -13.53 2.04 21.23
CA LEU A 622 -12.28 1.27 21.07
C LEU A 622 -12.31 0.47 19.78
N ASP A 623 -11.31 0.68 18.93
CA ASP A 623 -11.24 -0.02 17.65
C ASP A 623 -10.11 -1.02 17.74
N LEU A 624 -10.47 -2.29 17.89
CA LEU A 624 -9.49 -3.37 17.99
C LEU A 624 -9.46 -4.21 16.73
N SER A 625 -10.10 -3.72 15.68
CA SER A 625 -10.08 -4.37 14.39
C SER A 625 -8.66 -4.69 13.92
N LEU A 626 -8.54 -5.60 12.96
CA LEU A 626 -7.22 -6.02 12.40
C LEU A 626 -6.12 -6.29 13.43
N ASN A 627 -6.43 -7.03 14.49
CA ASN A 627 -5.40 -7.47 15.43
C ASN A 627 -5.23 -8.99 15.47
N ARG A 628 -5.66 -9.67 14.42
CA ARG A 628 -5.38 -11.10 14.25
C ARG A 628 -5.82 -11.97 15.43
N LEU A 629 -6.99 -11.65 15.99
CA LEU A 629 -7.47 -12.27 17.23
C LEU A 629 -8.32 -13.53 17.01
N LYS A 630 -7.77 -14.65 17.48
CA LYS A 630 -8.45 -15.94 17.50
C LYS A 630 -9.40 -16.05 18.71
N HIS A 631 -8.92 -15.65 19.88
CA HIS A 631 -9.80 -15.53 21.04
C HIS A 631 -9.17 -14.57 22.05
N ILE A 632 -9.99 -14.01 22.93
CA ILE A 632 -9.54 -13.03 23.89
C ILE A 632 -9.60 -13.58 25.31
N PRO A 633 -8.45 -13.62 25.99
CA PRO A 633 -8.53 -13.98 27.41
C PRO A 633 -9.70 -13.30 28.11
N ASN A 634 -10.60 -14.11 28.68
CA ASN A 634 -11.76 -13.57 29.42
C ASN A 634 -11.37 -12.47 30.40
N GLU A 635 -10.29 -12.71 31.12
CA GLU A 635 -9.77 -11.77 32.09
C GLU A 635 -9.44 -10.46 31.38
N ALA A 636 -8.81 -10.55 30.21
CA ALA A 636 -8.38 -9.36 29.44
C ALA A 636 -9.56 -8.51 29.01
N PHE A 637 -10.59 -9.20 28.51
CA PHE A 637 -11.81 -8.53 28.07
C PHE A 637 -12.51 -7.82 29.23
N LEU A 638 -12.62 -8.47 30.39
CA LEU A 638 -13.20 -7.81 31.57
C LEU A 638 -12.38 -6.62 32.12
N ASN A 639 -11.13 -6.46 31.69
CA ASN A 639 -10.39 -5.25 32.04
C ASN A 639 -10.55 -4.10 31.05
N LEU A 640 -11.15 -4.38 29.90
CA LEU A 640 -11.48 -3.31 28.99
C LEU A 640 -12.30 -2.31 29.80
N PRO A 641 -12.07 -1.01 29.57
CA PRO A 641 -12.63 -0.03 30.46
C PRO A 641 -14.12 -0.15 30.48
N ALA A 642 -14.69 -0.11 31.67
CA ALA A 642 -16.11 -0.33 31.84
C ALA A 642 -16.88 0.81 31.26
N SER A 643 -16.18 1.90 30.97
CA SER A 643 -16.77 3.13 30.43
C SER A 643 -17.18 3.04 28.98
N LEU A 644 -16.77 1.97 28.30
CA LEU A 644 -17.03 1.83 26.88
C LEU A 644 -18.50 1.91 26.51
N THR A 645 -18.68 2.41 25.31
CA THR A 645 -19.96 2.59 24.65
C THR A 645 -19.98 1.92 23.26
N GLU A 646 -18.81 1.92 22.60
CA GLU A 646 -18.62 1.33 21.29
C GLU A 646 -17.33 0.51 21.30
N LEU A 647 -17.47 -0.75 20.91
CA LEU A 647 -16.36 -1.67 20.84
C LEU A 647 -16.33 -2.29 19.44
N HIS A 648 -15.16 -2.18 18.79
CA HIS A 648 -14.93 -2.77 17.48
C HIS A 648 -13.89 -3.85 17.52
N ILE A 649 -14.33 -5.10 17.30
CA ILE A 649 -13.39 -6.19 17.17
C ILE A 649 -13.55 -6.88 15.82
N ASN A 650 -14.28 -6.24 14.93
CA ASN A 650 -14.41 -6.70 13.56
C ASN A 650 -13.08 -6.99 12.85
N ASP A 651 -13.15 -7.62 11.69
CA ASP A 651 -11.95 -8.09 10.98
C ASP A 651 -10.82 -8.64 11.86
N ASN A 652 -11.16 -9.63 12.67
CA ASN A 652 -10.19 -10.50 13.36
C ASN A 652 -10.55 -11.95 12.99
N MET A 653 -10.06 -12.94 13.76
CA MET A 653 -10.27 -14.36 13.47
C MET A 653 -10.97 -15.04 14.64
N LEU A 654 -11.85 -14.32 15.31
CA LEU A 654 -12.50 -14.84 16.51
C LEU A 654 -13.44 -16.01 16.20
N LYS A 655 -13.23 -17.12 16.91
CA LYS A 655 -14.12 -18.29 16.79
C LYS A 655 -15.00 -18.47 18.03
N PHE A 656 -14.71 -17.69 19.08
CA PHE A 656 -15.39 -17.81 20.35
C PHE A 656 -15.64 -16.40 20.93
N PHE A 657 -16.87 -16.16 21.38
CA PHE A 657 -17.15 -14.96 22.13
C PHE A 657 -18.00 -15.20 23.41
N ASN A 658 -17.44 -14.84 24.57
CA ASN A 658 -18.10 -15.05 25.84
C ASN A 658 -19.16 -13.97 26.14
N TRP A 659 -20.30 -14.09 25.47
CA TRP A 659 -21.43 -13.18 25.66
C TRP A 659 -21.74 -12.87 27.14
N THR A 660 -21.35 -13.74 28.06
CA THR A 660 -21.61 -13.48 29.48
C THR A 660 -20.89 -12.24 29.99
N LEU A 661 -19.72 -11.95 29.40
CA LEU A 661 -18.83 -10.89 29.91
C LEU A 661 -19.38 -9.49 29.70
N LEU A 662 -20.34 -9.36 28.78
CA LEU A 662 -21.02 -8.09 28.54
C LEU A 662 -21.71 -7.52 29.78
N GLN A 663 -21.72 -8.28 30.89
CA GLN A 663 -22.19 -7.77 32.17
C GLN A 663 -21.22 -6.73 32.70
N GLN A 664 -19.93 -6.87 32.42
CA GLN A 664 -18.94 -5.87 32.83
C GLN A 664 -19.21 -4.49 32.21
N PHE A 665 -20.08 -4.43 31.19
CA PHE A 665 -20.21 -3.22 30.39
C PHE A 665 -21.63 -2.67 30.33
N PRO A 666 -22.06 -1.97 31.39
CA PRO A 666 -23.40 -1.43 31.53
C PRO A 666 -23.74 -0.30 30.55
N ARG A 667 -22.74 0.41 30.04
CA ARG A 667 -22.99 1.53 29.12
C ARG A 667 -22.83 1.17 27.63
N LEU A 668 -22.54 -0.10 27.32
CA LEU A 668 -22.19 -0.49 25.94
C LEU A 668 -23.41 -0.49 25.03
N GLU A 669 -23.24 0.11 23.85
CA GLU A 669 -24.34 0.25 22.90
C GLU A 669 -24.05 -0.31 21.52
N LEU A 670 -22.78 -0.28 21.11
CA LEU A 670 -22.39 -0.80 19.80
C LEU A 670 -21.36 -1.90 19.99
N LEU A 671 -21.68 -3.09 19.48
CA LEU A 671 -20.71 -4.19 19.45
C LEU A 671 -20.56 -4.68 18.03
N ASP A 672 -19.31 -4.64 17.56
CA ASP A 672 -19.00 -4.89 16.16
C ASP A 672 -18.04 -6.08 16.05
N LEU A 673 -18.63 -7.22 15.71
CA LEU A 673 -17.93 -8.47 15.63
C LEU A 673 -17.85 -8.97 14.19
N ARG A 674 -18.00 -8.06 13.24
CA ARG A 674 -17.99 -8.42 11.82
C ARG A 674 -16.72 -9.00 11.30
N GLY A 675 -16.84 -9.83 10.27
CA GLY A 675 -15.66 -10.31 9.57
C GLY A 675 -14.76 -11.10 10.50
N ASN A 676 -15.38 -12.06 11.17
CA ASN A 676 -14.68 -12.97 12.05
C ASN A 676 -15.06 -14.39 11.69
N LYS A 677 -14.77 -15.35 12.56
CA LYS A 677 -15.07 -16.78 12.31
C LYS A 677 -16.02 -17.39 13.34
N LEU A 678 -16.93 -16.59 13.86
CA LEU A 678 -17.82 -17.02 14.96
C LEU A 678 -18.88 -18.04 14.53
N LEU A 679 -19.06 -19.07 15.37
CA LEU A 679 -19.96 -20.18 15.07
C LEU A 679 -21.31 -20.14 15.78
N PHE A 680 -21.42 -19.52 16.95
CA PHE A 680 -22.70 -19.51 17.66
C PHE A 680 -23.03 -18.24 18.45
N LEU A 681 -24.27 -18.18 18.94
CA LEU A 681 -24.82 -17.05 19.72
C LEU A 681 -25.41 -17.56 21.02
N THR A 682 -25.34 -16.77 22.10
CA THR A 682 -25.90 -17.22 23.37
C THR A 682 -27.42 -17.17 23.39
N ASP A 683 -28.04 -18.21 23.94
CA ASP A 683 -29.49 -18.42 23.79
C ASP A 683 -30.34 -17.45 24.61
N SER A 684 -29.70 -16.72 25.52
CA SER A 684 -30.34 -15.58 26.16
C SER A 684 -29.31 -14.45 26.34
N LEU A 685 -29.41 -13.43 25.49
CA LEU A 685 -28.58 -12.22 25.57
C LEU A 685 -29.01 -11.25 26.69
N SER A 686 -30.32 -10.97 26.78
CA SER A 686 -30.89 -10.05 27.78
C SER A 686 -30.23 -10.15 29.14
N ASP A 687 -29.92 -11.38 29.54
CA ASP A 687 -29.37 -11.63 30.87
C ASP A 687 -27.98 -11.02 31.05
N PHE A 688 -27.32 -10.69 29.95
CA PHE A 688 -25.94 -10.21 30.01
C PHE A 688 -25.81 -8.70 29.81
N THR A 689 -26.61 -8.13 28.90
CA THR A 689 -26.68 -6.68 28.71
C THR A 689 -28.11 -6.24 28.57
N SER A 690 -28.39 -5.05 29.07
CA SER A 690 -29.62 -4.37 28.76
C SER A 690 -29.31 -3.04 28.09
N SER A 691 -28.06 -2.82 27.66
CA SER A 691 -27.65 -1.55 27.04
C SER A 691 -27.43 -1.65 25.52
N LEU A 692 -27.02 -2.82 25.04
CA LEU A 692 -26.65 -2.97 23.64
C LEU A 692 -27.77 -2.58 22.65
N ARG A 693 -27.42 -1.67 21.73
CA ARG A 693 -28.34 -1.12 20.73
C ARG A 693 -28.09 -1.75 19.39
N THR A 694 -26.81 -1.79 19.00
CA THR A 694 -26.40 -2.30 17.68
C THR A 694 -25.40 -3.42 17.82
N LEU A 695 -25.69 -4.55 17.17
CA LEU A 695 -24.80 -5.69 17.15
C LEU A 695 -24.53 -6.05 15.70
N LEU A 696 -23.25 -6.02 15.30
CA LEU A 696 -22.88 -6.25 13.92
C LEU A 696 -22.11 -7.58 13.78
N LEU A 697 -22.80 -8.57 13.19
CA LEU A 697 -22.25 -9.94 13.07
C LEU A 697 -21.87 -10.33 11.65
N SER A 698 -22.12 -9.45 10.67
CA SER A 698 -21.93 -9.86 9.29
C SER A 698 -20.54 -10.43 9.01
N HIS A 699 -20.49 -11.26 7.96
CA HIS A 699 -19.29 -11.96 7.53
C HIS A 699 -18.72 -12.89 8.60
N ASN A 700 -19.61 -13.76 9.09
CA ASN A 700 -19.26 -14.80 10.05
C ASN A 700 -19.91 -16.15 9.67
N ARG A 701 -19.64 -17.18 10.47
CA ARG A 701 -20.06 -18.54 10.19
C ARG A 701 -21.15 -19.02 11.14
N ILE A 702 -22.24 -18.27 11.21
CA ILE A 702 -23.36 -18.65 12.04
C ILE A 702 -24.48 -19.28 11.23
N SER A 703 -24.80 -20.52 11.60
CA SER A 703 -25.83 -21.32 10.95
C SER A 703 -27.09 -21.55 11.80
N HIS A 704 -27.07 -21.18 13.08
CA HIS A 704 -28.24 -21.34 13.95
C HIS A 704 -28.53 -20.09 14.80
N LEU A 705 -29.79 -19.64 14.81
CA LEU A 705 -30.26 -18.63 15.75
C LEU A 705 -30.87 -19.28 16.98
N PRO A 706 -30.31 -19.01 18.16
CA PRO A 706 -30.86 -19.62 19.37
C PRO A 706 -32.33 -19.30 19.62
N SER A 707 -33.01 -20.22 20.29
CA SER A 707 -34.37 -19.98 20.79
C SER A 707 -34.40 -18.81 21.76
N GLY A 708 -35.40 -17.96 21.61
CA GLY A 708 -35.52 -16.76 22.42
C GLY A 708 -34.24 -15.94 22.41
N PHE A 709 -33.61 -15.85 21.23
CA PHE A 709 -32.46 -14.98 21.07
C PHE A 709 -32.99 -13.56 21.02
N LEU A 710 -33.78 -13.27 19.99
CA LEU A 710 -34.44 -11.97 19.86
C LEU A 710 -35.61 -11.81 20.83
N SER A 711 -36.08 -12.91 21.41
CA SER A 711 -37.13 -12.89 22.43
C SER A 711 -36.52 -13.31 23.77
N GLU A 712 -36.01 -12.37 24.58
CA GLU A 712 -36.11 -10.93 24.34
C GLU A 712 -34.74 -10.24 24.43
N VAL A 713 -34.27 -9.68 23.32
CA VAL A 713 -33.08 -8.81 23.32
C VAL A 713 -33.34 -7.49 24.05
N SER A 714 -34.59 -7.03 23.98
CA SER A 714 -35.07 -5.86 24.73
C SER A 714 -34.54 -4.55 24.15
N SER A 715 -33.26 -4.27 24.37
CA SER A 715 -32.69 -2.94 24.08
C SER A 715 -32.05 -2.86 22.70
N LEU A 716 -32.23 -3.88 21.88
CA LEU A 716 -31.55 -3.99 20.60
C LEU A 716 -32.44 -3.38 19.53
N LYS A 717 -31.84 -2.56 18.68
CA LYS A 717 -32.55 -1.92 17.58
C LYS A 717 -31.97 -2.40 16.25
N HIS A 718 -30.65 -2.47 16.14
CA HIS A 718 -30.02 -2.87 14.88
C HIS A 718 -29.21 -4.15 15.05
N LEU A 719 -29.56 -5.18 14.27
CA LEU A 719 -28.92 -6.48 14.30
C LEU A 719 -28.54 -6.87 12.89
N ASP A 720 -27.25 -7.11 12.66
CA ASP A 720 -26.74 -7.40 11.33
C ASP A 720 -26.17 -8.80 11.27
N LEU A 721 -26.98 -9.72 10.72
CA LEU A 721 -26.62 -11.14 10.56
C LEU A 721 -26.49 -11.47 9.07
N SER A 722 -26.00 -10.52 8.30
CA SER A 722 -25.89 -10.70 6.86
C SER A 722 -24.62 -11.50 6.54
N SER A 723 -24.56 -12.06 5.36
CA SER A 723 -23.42 -12.86 4.95
C SER A 723 -22.93 -13.78 6.08
N ASN A 724 -23.85 -14.59 6.59
CA ASN A 724 -23.56 -15.69 7.48
C ASN A 724 -24.05 -16.99 6.83
N LEU A 725 -24.24 -18.05 7.63
CA LEU A 725 -24.58 -19.36 7.10
C LEU A 725 -25.99 -19.83 7.48
N LEU A 726 -26.87 -18.91 7.81
CA LEU A 726 -28.26 -19.29 8.07
C LEU A 726 -28.86 -19.92 6.80
N LYS A 727 -29.53 -21.05 6.98
CA LYS A 727 -30.37 -21.67 5.94
C LYS A 727 -31.83 -21.28 6.17
N THR A 728 -32.18 -21.07 7.44
CA THR A 728 -33.55 -20.71 7.80
C THR A 728 -33.61 -20.10 9.21
N ILE A 729 -34.83 -19.79 9.67
CA ILE A 729 -35.07 -19.20 11.00
C ILE A 729 -36.33 -19.79 11.68
N ASN A 730 -36.14 -20.35 12.89
CA ASN A 730 -37.24 -20.84 13.72
C ASN A 730 -38.13 -19.68 14.12
N LYS A 731 -39.41 -19.94 14.34
CA LYS A 731 -40.29 -18.93 14.92
C LYS A 731 -39.90 -18.71 16.40
N SER A 732 -39.32 -19.74 17.02
CA SER A 732 -38.81 -19.71 18.39
C SER A 732 -37.67 -18.70 18.63
N ALA A 733 -36.90 -18.38 17.59
CA ALA A 733 -35.80 -17.43 17.72
C ALA A 733 -36.30 -16.00 17.54
N THR A 740 -40.43 -7.17 20.76
CA THR A 740 -39.05 -6.67 20.65
C THR A 740 -39.00 -5.25 20.07
N LYS A 741 -37.97 -4.50 20.45
CA LYS A 741 -37.80 -3.10 20.01
C LYS A 741 -36.88 -2.99 18.78
N LEU A 742 -36.84 -4.05 17.98
CA LEU A 742 -35.95 -4.13 16.84
C LEU A 742 -36.42 -3.17 15.75
N SER A 743 -35.47 -2.60 15.01
CA SER A 743 -35.79 -1.74 13.86
C SER A 743 -34.90 -1.90 12.58
N MET A 744 -33.73 -2.55 12.66
CA MET A 744 -33.09 -3.10 11.44
C MET A 744 -32.53 -4.51 11.65
N LEU A 745 -32.83 -5.38 10.71
CA LEU A 745 -32.34 -6.74 10.71
C LEU A 745 -31.75 -7.02 9.34
N GLU A 746 -30.43 -7.19 9.27
CA GLU A 746 -29.78 -7.41 7.98
C GLU A 746 -29.52 -8.90 7.75
N LEU A 747 -29.90 -9.40 6.55
CA LEU A 747 -29.89 -10.86 6.27
C LEU A 747 -29.41 -11.30 4.87
N HIS A 748 -29.37 -10.38 3.92
CA HIS A 748 -28.71 -10.63 2.65
C HIS A 748 -27.40 -11.44 2.78
N GLY A 749 -27.15 -12.34 1.84
CA GLY A 749 -25.92 -13.15 1.81
C GLY A 749 -25.94 -14.40 2.67
N ASN A 750 -27.12 -14.85 3.07
CA ASN A 750 -27.26 -16.16 3.71
C ASN A 750 -27.78 -17.23 2.75
N PRO A 751 -27.19 -18.44 2.79
CA PRO A 751 -27.61 -19.52 1.89
C PRO A 751 -28.96 -20.13 2.32
N PHE A 752 -30.03 -19.36 2.14
CA PHE A 752 -31.35 -19.71 2.64
C PHE A 752 -31.97 -20.91 1.93
N GLU A 753 -32.46 -21.89 2.70
CA GLU A 753 -33.26 -22.98 2.15
C GLU A 753 -34.68 -22.48 2.01
N CYS A 754 -35.17 -22.39 0.77
CA CYS A 754 -36.51 -21.86 0.50
C CYS A 754 -37.54 -22.97 0.25
N THR A 755 -38.02 -23.57 1.33
CA THR A 755 -39.03 -24.64 1.32
C THR A 755 -40.33 -24.09 1.93
N CYS A 756 -41.13 -24.94 2.59
CA CYS A 756 -42.26 -24.45 3.41
C CYS A 756 -41.82 -24.20 4.86
N ASP A 757 -40.62 -24.67 5.22
CA ASP A 757 -40.04 -24.43 6.55
C ASP A 757 -39.79 -22.98 6.83
N ILE A 758 -39.20 -22.30 5.85
CA ILE A 758 -38.97 -20.85 5.90
C ILE A 758 -40.26 -20.01 6.04
N GLY A 759 -41.38 -20.53 5.53
CA GLY A 759 -42.69 -19.87 5.59
C GLY A 759 -43.05 -19.31 6.96
N ASP A 760 -42.54 -19.94 8.02
CA ASP A 760 -42.56 -19.37 9.37
C ASP A 760 -42.11 -17.92 9.35
N PHE A 761 -40.90 -17.71 8.85
CA PHE A 761 -40.25 -16.41 8.87
C PHE A 761 -41.00 -15.37 8.02
N ARG A 762 -41.38 -15.76 6.81
CA ARG A 762 -42.23 -14.92 5.95
C ARG A 762 -43.40 -14.24 6.70
N ARG A 763 -44.15 -15.03 7.46
CA ARG A 763 -45.30 -14.51 8.19
C ARG A 763 -44.90 -13.78 9.47
N TRP A 764 -43.68 -14.00 9.95
CA TRP A 764 -43.12 -13.16 11.02
C TRP A 764 -42.78 -11.78 10.47
N MET A 765 -42.13 -11.77 9.30
CA MET A 765 -41.84 -10.54 8.58
C MET A 765 -43.12 -9.75 8.37
N ASP A 766 -44.06 -10.31 7.62
CA ASP A 766 -45.31 -9.61 7.31
C ASP A 766 -46.05 -9.06 8.55
N GLU A 767 -45.96 -9.76 9.69
CA GLU A 767 -46.60 -9.33 10.94
C GLU A 767 -45.63 -8.54 11.82
N HIS A 768 -44.69 -7.85 11.20
CA HIS A 768 -43.71 -7.00 11.89
C HIS A 768 -43.12 -5.98 10.89
N LEU A 769 -43.99 -5.17 10.29
CA LEU A 769 -43.58 -4.25 9.23
C LEU A 769 -42.65 -3.15 9.76
N ASN A 770 -42.82 -2.80 11.02
CA ASN A 770 -41.93 -1.91 11.79
C ASN A 770 -40.43 -2.25 11.70
N VAL A 771 -40.11 -3.54 11.62
CA VAL A 771 -38.71 -3.98 11.56
C VAL A 771 -38.19 -3.95 10.14
N LYS A 772 -37.43 -2.91 9.81
CA LYS A 772 -36.86 -2.77 8.48
C LYS A 772 -35.92 -3.95 8.16
N ILE A 773 -36.05 -4.49 6.96
CA ILE A 773 -35.09 -5.45 6.49
C ILE A 773 -34.63 -4.97 5.14
N PRO A 774 -33.42 -4.39 5.11
CA PRO A 774 -32.95 -3.71 3.92
C PRO A 774 -32.57 -4.70 2.87
N ARG A 775 -32.43 -4.25 1.63
CA ARG A 775 -31.64 -4.96 0.66
C ARG A 775 -32.28 -6.31 0.30
N LEU A 776 -33.60 -6.39 0.33
CA LEU A 776 -34.30 -7.67 0.10
C LEU A 776 -33.83 -8.41 -1.13
N VAL A 777 -33.77 -7.71 -2.25
CA VAL A 777 -33.18 -8.26 -3.47
C VAL A 777 -32.07 -9.27 -3.20
N ASP A 778 -31.19 -9.00 -2.23
CA ASP A 778 -30.04 -9.90 -1.96
C ASP A 778 -30.21 -10.90 -0.81
N VAL A 779 -31.46 -11.10 -0.38
CA VAL A 779 -31.82 -12.20 0.52
C VAL A 779 -32.15 -13.40 -0.37
N ILE A 780 -31.12 -14.17 -0.71
CA ILE A 780 -31.16 -15.13 -1.80
C ILE A 780 -31.26 -16.58 -1.35
N CYS A 781 -32.27 -17.28 -1.87
CA CYS A 781 -32.34 -18.74 -1.85
C CYS A 781 -31.12 -19.34 -2.54
N ALA A 782 -30.34 -20.12 -1.81
CA ALA A 782 -29.36 -21.01 -2.44
C ALA A 782 -30.07 -22.30 -2.88
N SER A 783 -31.11 -22.68 -2.14
CA SER A 783 -31.85 -23.91 -2.38
C SER A 783 -33.35 -23.72 -2.14
N PRO A 784 -34.18 -24.60 -2.69
CA PRO A 784 -33.80 -25.60 -3.67
C PRO A 784 -34.09 -25.07 -5.06
N GLY A 785 -33.04 -24.67 -5.80
CA GLY A 785 -33.17 -24.27 -7.21
C GLY A 785 -33.84 -25.47 -7.83
N ASP A 786 -35.06 -25.39 -8.40
CA ASP A 786 -35.83 -24.19 -8.87
C ASP A 786 -35.74 -22.78 -8.23
N GLN A 787 -35.68 -22.69 -6.89
CA GLN A 787 -35.67 -21.39 -6.20
C GLN A 787 -34.37 -20.54 -6.31
N ARG A 788 -33.21 -21.17 -6.13
CA ARG A 788 -31.89 -20.50 -6.18
C ARG A 788 -31.84 -19.18 -6.96
N GLY A 789 -31.38 -18.12 -6.30
CA GLY A 789 -31.25 -16.81 -6.93
C GLY A 789 -32.47 -15.91 -6.74
N LYS A 790 -33.64 -16.49 -6.53
CA LYS A 790 -34.85 -15.71 -6.31
C LYS A 790 -34.90 -15.15 -4.89
N SER A 791 -35.55 -14.00 -4.73
CA SER A 791 -35.67 -13.36 -3.44
C SER A 791 -36.70 -14.10 -2.61
N ILE A 792 -36.42 -14.23 -1.31
CA ILE A 792 -37.28 -15.03 -0.43
C ILE A 792 -38.65 -14.38 -0.19
N VAL A 793 -38.95 -13.29 -0.89
CA VAL A 793 -40.26 -12.66 -0.85
C VAL A 793 -41.14 -13.09 -2.04
N SER A 794 -40.62 -13.95 -2.91
CA SER A 794 -41.37 -14.30 -4.12
C SER A 794 -42.29 -15.52 -3.96
N LEU A 795 -42.00 -16.40 -3.02
CA LEU A 795 -42.73 -17.67 -2.90
C LEU A 795 -44.09 -17.49 -2.20
N GLU A 796 -44.86 -18.59 -2.08
CA GLU A 796 -46.22 -18.57 -1.48
C GLU A 796 -46.35 -19.38 -0.18
N ARG B 10 7.01 -44.83 -0.48
CA ARG B 10 6.67 -43.38 -0.38
C ARG B 10 6.62 -43.00 1.08
N SER B 11 7.74 -42.48 1.58
CA SER B 11 7.84 -42.14 2.99
C SER B 11 6.70 -41.21 3.41
N TYR B 12 6.16 -41.50 4.58
CA TYR B 12 5.21 -40.63 5.26
C TYR B 12 5.69 -40.58 6.70
N PRO B 13 5.58 -39.44 7.38
CA PRO B 13 5.09 -38.17 6.82
C PRO B 13 6.18 -37.34 6.10
N CYS B 14 7.44 -37.74 6.26
CA CYS B 14 8.55 -37.01 5.68
C CYS B 14 8.56 -37.15 4.14
N ASP B 15 8.78 -36.03 3.46
CA ASP B 15 9.17 -36.01 2.06
C ASP B 15 10.66 -36.38 2.02
N GLU B 16 11.03 -37.40 1.24
CA GLU B 16 12.44 -37.84 1.14
C GLU B 16 12.99 -37.65 -0.28
N LYS B 17 14.23 -37.18 -0.37
CA LYS B 17 14.93 -37.06 -1.66
C LYS B 17 16.44 -37.05 -1.46
N LYS B 18 17.16 -37.69 -2.38
CA LYS B 18 18.64 -37.82 -2.30
C LYS B 18 19.28 -36.56 -2.85
N GLN B 19 20.39 -36.15 -2.22
CA GLN B 19 21.26 -35.09 -2.75
C GLN B 19 22.72 -35.56 -2.61
N ASN B 20 23.42 -35.67 -3.74
CA ASN B 20 24.76 -36.29 -3.77
C ASN B 20 24.69 -37.70 -3.17
N ASP B 21 25.83 -38.20 -2.67
CA ASP B 21 25.88 -39.42 -1.85
C ASP B 21 24.83 -39.58 -0.72
N SER B 22 24.42 -38.47 -0.09
CA SER B 22 23.52 -38.50 1.10
C SER B 22 22.04 -38.63 0.75
N VAL B 23 21.16 -38.54 1.77
CA VAL B 23 19.71 -38.46 1.52
C VAL B 23 18.94 -37.71 2.63
N ILE B 24 18.20 -36.70 2.18
CA ILE B 24 17.51 -35.75 3.04
C ILE B 24 16.07 -36.21 3.24
N ALA B 25 15.54 -35.93 4.43
CA ALA B 25 14.12 -36.14 4.76
C ALA B 25 13.51 -34.86 5.33
N GLU B 26 12.99 -33.97 4.45
CA GLU B 26 12.25 -32.78 4.90
C GLU B 26 11.08 -33.24 5.76
N CYS B 27 10.93 -32.67 6.95
CA CYS B 27 9.87 -33.14 7.84
C CYS B 27 9.41 -32.04 8.77
N SER B 28 9.41 -30.83 8.24
CA SER B 28 9.09 -29.66 9.02
C SER B 28 7.65 -29.26 8.74
N ASN B 29 7.17 -28.25 9.46
CA ASN B 29 5.82 -27.70 9.32
C ASN B 29 4.71 -28.71 9.03
N ARG B 30 4.75 -29.89 9.67
CA ARG B 30 3.70 -30.90 9.54
C ARG B 30 2.85 -31.15 10.80
N ARG B 31 2.89 -30.25 11.78
CA ARG B 31 2.07 -30.39 12.99
C ARG B 31 2.31 -31.69 13.76
N LEU B 32 3.52 -32.24 13.66
CA LEU B 32 3.87 -33.51 14.30
C LEU B 32 4.02 -33.33 15.79
N GLN B 33 3.46 -34.27 16.56
CA GLN B 33 3.55 -34.27 18.01
C GLN B 33 4.63 -35.21 18.54
N GLU B 34 5.17 -36.07 17.68
CA GLU B 34 6.26 -36.99 18.07
C GLU B 34 7.13 -37.36 16.87
N VAL B 35 8.27 -37.98 17.16
CA VAL B 35 9.26 -38.32 16.15
C VAL B 35 8.83 -39.59 15.44
N PRO B 36 8.38 -39.48 14.17
CA PRO B 36 7.88 -40.67 13.49
C PRO B 36 8.87 -41.84 13.54
N GLN B 37 8.40 -43.02 13.94
CA GLN B 37 9.16 -44.26 13.72
C GLN B 37 8.97 -44.72 12.28
N THR B 38 8.17 -43.93 11.55
CA THR B 38 7.94 -44.04 10.11
C THR B 38 9.02 -43.35 9.27
N VAL B 39 10.28 -43.77 9.45
CA VAL B 39 11.42 -43.06 8.83
C VAL B 39 12.27 -44.00 7.99
N GLY B 40 12.58 -43.56 6.77
CA GLY B 40 13.42 -44.32 5.85
C GLY B 40 14.76 -44.64 6.47
N LYS B 41 15.06 -45.93 6.58
CA LYS B 41 16.24 -46.43 7.33
C LYS B 41 17.52 -45.76 6.87
N TYR B 42 17.58 -45.43 5.58
CA TYR B 42 18.77 -44.86 4.99
C TYR B 42 19.05 -43.41 5.38
N VAL B 43 18.03 -42.67 5.82
CA VAL B 43 18.13 -41.21 6.02
C VAL B 43 19.30 -40.79 6.90
N THR B 44 20.14 -39.88 6.37
CA THR B 44 21.32 -39.32 7.10
C THR B 44 21.09 -37.89 7.57
N GLU B 45 20.14 -37.18 6.96
CA GLU B 45 19.76 -35.85 7.40
C GLU B 45 18.25 -35.85 7.67
N LEU B 46 17.88 -35.55 8.91
CA LEU B 46 16.49 -35.53 9.32
C LEU B 46 16.11 -34.17 9.85
N ASP B 47 15.23 -33.47 9.14
CA ASP B 47 14.79 -32.14 9.54
C ASP B 47 13.38 -32.23 10.13
N LEU B 48 13.25 -31.91 11.43
CA LEU B 48 11.97 -32.02 12.17
C LEU B 48 11.37 -30.70 12.61
N SER B 49 12.13 -29.63 12.45
CA SER B 49 11.76 -28.28 12.88
C SER B 49 10.32 -27.82 12.64
N ASP B 50 9.97 -26.74 13.35
CA ASP B 50 8.70 -26.01 13.17
C ASP B 50 7.47 -26.89 13.25
N ASN B 51 7.38 -27.62 14.37
CA ASN B 51 6.32 -28.59 14.62
C ASN B 51 5.77 -28.49 16.05
N PHE B 52 5.12 -29.55 16.51
CA PHE B 52 4.48 -29.56 17.83
C PHE B 52 5.04 -30.64 18.76
N ILE B 53 6.36 -30.79 18.79
CA ILE B 53 6.99 -31.85 19.55
C ILE B 53 7.41 -31.39 20.94
N THR B 54 7.23 -32.30 21.89
CA THR B 54 7.48 -32.07 23.32
C THR B 54 8.46 -33.06 23.99
N HIS B 55 8.73 -34.22 23.39
CA HIS B 55 9.58 -35.22 24.05
C HIS B 55 10.60 -35.90 23.13
N ILE B 56 11.81 -36.12 23.65
CA ILE B 56 12.83 -36.90 22.95
C ILE B 56 13.42 -37.96 23.91
N THR B 57 13.37 -39.22 23.46
CA THR B 57 13.70 -40.37 24.28
C THR B 57 14.74 -41.26 23.63
N ASN B 58 15.21 -42.23 24.41
CA ASN B 58 15.88 -43.40 23.87
C ASN B 58 14.80 -44.14 23.10
N GLU B 59 15.04 -44.33 21.80
CA GLU B 59 14.05 -44.85 20.83
C GLU B 59 13.13 -43.75 20.24
N SER B 60 13.48 -42.48 20.44
CA SER B 60 12.96 -41.44 19.54
C SER B 60 13.78 -41.51 18.28
N PHE B 61 15.03 -41.99 18.44
CA PHE B 61 15.90 -42.38 17.33
C PHE B 61 16.53 -43.73 17.69
N GLN B 62 15.85 -44.80 17.27
CA GLN B 62 16.12 -46.17 17.78
C GLN B 62 17.20 -46.87 16.98
N GLY B 63 16.96 -46.97 15.69
CA GLY B 63 17.83 -47.70 14.78
C GLY B 63 18.11 -46.78 13.63
N LEU B 64 18.72 -45.65 13.96
CA LEU B 64 19.04 -44.61 12.99
C LEU B 64 20.53 -44.25 13.02
N GLN B 65 21.36 -45.16 13.53
CA GLN B 65 22.81 -44.93 13.66
C GLN B 65 23.42 -44.32 12.39
N ASN B 66 22.84 -44.59 11.22
CA ASN B 66 23.23 -43.87 9.99
C ASN B 66 22.59 -42.45 9.88
N LEU B 67 22.58 -41.70 10.98
CA LEU B 67 22.17 -40.30 10.99
C LEU B 67 23.34 -39.36 11.29
N THR B 68 23.29 -38.19 10.65
CA THR B 68 24.40 -37.24 10.66
C THR B 68 23.97 -35.81 11.04
N LYS B 69 22.75 -35.44 10.70
CA LYS B 69 22.18 -34.15 11.06
C LYS B 69 20.74 -34.34 11.53
N ILE B 70 20.40 -33.66 12.63
CA ILE B 70 19.05 -33.67 13.20
C ILE B 70 18.69 -32.24 13.54
N ASN B 71 17.65 -31.69 12.90
CA ASN B 71 17.16 -30.36 13.28
C ASN B 71 15.84 -30.41 14.04
N LEU B 72 15.82 -29.86 15.26
CA LEU B 72 14.63 -29.87 16.11
C LEU B 72 14.27 -28.44 16.53
N ASN B 73 14.57 -27.49 15.68
CA ASN B 73 14.34 -26.09 15.99
C ASN B 73 12.84 -25.79 16.11
N HIS B 74 12.50 -24.75 16.87
CA HIS B 74 11.11 -24.26 17.00
C HIS B 74 10.08 -25.35 17.38
N ASN B 75 10.40 -26.15 18.39
CA ASN B 75 9.49 -27.16 18.94
C ASN B 75 9.33 -26.95 20.45
N PRO B 76 8.11 -26.86 20.94
CA PRO B 76 6.87 -27.11 20.20
C PRO B 76 6.41 -25.94 19.33
N GLY B 91 8.10 -26.41 27.63
CA GLY B 91 9.28 -26.53 26.77
C GLY B 91 9.62 -27.93 26.25
N LEU B 92 10.65 -28.02 25.42
CA LEU B 92 11.05 -29.32 24.89
C LEU B 92 11.82 -30.09 25.95
N ASN B 93 11.56 -31.40 25.98
CA ASN B 93 12.01 -32.30 27.04
C ASN B 93 12.92 -33.37 26.44
N ILE B 94 14.17 -33.40 26.86
CA ILE B 94 15.12 -34.37 26.33
C ILE B 94 15.74 -35.25 27.43
N THR B 95 15.54 -36.56 27.32
CA THR B 95 16.10 -37.51 28.29
C THR B 95 17.63 -37.50 28.19
N ASP B 96 18.27 -37.18 29.33
CA ASP B 96 19.72 -37.32 29.51
C ASP B 96 20.33 -38.56 28.81
N GLY B 97 21.04 -38.34 27.72
CA GLY B 97 21.64 -39.42 26.94
C GLY B 97 20.81 -39.87 25.76
N ALA B 98 19.75 -39.11 25.44
CA ALA B 98 18.84 -39.41 24.31
C ALA B 98 19.50 -39.55 22.95
N PHE B 99 20.65 -38.90 22.77
CA PHE B 99 21.33 -38.93 21.48
C PHE B 99 22.57 -39.83 21.47
N LEU B 100 22.96 -40.37 22.63
CA LEU B 100 24.20 -41.16 22.76
C LEU B 100 24.39 -42.30 21.76
N ASN B 101 23.29 -42.99 21.41
CA ASN B 101 23.35 -44.16 20.52
C ASN B 101 23.95 -43.87 19.14
N LEU B 102 23.75 -42.65 18.63
CA LEU B 102 24.09 -42.27 17.26
C LEU B 102 25.57 -41.85 17.12
N LYS B 103 26.45 -42.79 16.72
CA LYS B 103 27.92 -42.54 16.69
C LYS B 103 28.36 -41.81 15.43
N ASN B 104 27.44 -41.54 14.51
CA ASN B 104 27.75 -40.75 13.31
C ASN B 104 27.10 -39.36 13.35
N LEU B 105 26.65 -38.94 14.53
CA LEU B 105 25.97 -37.66 14.66
C LEU B 105 27.00 -36.53 14.71
N ARG B 106 26.91 -35.63 13.74
CA ARG B 106 27.87 -34.53 13.54
C ARG B 106 27.26 -33.20 13.92
N GLU B 107 26.06 -32.95 13.41
CA GLU B 107 25.40 -31.68 13.52
C GLU B 107 24.05 -31.84 14.22
N LEU B 108 23.94 -31.28 15.41
CA LEU B 108 22.69 -31.26 16.10
C LEU B 108 22.27 -29.81 16.23
N LEU B 109 21.04 -29.49 15.82
CA LEU B 109 20.50 -28.14 15.96
C LEU B 109 19.29 -28.19 16.86
N LEU B 110 19.32 -27.41 17.95
CA LEU B 110 18.27 -27.42 19.01
C LEU B 110 17.88 -26.00 19.41
N GLU B 111 17.50 -25.16 18.44
CA GLU B 111 17.17 -23.75 18.69
C GLU B 111 15.70 -23.53 18.96
N ASP B 112 15.38 -22.37 19.53
CA ASP B 112 14.00 -22.07 19.95
C ASP B 112 13.30 -23.28 20.59
N ASN B 113 13.95 -23.93 21.55
CA ASN B 113 13.35 -25.12 22.18
C ASN B 113 12.94 -24.96 23.65
N GLN B 114 13.08 -23.75 24.21
CA GLN B 114 12.74 -23.48 25.62
C GLN B 114 13.48 -24.36 26.63
N LEU B 115 14.74 -24.68 26.33
CA LEU B 115 15.55 -25.51 27.20
C LEU B 115 16.14 -24.71 28.40
N PRO B 116 16.11 -25.31 29.60
CA PRO B 116 16.69 -24.71 30.83
C PRO B 116 18.18 -25.01 31.01
N GLN B 117 18.64 -26.12 30.45
CA GLN B 117 20.04 -26.49 30.51
C GLN B 117 20.48 -27.25 29.27
N ILE B 118 21.79 -27.30 29.06
CA ILE B 118 22.36 -28.04 27.96
C ILE B 118 22.06 -29.53 28.17
N PRO B 119 21.40 -30.18 27.20
CA PRO B 119 21.08 -31.60 27.36
C PRO B 119 22.28 -32.41 27.85
N SER B 120 22.02 -33.32 28.80
CA SER B 120 23.10 -34.11 29.34
C SER B 120 23.37 -35.27 28.43
N GLY B 121 24.65 -35.66 28.38
CA GLY B 121 25.12 -36.80 27.62
C GLY B 121 24.86 -36.68 26.14
N LEU B 122 25.66 -35.86 25.47
CA LEU B 122 25.55 -35.70 24.03
C LEU B 122 26.72 -36.44 23.39
N PRO B 123 26.54 -36.93 22.15
CA PRO B 123 27.61 -37.67 21.46
C PRO B 123 28.92 -36.89 21.21
N GLU B 124 30.04 -37.46 21.65
CA GLU B 124 31.38 -36.90 21.42
C GLU B 124 31.55 -36.52 19.97
N SER B 125 31.03 -37.40 19.09
CA SER B 125 30.98 -37.23 17.62
C SER B 125 30.55 -35.84 17.06
N LEU B 126 29.76 -35.07 17.81
CA LEU B 126 29.30 -33.77 17.37
C LEU B 126 30.44 -32.87 16.95
N THR B 127 30.35 -32.35 15.71
CA THR B 127 31.20 -31.26 15.23
C THR B 127 30.49 -29.91 15.23
N GLU B 128 29.17 -29.89 15.09
CA GLU B 128 28.39 -28.65 15.25
C GLU B 128 27.18 -28.78 16.16
N LEU B 129 27.13 -27.97 17.21
CA LEU B 129 25.97 -27.87 18.11
C LEU B 129 25.39 -26.46 18.06
N SER B 130 24.06 -26.35 18.15
CA SER B 130 23.42 -25.04 18.24
C SER B 130 22.22 -24.97 19.21
N LEU B 131 22.37 -24.19 20.30
CA LEU B 131 21.35 -24.09 21.36
C LEU B 131 20.83 -22.66 21.47
N ILE B 132 20.71 -21.99 20.33
CA ILE B 132 20.28 -20.60 20.28
C ILE B 132 18.82 -20.45 20.74
N GLN B 133 18.46 -19.26 21.23
CA GLN B 133 17.10 -18.97 21.70
C GLN B 133 16.59 -20.08 22.59
N ASN B 134 17.20 -20.25 23.73
CA ASN B 134 16.72 -21.16 24.73
C ASN B 134 16.93 -20.41 26.01
N ASN B 135 16.78 -21.09 27.16
CA ASN B 135 16.96 -20.43 28.47
C ASN B 135 18.20 -20.91 29.25
N ILE B 136 19.20 -21.38 28.49
CA ILE B 136 20.43 -21.93 29.05
C ILE B 136 21.27 -20.84 29.71
N TYR B 137 21.18 -20.75 31.04
CA TYR B 137 21.90 -19.72 31.80
C TYR B 137 23.25 -20.21 32.34
N ASN B 138 23.47 -21.51 32.31
CA ASN B 138 24.73 -22.07 32.76
C ASN B 138 25.36 -22.85 31.62
N ILE B 139 26.64 -22.58 31.34
CA ILE B 139 27.41 -23.38 30.41
C ILE B 139 28.40 -24.19 31.24
N THR B 140 28.14 -25.48 31.38
CA THR B 140 28.92 -26.33 32.29
C THR B 140 29.76 -27.35 31.55
N LYS B 141 30.93 -27.67 32.12
CA LYS B 141 31.79 -28.77 31.66
C LYS B 141 30.99 -30.07 31.57
N GLU B 142 30.23 -30.35 32.63
CA GLU B 142 29.24 -31.42 32.63
C GLU B 142 28.43 -31.45 31.30
N GLY B 143 28.09 -30.27 30.78
CA GLY B 143 27.35 -30.17 29.53
C GLY B 143 28.12 -30.45 28.26
N ILE B 144 29.30 -29.83 28.13
CA ILE B 144 30.00 -29.78 26.84
C ILE B 144 31.52 -30.06 26.86
N SER B 145 32.12 -30.36 28.02
CA SER B 145 33.58 -30.54 28.07
C SER B 145 34.02 -31.89 27.44
N ARG B 146 33.08 -32.82 27.35
CA ARG B 146 33.35 -34.12 26.69
C ARG B 146 33.31 -34.03 25.18
N LEU B 147 32.69 -32.98 24.62
CA LEU B 147 32.42 -32.90 23.17
C LEU B 147 33.64 -32.46 22.36
N ILE B 148 34.78 -33.05 22.69
CA ILE B 148 36.06 -32.71 22.10
C ILE B 148 36.02 -32.35 20.61
N ASN B 149 35.26 -33.09 19.81
CA ASN B 149 35.22 -32.84 18.36
C ASN B 149 34.38 -31.63 17.91
N LEU B 150 33.77 -30.90 18.84
CA LEU B 150 33.06 -29.68 18.50
C LEU B 150 33.92 -28.70 17.68
N LYS B 151 33.36 -28.22 16.57
CA LYS B 151 33.94 -27.12 15.78
C LYS B 151 33.16 -25.80 15.90
N ASN B 152 31.83 -25.85 15.68
CA ASN B 152 30.98 -24.64 15.79
C ASN B 152 29.91 -24.79 16.87
N LEU B 153 29.94 -23.91 17.86
CA LEU B 153 29.05 -23.99 19.01
C LEU B 153 28.30 -22.64 19.10
N TYR B 154 26.97 -22.68 18.99
CA TYR B 154 26.18 -21.46 19.02
C TYR B 154 25.27 -21.40 20.24
N LEU B 155 25.41 -20.34 21.02
CA LEU B 155 24.68 -20.21 22.26
C LEU B 155 24.08 -18.81 22.37
N ALA B 156 23.86 -18.14 21.25
CA ALA B 156 23.32 -16.79 21.27
C ALA B 156 21.90 -16.78 21.80
N TRP B 157 21.44 -15.62 22.25
CA TRP B 157 20.05 -15.45 22.66
C TRP B 157 19.57 -16.48 23.69
N ASN B 158 20.18 -16.53 24.88
CA ASN B 158 19.61 -17.32 25.99
C ASN B 158 19.27 -16.46 27.21
N CYS B 159 20.20 -15.59 27.60
CA CYS B 159 20.01 -14.68 28.73
C CYS B 159 20.04 -13.23 28.22
N TYR B 160 18.88 -12.74 27.78
CA TYR B 160 18.75 -11.40 27.19
C TYR B 160 17.37 -10.85 27.55
N PHE B 161 17.32 -9.87 28.44
CA PHE B 161 16.06 -9.24 28.87
C PHE B 161 14.94 -10.20 29.33
N ASN B 162 15.23 -10.98 30.37
CA ASN B 162 14.19 -11.70 31.11
C ASN B 162 14.65 -11.76 32.57
N LYS B 163 13.88 -11.16 33.48
CA LYS B 163 14.29 -10.97 34.88
C LYS B 163 15.02 -12.16 35.50
N VAL B 164 14.61 -13.37 35.14
CA VAL B 164 15.36 -14.59 35.49
C VAL B 164 16.63 -14.69 34.63
N CYS B 165 17.75 -15.01 35.30
CA CYS B 165 19.11 -14.84 34.76
C CYS B 165 19.48 -13.38 34.64
N GLU B 166 20.07 -12.86 35.72
CA GLU B 166 20.75 -11.57 35.68
C GLU B 166 22.03 -11.69 34.83
N LYS B 167 22.59 -12.90 34.75
CA LYS B 167 23.93 -13.10 34.19
C LYS B 167 24.21 -14.56 33.83
N THR B 168 24.81 -14.77 32.64
CA THR B 168 25.18 -16.11 32.17
C THR B 168 26.46 -16.57 32.88
N ASN B 169 26.34 -17.71 33.54
CA ASN B 169 27.40 -18.23 34.37
C ASN B 169 28.17 -19.28 33.58
N ILE B 170 29.46 -18.99 33.32
CA ILE B 170 30.31 -19.84 32.47
C ILE B 170 31.49 -20.48 33.20
N GLU B 171 31.34 -21.76 33.53
CA GLU B 171 32.38 -22.52 34.25
C GLU B 171 33.82 -22.22 33.75
N ASP B 172 34.76 -22.05 34.69
CA ASP B 172 36.14 -21.71 34.31
C ASP B 172 36.67 -22.84 33.43
N GLY B 173 37.31 -22.47 32.33
CA GLY B 173 37.92 -23.44 31.42
C GLY B 173 36.99 -24.44 30.78
N VAL B 174 35.71 -24.10 30.69
CA VAL B 174 34.72 -25.00 30.09
C VAL B 174 35.04 -25.22 28.61
N PHE B 175 35.45 -24.15 27.93
CA PHE B 175 35.73 -24.24 26.51
C PHE B 175 37.14 -24.68 26.18
N GLU B 176 37.99 -24.75 27.20
CA GLU B 176 39.42 -24.97 26.98
C GLU B 176 39.74 -26.40 26.57
N THR B 177 38.86 -27.35 26.91
CA THR B 177 39.01 -28.74 26.46
C THR B 177 38.55 -28.90 24.99
N LEU B 178 37.63 -28.04 24.54
CA LEU B 178 37.26 -27.99 23.13
C LEU B 178 38.39 -27.41 22.28
N THR B 179 39.36 -28.24 21.96
CA THR B 179 40.59 -27.76 21.32
C THR B 179 40.60 -27.92 19.80
N ASN B 180 39.44 -28.19 19.22
CA ASN B 180 39.26 -28.07 17.77
C ASN B 180 38.17 -27.05 17.43
N LEU B 181 37.77 -26.29 18.44
CA LEU B 181 36.68 -25.34 18.32
C LEU B 181 37.11 -24.15 17.45
N GLU B 182 36.41 -23.96 16.34
CA GLU B 182 36.69 -22.84 15.44
C GLU B 182 35.74 -21.64 15.61
N LEU B 183 34.44 -21.90 15.69
CA LEU B 183 33.45 -20.85 15.81
C LEU B 183 32.73 -20.96 17.15
N LEU B 184 32.76 -19.88 17.93
CA LEU B 184 32.02 -19.80 19.18
C LEU B 184 31.18 -18.50 19.27
N SER B 185 29.84 -18.65 19.20
CA SER B 185 28.95 -17.50 19.37
C SER B 185 28.19 -17.54 20.70
N LEU B 186 28.25 -16.41 21.40
CA LEU B 186 27.50 -16.23 22.63
C LEU B 186 26.75 -14.92 22.61
N SER B 187 26.57 -14.35 21.43
CA SER B 187 25.96 -13.03 21.33
C SER B 187 24.56 -13.06 21.92
N PHE B 188 24.13 -11.94 22.46
CA PHE B 188 22.79 -11.83 23.03
C PHE B 188 22.66 -12.72 24.27
N ASN B 189 23.53 -12.37 25.23
CA ASN B 189 23.69 -13.02 26.52
C ASN B 189 24.43 -12.06 27.41
N SER B 190 23.97 -11.82 28.65
CA SER B 190 24.75 -10.96 29.56
C SER B 190 25.91 -11.72 30.19
N LEU B 191 27.12 -11.44 29.69
CA LEU B 191 28.35 -12.04 30.21
C LEU B 191 29.11 -11.10 31.12
N SER B 192 29.13 -9.82 30.77
CA SER B 192 29.86 -8.79 31.51
C SER B 192 31.33 -8.74 31.12
N HIS B 193 31.95 -9.89 30.85
CA HIS B 193 33.37 -9.89 30.51
C HIS B 193 33.69 -11.12 29.68
N VAL B 194 34.73 -11.00 28.84
CA VAL B 194 35.08 -12.07 27.91
C VAL B 194 35.60 -13.29 28.66
N PRO B 195 35.02 -14.46 28.40
CA PRO B 195 35.35 -15.57 29.25
C PRO B 195 36.82 -15.98 29.16
N PRO B 196 37.44 -16.30 30.30
CA PRO B 196 38.79 -16.84 30.27
C PRO B 196 38.96 -18.20 29.52
N LYS B 197 40.21 -18.60 29.33
CA LYS B 197 40.51 -19.95 28.90
C LYS B 197 39.71 -20.34 27.67
N LEU B 198 39.90 -19.57 26.61
CA LEU B 198 39.36 -19.95 25.32
C LEU B 198 40.44 -20.74 24.60
N PRO B 199 40.05 -21.68 23.74
CA PRO B 199 41.03 -22.50 23.06
C PRO B 199 41.71 -21.73 21.95
N SER B 200 42.95 -22.11 21.66
CA SER B 200 43.76 -21.43 20.66
C SER B 200 43.25 -21.60 19.23
N SER B 201 42.43 -22.63 19.02
CA SER B 201 41.89 -22.91 17.71
C SER B 201 40.67 -22.07 17.32
N LEU B 202 40.13 -21.27 18.23
CA LEU B 202 39.08 -20.31 17.85
C LEU B 202 39.51 -19.47 16.67
N ARG B 203 38.64 -19.42 15.69
CA ARG B 203 38.80 -18.56 14.51
C ARG B 203 37.68 -17.50 14.34
N LYS B 204 36.49 -17.76 14.88
CA LYS B 204 35.38 -16.84 14.78
C LYS B 204 34.76 -16.78 16.13
N LEU B 205 34.98 -15.67 16.84
CA LEU B 205 34.34 -15.45 18.13
C LEU B 205 33.35 -14.28 18.01
N PHE B 206 32.09 -14.58 18.26
CA PHE B 206 30.99 -13.65 18.16
C PHE B 206 30.54 -13.27 19.58
N LEU B 207 30.69 -12.01 19.95
CA LEU B 207 30.28 -11.55 21.28
C LEU B 207 29.44 -10.29 21.23
N SER B 208 28.51 -10.22 20.28
CA SER B 208 27.61 -9.05 20.18
C SER B 208 26.60 -9.02 21.30
N ASN B 209 26.24 -7.81 21.70
CA ASN B 209 25.21 -7.61 22.70
C ASN B 209 25.36 -8.55 23.88
N THR B 210 26.41 -8.33 24.66
CA THR B 210 26.78 -9.17 25.81
C THR B 210 27.06 -8.40 27.12
N GLN B 211 27.00 -7.07 27.07
CA GLN B 211 27.29 -6.19 28.20
C GLN B 211 28.76 -6.22 28.60
N ILE B 212 29.63 -6.33 27.61
CA ILE B 212 31.05 -6.33 27.87
C ILE B 212 31.62 -4.96 27.54
N LYS B 213 31.68 -4.10 28.55
CA LYS B 213 32.23 -2.76 28.39
C LYS B 213 33.74 -2.67 28.52
N TYR B 214 34.39 -3.69 29.07
CA TYR B 214 35.84 -3.64 29.14
C TYR B 214 36.49 -4.84 28.46
N ILE B 215 37.48 -4.55 27.62
CA ILE B 215 38.36 -5.56 27.04
C ILE B 215 39.76 -5.46 27.63
N SER B 216 40.13 -6.49 28.39
CA SER B 216 41.47 -6.62 28.95
C SER B 216 42.47 -7.00 27.86
N GLU B 217 43.73 -6.92 28.22
CA GLU B 217 44.82 -7.37 27.36
C GLU B 217 44.77 -8.90 27.33
N GLU B 218 44.39 -9.48 28.46
CA GLU B 218 44.40 -10.95 28.67
C GLU B 218 43.19 -11.64 28.01
N ASP B 219 42.11 -10.89 27.82
CA ASP B 219 40.90 -11.45 27.25
C ASP B 219 41.12 -12.21 25.95
N PHE B 220 41.84 -11.62 25.00
CA PHE B 220 42.08 -12.27 23.72
C PHE B 220 43.51 -12.79 23.52
N LYS B 221 44.27 -12.91 24.62
CA LYS B 221 45.65 -13.46 24.61
C LYS B 221 45.77 -14.69 23.71
N GLY B 222 46.66 -14.59 22.73
CA GLY B 222 47.12 -15.78 22.01
C GLY B 222 46.11 -16.52 21.14
N LEU B 223 44.94 -15.93 20.92
CA LEU B 223 43.97 -16.50 20.00
C LEU B 223 44.52 -16.24 18.60
N ILE B 224 45.56 -16.96 18.24
CA ILE B 224 46.32 -16.62 17.04
C ILE B 224 45.70 -17.12 15.74
N ASN B 225 44.59 -17.85 15.85
CA ASN B 225 43.89 -18.32 14.67
C ASN B 225 42.59 -17.52 14.38
N LEU B 226 42.30 -16.49 15.19
CA LEU B 226 41.11 -15.66 14.97
C LEU B 226 41.16 -14.94 13.64
N THR B 227 40.06 -15.02 12.92
CA THR B 227 39.86 -14.24 11.72
C THR B 227 38.70 -13.24 11.85
N LEU B 228 37.86 -13.39 12.88
CA LEU B 228 36.61 -12.63 13.01
C LEU B 228 36.32 -12.40 14.46
N LEU B 229 36.15 -11.14 14.84
CA LEU B 229 35.73 -10.82 16.19
C LEU B 229 34.53 -9.89 16.16
N ASP B 230 33.43 -10.29 16.78
CA ASP B 230 32.25 -9.41 16.89
C ASP B 230 32.05 -8.83 18.31
N LEU B 231 32.23 -7.52 18.44
CA LEU B 231 31.92 -6.84 19.71
C LEU B 231 30.71 -5.87 19.66
N SER B 232 30.06 -5.82 18.51
CA SER B 232 28.98 -4.91 18.27
C SER B 232 27.98 -4.89 19.41
N GLY B 233 27.39 -3.75 19.68
CA GLY B 233 26.25 -3.68 20.60
C GLY B 233 26.57 -3.67 22.09
N ASN B 234 27.86 -3.57 22.41
CA ASN B 234 28.32 -3.43 23.79
C ASN B 234 28.69 -1.99 24.03
N CYS B 235 27.97 -1.35 24.96
CA CYS B 235 27.89 0.11 25.07
C CYS B 235 27.30 0.67 23.76
N PRO B 236 26.06 0.28 23.42
CA PRO B 236 25.42 0.64 22.15
C PRO B 236 25.00 2.08 22.04
N ARG B 237 24.97 2.56 20.79
CA ARG B 237 24.34 3.83 20.43
C ARG B 237 22.84 3.57 20.39
N CYS B 238 22.20 3.87 21.53
CA CYS B 238 20.84 3.46 21.81
C CYS B 238 19.84 4.37 21.19
N PHE B 239 20.21 5.62 21.01
CA PHE B 239 19.39 6.58 20.31
C PHE B 239 18.74 5.95 19.08
N ASN B 240 17.43 6.14 18.96
CA ASN B 240 16.63 5.62 17.84
C ASN B 240 16.96 4.15 17.50
N ALA B 241 16.97 3.34 18.56
CA ALA B 241 17.17 1.89 18.46
C ALA B 241 15.82 1.17 18.43
N PRO B 242 15.58 0.34 17.41
CA PRO B 242 14.30 -0.36 17.26
C PRO B 242 13.93 -1.25 18.46
N PHE B 243 14.87 -2.12 18.84
CA PHE B 243 14.73 -3.12 19.93
C PHE B 243 15.19 -2.45 21.21
N PRO B 244 14.93 -3.05 22.39
CA PRO B 244 15.38 -2.31 23.57
C PRO B 244 16.89 -2.12 23.54
N CYS B 245 17.41 -1.35 24.49
CA CYS B 245 18.75 -0.83 24.36
C CYS B 245 19.15 0.00 25.58
N VAL B 246 20.34 -0.25 26.12
CA VAL B 246 20.79 0.40 27.33
C VAL B 246 22.25 0.76 27.20
N PRO B 247 22.55 2.07 27.14
CA PRO B 247 23.95 2.42 27.01
C PRO B 247 24.59 2.22 28.34
N CYS B 248 25.91 2.01 28.32
CA CYS B 248 26.71 2.13 29.51
C CYS B 248 26.40 3.49 30.14
N ASP B 249 26.84 3.70 31.39
CA ASP B 249 26.46 4.92 32.14
C ASP B 249 27.13 6.15 31.52
N GLY B 250 26.30 7.12 31.10
CA GLY B 250 26.74 8.19 30.21
C GLY B 250 26.85 7.68 28.78
N GLY B 251 27.04 8.59 27.82
CA GLY B 251 27.23 8.18 26.41
C GLY B 251 28.56 7.46 26.26
N ALA B 252 28.79 6.49 27.17
CA ALA B 252 30.13 5.99 27.47
C ALA B 252 30.45 4.86 26.53
N SER B 253 31.65 4.88 25.97
CA SER B 253 31.99 3.93 24.92
C SER B 253 32.51 2.65 25.53
N ILE B 254 32.52 1.57 24.75
CA ILE B 254 33.28 0.37 25.13
C ILE B 254 34.68 0.84 25.47
N ASN B 255 35.33 0.17 26.42
CA ASN B 255 36.71 0.51 26.75
C ASN B 255 37.66 -0.63 26.34
N ILE B 256 38.43 -0.38 25.30
CA ILE B 256 39.29 -1.42 24.73
C ILE B 256 40.75 -1.12 25.03
N ASP B 257 41.32 -1.88 25.95
CA ASP B 257 42.71 -1.75 26.32
C ASP B 257 43.56 -1.59 25.06
N ARG B 258 44.53 -0.69 25.11
CA ARG B 258 45.47 -0.46 23.99
C ARG B 258 46.09 -1.75 23.41
N PHE B 259 46.29 -2.79 24.24
CA PHE B 259 46.88 -4.07 23.76
C PHE B 259 45.86 -5.21 23.49
N ALA B 260 44.58 -4.88 23.57
CA ALA B 260 43.51 -5.87 23.46
C ALA B 260 43.66 -6.84 22.31
N PHE B 261 44.17 -6.34 21.19
CA PHE B 261 44.20 -7.06 19.92
C PHE B 261 45.61 -7.35 19.45
N GLN B 262 46.56 -7.44 20.38
CA GLN B 262 47.97 -7.45 19.98
C GLN B 262 48.40 -8.76 19.32
N ASN B 263 47.87 -9.89 19.75
CA ASN B 263 48.27 -11.17 19.17
C ASN B 263 47.24 -11.74 18.20
N LEU B 264 46.47 -10.85 17.56
CA LEU B 264 45.42 -11.29 16.60
C LEU B 264 45.79 -10.96 15.13
N THR B 265 46.86 -11.55 14.62
CA THR B 265 47.36 -11.20 13.29
C THR B 265 46.52 -11.68 12.12
N GLN B 266 45.68 -12.67 12.39
CA GLN B 266 44.97 -13.32 11.30
C GLN B 266 43.64 -12.56 11.01
N LEU B 267 43.22 -11.73 11.96
CA LEU B 267 41.91 -11.08 11.87
C LEU B 267 41.59 -10.53 10.51
N ARG B 268 40.50 -11.04 9.93
CA ARG B 268 39.97 -10.52 8.70
C ARG B 268 38.82 -9.60 8.96
N TYR B 269 38.11 -9.82 10.08
CA TYR B 269 36.78 -9.26 10.34
C TYR B 269 36.70 -8.68 11.74
N LEU B 270 36.33 -7.41 11.84
CA LEU B 270 36.16 -6.80 13.15
C LEU B 270 34.94 -5.93 13.11
N ASN B 271 33.99 -6.25 13.99
CA ASN B 271 32.72 -5.57 14.08
C ASN B 271 32.60 -4.90 15.44
N LEU B 272 32.69 -3.57 15.38
CA LEU B 272 32.49 -2.67 16.51
C LEU B 272 31.37 -1.69 16.20
N SER B 273 30.31 -2.18 15.56
CA SER B 273 29.08 -1.40 15.37
C SER B 273 28.44 -1.10 16.72
N SER B 274 27.97 0.12 16.92
CA SER B 274 27.14 0.43 18.10
C SER B 274 27.87 0.03 19.38
N THR B 275 29.04 0.62 19.54
CA THR B 275 29.82 0.54 20.76
C THR B 275 30.08 1.94 21.34
N SER B 276 29.49 2.96 20.70
CA SER B 276 29.49 4.34 21.18
C SER B 276 30.89 4.98 21.09
N LEU B 277 31.64 4.58 20.09
CA LEU B 277 32.99 5.07 19.92
C LEU B 277 32.99 6.51 19.42
N ARG B 278 33.74 7.35 20.13
CA ARG B 278 34.17 8.67 19.65
C ARG B 278 35.60 8.62 19.15
N LYS B 279 36.40 7.71 19.74
CA LYS B 279 37.83 7.61 19.46
C LYS B 279 38.27 6.17 19.23
N ILE B 280 39.02 5.98 18.15
CA ILE B 280 39.56 4.69 17.74
C ILE B 280 41.09 4.67 17.82
N ASN B 281 41.63 3.84 18.69
CA ASN B 281 43.06 3.79 18.93
C ASN B 281 43.80 3.04 17.80
N ALA B 282 44.55 3.77 16.98
CA ALA B 282 45.27 3.15 15.85
C ALA B 282 46.12 1.99 16.25
N ALA B 283 46.60 1.97 17.50
CA ALA B 283 47.40 0.85 18.01
C ALA B 283 46.68 -0.51 17.97
N TRP B 284 45.35 -0.46 18.05
CA TRP B 284 44.51 -1.65 17.95
C TRP B 284 44.82 -2.46 16.68
N PHE B 285 45.24 -1.77 15.63
CA PHE B 285 45.50 -2.39 14.34
C PHE B 285 46.96 -2.64 14.08
N LYS B 286 47.83 -2.22 15.00
CA LYS B 286 49.28 -2.37 14.85
C LYS B 286 49.66 -3.74 14.26
N ASN B 287 49.16 -4.81 14.89
CA ASN B 287 49.57 -6.19 14.61
C ASN B 287 48.55 -6.96 13.80
N MET B 288 47.90 -6.28 12.90
CA MET B 288 46.67 -6.79 12.32
C MET B 288 46.64 -6.46 10.83
N PRO B 289 47.76 -6.65 10.14
CA PRO B 289 47.95 -6.24 8.74
C PRO B 289 46.99 -6.83 7.70
N HIS B 290 46.13 -7.78 8.07
CA HIS B 290 45.27 -8.44 7.06
C HIS B 290 43.77 -8.14 7.18
N LEU B 291 43.39 -7.26 8.10
CA LEU B 291 42.00 -6.87 8.32
C LEU B 291 41.38 -6.43 7.01
N LYS B 292 40.27 -7.09 6.69
CA LYS B 292 39.68 -7.05 5.39
C LYS B 292 38.36 -6.27 5.45
N VAL B 293 37.56 -6.49 6.50
CA VAL B 293 36.28 -5.86 6.71
C VAL B 293 36.20 -5.30 8.10
N LEU B 294 35.73 -4.06 8.23
CA LEU B 294 35.66 -3.39 9.54
C LEU B 294 34.37 -2.58 9.70
N ASP B 295 33.57 -2.97 10.69
CA ASP B 295 32.28 -2.34 10.92
C ASP B 295 32.33 -1.32 12.07
N LEU B 296 32.13 -0.04 11.75
CA LEU B 296 32.05 1.00 12.76
C LEU B 296 30.73 1.77 12.70
N GLU B 297 29.69 1.08 12.26
CA GLU B 297 28.35 1.62 12.11
C GLU B 297 27.77 2.01 13.46
N PHE B 298 26.86 2.96 13.44
CA PHE B 298 26.16 3.34 14.65
C PHE B 298 27.09 3.69 15.78
N ASN B 299 28.03 4.58 15.53
CA ASN B 299 28.87 5.16 16.60
C ASN B 299 28.85 6.70 16.53
N TYR B 300 29.91 7.36 17.02
CA TYR B 300 29.93 8.80 17.14
C TYR B 300 31.20 9.33 16.58
N LEU B 301 31.57 8.84 15.40
CA LEU B 301 32.90 9.09 14.87
C LEU B 301 32.90 10.10 13.74
N VAL B 302 32.07 11.14 13.80
CA VAL B 302 32.20 12.24 12.82
C VAL B 302 33.60 12.84 12.95
N GLY B 303 34.10 12.91 14.19
CA GLY B 303 35.45 13.39 14.50
C GLY B 303 36.56 12.56 13.89
N GLU B 304 36.57 11.28 14.22
CA GLU B 304 37.52 10.34 13.64
C GLU B 304 37.53 10.32 12.12
N ILE B 305 36.36 10.42 11.49
CA ILE B 305 36.29 10.48 10.03
C ILE B 305 37.01 11.73 9.52
N ALA B 306 37.00 12.80 10.31
CA ALA B 306 37.70 14.02 9.91
C ALA B 306 39.20 13.92 10.12
N SER B 307 39.63 13.37 11.26
CA SER B 307 41.06 13.28 11.57
C SER B 307 41.64 11.93 11.13
N GLY B 308 41.45 10.90 11.96
CA GLY B 308 41.58 9.53 11.47
C GLY B 308 42.97 8.97 11.35
N ALA B 309 43.56 8.69 12.50
CA ALA B 309 44.88 8.05 12.57
C ALA B 309 44.75 6.62 12.15
N PHE B 310 43.74 5.95 12.71
CA PHE B 310 43.49 4.53 12.46
C PHE B 310 43.51 4.26 10.98
N LEU B 311 43.14 5.27 10.19
CA LEU B 311 43.04 5.09 8.77
C LEU B 311 44.37 4.73 8.09
N THR B 312 45.49 5.10 8.70
CA THR B 312 46.83 4.82 8.12
C THR B 312 47.29 3.37 8.36
N MET B 313 46.60 2.67 9.25
CA MET B 313 46.94 1.32 9.68
C MET B 313 46.18 0.22 8.95
N LEU B 314 45.60 0.50 7.78
CA LEU B 314 44.62 -0.42 7.18
C LEU B 314 44.88 -0.62 5.71
N PRO B 315 46.11 -0.95 5.38
CA PRO B 315 46.45 -1.06 3.98
C PRO B 315 45.69 -2.16 3.23
N ARG B 316 45.24 -3.22 3.91
CA ARG B 316 44.55 -4.31 3.20
C ARG B 316 43.02 -4.31 3.33
N LEU B 317 42.46 -3.28 3.95
CA LEU B 317 41.03 -3.22 4.18
C LEU B 317 40.27 -3.01 2.87
N GLU B 318 39.15 -3.73 2.77
CA GLU B 318 38.31 -3.81 1.57
C GLU B 318 36.87 -3.28 1.76
N ILE B 319 36.33 -3.41 2.97
CA ILE B 319 35.00 -2.94 3.24
C ILE B 319 35.01 -2.22 4.57
N LEU B 320 34.89 -0.89 4.48
CA LEU B 320 34.72 -0.03 5.66
C LEU B 320 33.29 0.47 5.68
N ASP B 321 32.67 0.38 6.87
CA ASP B 321 31.28 0.81 7.06
C ASP B 321 31.20 1.76 8.23
N LEU B 322 30.93 3.01 7.87
CA LEU B 322 30.88 4.11 8.86
C LEU B 322 29.46 4.67 8.96
N SER B 323 28.49 3.85 8.58
CA SER B 323 27.12 4.31 8.48
C SER B 323 26.49 4.75 9.84
N PHE B 324 25.59 5.72 9.77
CA PHE B 324 24.80 6.17 10.92
C PHE B 324 25.68 6.62 12.09
N ASN B 325 26.62 7.52 11.79
CA ASN B 325 27.35 8.20 12.83
C ASN B 325 26.88 9.66 13.00
N TYR B 326 25.71 9.98 12.42
CA TYR B 326 25.20 11.35 12.42
C TYR B 326 25.09 11.87 13.83
N ILE B 327 25.38 13.16 14.01
CA ILE B 327 25.13 13.80 15.28
C ILE B 327 23.69 14.32 15.32
N LYS B 328 22.99 14.02 16.41
CA LYS B 328 21.61 14.46 16.56
C LYS B 328 21.51 15.97 16.47
N GLY B 329 20.45 16.44 15.84
CA GLY B 329 20.16 17.87 15.77
C GLY B 329 20.95 18.65 14.73
N SER B 330 21.95 18.02 14.15
CA SER B 330 22.86 18.68 13.25
C SER B 330 22.53 18.34 11.80
N TYR B 331 22.79 19.28 10.89
CA TYR B 331 22.62 19.08 9.44
C TYR B 331 23.69 19.89 8.66
N PRO B 332 24.97 19.50 8.78
CA PRO B 332 26.09 20.27 8.28
C PRO B 332 26.07 20.40 6.78
N GLN B 333 26.51 21.55 6.30
CA GLN B 333 26.68 21.74 4.88
C GLN B 333 27.56 20.62 4.28
N HIS B 334 28.69 20.32 4.94
CA HIS B 334 29.70 19.46 4.29
C HIS B 334 30.12 18.25 5.07
N ILE B 335 30.68 17.28 4.35
CA ILE B 335 31.28 16.11 4.97
C ILE B 335 32.81 16.28 4.96
N ASN B 336 33.42 15.93 6.10
CA ASN B 336 34.84 16.08 6.32
C ASN B 336 35.51 14.71 6.24
N ILE B 337 36.04 14.39 5.06
CA ILE B 337 36.85 13.17 4.81
C ILE B 337 38.33 13.44 5.11
N SER B 338 38.94 12.77 6.08
CA SER B 338 40.37 12.94 6.27
C SER B 338 41.14 12.51 5.05
N ARG B 339 42.24 13.18 4.76
CA ARG B 339 43.07 12.77 3.61
C ARG B 339 43.65 11.37 3.82
N ASN B 340 43.72 10.92 5.10
CA ASN B 340 44.19 9.58 5.43
C ASN B 340 43.31 8.47 4.84
N PHE B 341 42.09 8.80 4.44
CA PHE B 341 41.31 7.94 3.52
C PHE B 341 42.08 7.45 2.27
N SER B 342 43.18 8.09 1.90
CA SER B 342 43.98 7.63 0.75
C SER B 342 45.01 6.54 1.11
N LYS B 343 45.25 6.33 2.41
CA LYS B 343 46.11 5.23 2.88
C LYS B 343 45.41 3.85 2.82
N LEU B 344 44.26 3.79 2.14
CA LEU B 344 43.36 2.63 2.16
C LEU B 344 43.42 1.85 0.82
N LEU B 345 44.64 1.59 0.32
CA LEU B 345 44.85 1.24 -1.10
C LEU B 345 44.09 -0.01 -1.61
N SER B 346 43.69 -0.90 -0.69
CA SER B 346 42.91 -2.11 -1.01
C SER B 346 41.38 -1.96 -1.02
N LEU B 347 40.87 -0.74 -0.86
CA LEU B 347 39.44 -0.55 -0.60
C LEU B 347 38.59 -0.88 -1.79
N ARG B 348 37.51 -1.59 -1.52
CA ARG B 348 36.53 -1.99 -2.51
C ARG B 348 35.15 -1.36 -2.27
N ALA B 349 34.76 -1.20 -1.01
CA ALA B 349 33.46 -0.62 -0.69
C ALA B 349 33.52 0.27 0.53
N LEU B 350 33.03 1.49 0.39
CA LEU B 350 32.87 2.42 1.50
C LEU B 350 31.38 2.72 1.69
N HIS B 351 30.95 2.62 2.94
CA HIS B 351 29.55 2.76 3.27
C HIS B 351 29.40 3.89 4.24
N LEU B 352 29.00 5.03 3.72
CA LEU B 352 28.74 6.20 4.53
C LEU B 352 27.28 6.56 4.51
N ARG B 353 26.42 5.61 4.86
CA ARG B 353 25.00 5.93 5.02
C ARG B 353 24.79 6.77 6.27
N GLY B 354 23.72 7.57 6.24
CA GLY B 354 23.26 8.25 7.43
C GLY B 354 24.30 9.09 8.14
N TYR B 355 25.20 9.74 7.39
CA TYR B 355 26.16 10.68 8.00
C TYR B 355 25.41 11.95 8.22
N VAL B 356 24.73 12.36 7.14
CA VAL B 356 23.67 13.38 7.08
C VAL B 356 24.32 14.70 6.80
N PHE B 357 24.34 15.09 5.54
CA PHE B 357 24.93 16.37 5.19
C PHE B 357 24.30 16.88 3.91
N GLN B 358 24.57 18.15 3.59
CA GLN B 358 23.83 18.89 2.55
C GLN B 358 24.50 19.04 1.21
N GLU B 359 25.82 19.15 1.18
CA GLU B 359 26.53 19.39 -0.08
C GLU B 359 27.73 18.47 -0.24
N LEU B 360 27.90 17.91 -1.45
CA LEU B 360 29.08 17.12 -1.75
C LEU B 360 29.83 17.83 -2.84
N ARG B 361 30.97 18.40 -2.43
CA ARG B 361 31.89 19.09 -3.33
C ARG B 361 32.92 18.13 -3.87
N GLU B 362 33.36 18.41 -5.09
CA GLU B 362 34.42 17.66 -5.77
C GLU B 362 35.61 17.42 -4.87
N ASP B 363 35.98 18.47 -4.14
CA ASP B 363 37.13 18.46 -3.26
C ASP B 363 36.98 17.53 -2.07
N ASP B 364 35.75 17.34 -1.57
CA ASP B 364 35.51 16.54 -0.35
C ASP B 364 35.93 15.07 -0.49
N PHE B 365 35.73 14.51 -1.69
CA PHE B 365 36.14 13.15 -2.01
C PHE B 365 37.40 13.11 -2.86
N GLN B 366 38.34 14.02 -2.61
CA GLN B 366 39.67 13.91 -3.22
C GLN B 366 40.38 12.64 -2.75
N PRO B 367 40.28 12.28 -1.46
CA PRO B 367 41.10 11.17 -0.98
C PRO B 367 40.75 9.80 -1.53
N LEU B 368 39.53 9.61 -2.01
CA LEU B 368 39.11 8.33 -2.57
C LEU B 368 39.35 8.20 -4.09
N MET B 369 39.77 9.29 -4.72
CA MET B 369 39.82 9.33 -6.19
C MET B 369 40.89 8.51 -6.88
N GLN B 370 41.97 8.21 -6.17
CA GLN B 370 43.03 7.38 -6.75
C GLN B 370 43.14 6.00 -6.08
N LEU B 371 42.38 5.77 -5.01
CA LEU B 371 42.21 4.41 -4.47
C LEU B 371 41.84 3.49 -5.64
N PRO B 372 42.73 2.57 -6.02
CA PRO B 372 42.60 1.90 -7.32
C PRO B 372 41.46 0.92 -7.49
N ASN B 373 40.98 0.31 -6.40
CA ASN B 373 39.99 -0.76 -6.50
C ASN B 373 38.64 -0.42 -5.88
N LEU B 374 38.40 0.87 -5.62
CA LEU B 374 37.11 1.33 -5.09
C LEU B 374 36.05 1.21 -6.15
N SER B 375 35.10 0.30 -5.90
CA SER B 375 33.99 -0.01 -6.82
C SER B 375 32.65 0.39 -6.27
N THR B 376 32.55 0.57 -4.96
CA THR B 376 31.30 0.93 -4.30
C THR B 376 31.46 2.10 -3.36
N ILE B 377 30.70 3.16 -3.66
CA ILE B 377 30.41 4.21 -2.71
C ILE B 377 28.92 4.21 -2.44
N ASN B 378 28.58 4.13 -1.16
CA ASN B 378 27.20 4.13 -0.74
C ASN B 378 26.94 5.32 0.21
N LEU B 379 26.20 6.30 -0.33
CA LEU B 379 25.79 7.52 0.36
C LEU B 379 24.28 7.56 0.59
N GLY B 380 23.68 6.41 0.86
CA GLY B 380 22.26 6.31 1.15
C GLY B 380 21.88 7.08 2.41
N ILE B 381 20.71 7.70 2.38
CA ILE B 381 20.12 8.30 3.56
C ILE B 381 21.02 9.39 4.19
N ASN B 382 21.58 10.29 3.36
CA ASN B 382 22.32 11.45 3.87
C ASN B 382 21.56 12.78 3.71
N PHE B 383 20.48 12.77 2.93
CA PHE B 383 19.64 13.95 2.68
C PHE B 383 20.46 15.07 2.04
N ILE B 384 21.33 14.67 1.15
CA ILE B 384 22.21 15.57 0.46
C ILE B 384 21.38 16.33 -0.56
N LYS B 385 21.48 17.65 -0.59
CA LYS B 385 20.71 18.45 -1.53
C LYS B 385 21.37 18.64 -2.87
N GLN B 386 22.68 18.73 -2.88
CA GLN B 386 23.41 19.06 -4.08
C GLN B 386 24.69 18.22 -4.07
N ILE B 387 24.98 17.65 -5.24
CA ILE B 387 26.24 16.94 -5.44
C ILE B 387 26.96 17.51 -6.66
N ASP B 388 28.27 17.59 -6.56
CA ASP B 388 29.12 18.00 -7.65
C ASP B 388 29.39 16.73 -8.48
N PHE B 389 28.44 16.35 -9.32
CA PHE B 389 28.45 15.04 -10.00
C PHE B 389 29.71 14.71 -10.85
N LYS B 390 30.39 15.72 -11.39
CA LYS B 390 31.59 15.46 -12.18
C LYS B 390 32.64 14.68 -11.40
N LEU B 391 32.65 14.81 -10.08
CA LEU B 391 33.66 14.14 -9.25
C LEU B 391 33.66 12.64 -9.39
N PHE B 392 32.51 12.07 -9.74
CA PHE B 392 32.42 10.61 -9.94
C PHE B 392 33.14 10.17 -11.23
N GLN B 393 33.48 11.14 -12.09
CA GLN B 393 34.36 10.83 -13.22
C GLN B 393 35.82 10.56 -12.84
N ASN B 394 36.29 11.12 -11.72
CA ASN B 394 37.68 10.90 -11.25
C ASN B 394 37.88 9.62 -10.42
N PHE B 395 37.40 8.50 -10.94
CA PHE B 395 37.49 7.24 -10.23
C PHE B 395 37.75 6.14 -11.26
N SER B 396 38.81 5.38 -11.05
CA SER B 396 39.20 4.33 -11.99
C SER B 396 38.18 3.19 -12.11
N ASN B 397 37.66 2.72 -10.99
CA ASN B 397 36.83 1.48 -10.97
C ASN B 397 35.46 1.54 -10.26
N LEU B 398 34.82 2.71 -10.18
CA LEU B 398 33.44 2.77 -9.69
C LEU B 398 32.51 1.89 -10.53
N GLU B 399 31.76 1.04 -9.84
CA GLU B 399 30.70 0.26 -10.43
C GLU B 399 29.33 0.68 -9.83
N ILE B 400 29.31 0.93 -8.51
CA ILE B 400 28.09 1.19 -7.75
C ILE B 400 28.18 2.49 -6.96
N ILE B 401 27.38 3.46 -7.41
CA ILE B 401 27.21 4.77 -6.80
C ILE B 401 25.79 4.84 -6.21
N TYR B 402 25.66 4.64 -4.90
CA TYR B 402 24.35 4.47 -4.27
C TYR B 402 23.93 5.72 -3.53
N LEU B 403 22.99 6.47 -4.14
CA LEU B 403 22.57 7.78 -3.63
C LEU B 403 21.09 7.84 -3.25
N SER B 404 20.52 6.70 -2.89
CA SER B 404 19.12 6.65 -2.49
C SER B 404 18.79 7.46 -1.24
N GLU B 405 17.58 8.01 -1.18
CA GLU B 405 17.13 8.80 -0.05
C GLU B 405 18.07 10.00 0.24
N ASN B 406 18.41 10.72 -0.82
CA ASN B 406 18.94 12.07 -0.66
C ASN B 406 17.94 13.06 -1.28
N ARG B 407 18.33 14.32 -1.45
CA ARG B 407 17.43 15.35 -1.94
C ARG B 407 18.00 16.02 -3.18
N ILE B 408 18.52 15.25 -4.11
CA ILE B 408 18.88 15.82 -5.39
C ILE B 408 17.62 16.44 -5.97
N SER B 409 17.71 17.67 -6.48
CA SER B 409 16.56 18.34 -7.09
C SER B 409 16.69 18.25 -8.61
N PRO B 410 15.69 18.74 -9.36
CA PRO B 410 15.92 18.81 -10.81
C PRO B 410 17.04 19.80 -11.07
N LEU B 411 17.94 19.47 -11.99
CA LEU B 411 19.13 20.31 -12.19
C LEU B 411 18.91 21.29 -13.32
N VAL B 412 19.17 22.57 -13.04
CA VAL B 412 18.97 23.66 -14.02
C VAL B 412 20.13 24.67 -13.96
N ASP B 440 14.81 -13.20 13.35
CA ASP B 440 15.95 -14.00 12.91
C ASP B 440 17.22 -13.70 13.70
N PRO B 441 17.80 -14.72 14.36
CA PRO B 441 19.14 -14.57 14.95
C PRO B 441 20.27 -14.52 13.93
N HIS B 442 20.26 -15.43 12.96
CA HIS B 442 21.38 -15.64 12.03
C HIS B 442 21.48 -14.59 10.91
N SER B 443 20.82 -13.45 11.10
CA SER B 443 20.99 -12.30 10.23
C SER B 443 21.84 -11.23 10.91
N ASN B 444 22.36 -10.35 10.07
CA ASN B 444 23.21 -9.23 10.47
C ASN B 444 22.34 -8.10 11.06
N PHE B 445 22.46 -7.86 12.36
CA PHE B 445 21.69 -6.79 13.07
C PHE B 445 21.96 -5.40 12.48
N TYR B 446 23.24 -5.09 12.21
CA TYR B 446 23.64 -3.70 11.83
C TYR B 446 23.84 -3.59 10.31
N HIS B 447 25.01 -4.00 9.82
CA HIS B 447 25.34 -3.89 8.39
C HIS B 447 24.56 -4.92 7.56
N PHE B 448 23.55 -4.42 6.84
CA PHE B 448 22.58 -5.29 6.18
C PHE B 448 23.12 -5.78 4.82
N THR B 449 22.95 -7.07 4.60
CA THR B 449 23.52 -7.72 3.43
C THR B 449 22.41 -8.24 2.50
N ARG B 450 22.45 -7.72 1.28
CA ARG B 450 21.40 -7.85 0.26
C ARG B 450 21.77 -6.77 -0.73
N PRO B 451 22.15 -7.14 -1.95
CA PRO B 451 22.81 -6.17 -2.82
C PRO B 451 22.13 -4.79 -2.85
N LEU B 452 22.94 -3.75 -2.82
CA LEU B 452 22.49 -2.35 -2.94
C LEU B 452 21.66 -2.05 -4.20
N ILE B 453 21.88 -2.79 -5.28
CA ILE B 453 21.16 -2.54 -6.51
C ILE B 453 20.79 -3.89 -7.05
N LYS B 454 19.62 -3.99 -7.67
CA LYS B 454 19.26 -5.29 -8.19
C LYS B 454 20.48 -5.76 -8.98
N PRO B 455 20.94 -7.00 -8.76
CA PRO B 455 22.02 -7.57 -9.56
C PRO B 455 21.79 -7.47 -11.06
N GLN B 456 20.56 -7.68 -11.48
CA GLN B 456 20.19 -7.73 -12.88
C GLN B 456 20.51 -6.45 -13.59
N CYS B 457 20.48 -5.36 -12.82
CA CYS B 457 20.75 -4.01 -13.32
C CYS B 457 22.25 -3.74 -13.31
N ALA B 458 22.86 -3.92 -12.16
CA ALA B 458 24.28 -3.76 -12.01
C ALA B 458 25.09 -4.54 -13.05
N ALA B 459 24.67 -5.75 -13.42
CA ALA B 459 25.39 -6.57 -14.42
C ALA B 459 25.76 -5.82 -15.66
N TYR B 460 24.86 -4.98 -16.15
CA TYR B 460 25.08 -4.21 -17.37
C TYR B 460 26.27 -3.23 -17.40
N GLY B 461 26.81 -2.87 -16.23
CA GLY B 461 27.86 -1.87 -16.14
C GLY B 461 27.65 -0.90 -14.96
N LYS B 462 28.17 0.31 -15.10
CA LYS B 462 28.15 1.30 -14.02
C LYS B 462 26.71 1.62 -13.60
N ALA B 463 26.43 1.51 -12.30
CA ALA B 463 25.09 1.74 -11.75
C ALA B 463 24.98 2.97 -10.84
N LEU B 464 23.90 3.71 -11.05
CA LEU B 464 23.63 4.92 -10.32
C LEU B 464 22.20 4.82 -9.78
N ASP B 465 22.09 4.79 -8.47
CA ASP B 465 20.79 4.75 -7.82
C ASP B 465 20.48 6.13 -7.22
N LEU B 466 19.59 6.86 -7.89
CA LEU B 466 19.06 8.14 -7.36
C LEU B 466 17.59 7.99 -6.92
N SER B 467 17.21 6.80 -6.46
CA SER B 467 15.87 6.58 -5.96
C SER B 467 15.56 7.44 -4.75
N LEU B 468 14.29 7.72 -4.51
CA LEU B 468 13.85 8.43 -3.33
C LEU B 468 14.53 9.81 -3.13
N ASN B 469 14.71 10.52 -4.25
CA ASN B 469 15.28 11.87 -4.18
C ASN B 469 14.17 12.90 -4.40
N SER B 470 14.44 14.05 -5.01
CA SER B 470 13.39 15.03 -5.31
C SER B 470 13.46 15.45 -6.75
N ILE B 471 13.62 14.48 -7.64
CA ILE B 471 13.77 14.77 -9.05
C ILE B 471 12.37 14.75 -9.62
N PHE B 472 11.58 15.78 -9.31
CA PHE B 472 10.14 15.80 -9.66
C PHE B 472 9.90 16.03 -11.14
N PHE B 473 10.88 16.55 -11.84
CA PHE B 473 10.97 16.31 -13.27
C PHE B 473 12.43 16.09 -13.64
N ILE B 474 12.70 15.72 -14.89
CA ILE B 474 14.07 15.46 -15.30
C ILE B 474 14.69 16.78 -15.76
N GLY B 475 15.80 17.17 -15.13
CA GLY B 475 16.45 18.43 -15.44
C GLY B 475 17.16 18.45 -16.79
N PRO B 476 17.29 19.64 -17.43
CA PRO B 476 18.04 19.72 -18.67
C PRO B 476 19.51 19.33 -18.50
N ASN B 477 20.05 19.59 -17.32
CA ASN B 477 21.44 19.26 -17.02
C ASN B 477 21.60 18.17 -15.95
N GLN B 478 20.56 17.35 -15.79
CA GLN B 478 20.53 16.32 -14.73
C GLN B 478 21.62 15.29 -14.86
N PHE B 479 21.93 14.92 -16.09
CA PHE B 479 22.87 13.83 -16.36
C PHE B 479 24.22 14.26 -16.96
N GLU B 480 24.49 15.57 -17.00
CA GLU B 480 25.72 16.11 -17.60
C GLU B 480 26.83 15.91 -16.62
N ASN B 481 27.96 15.38 -17.06
CA ASN B 481 29.12 15.15 -16.17
C ASN B 481 28.89 14.01 -15.21
N LEU B 482 28.09 13.04 -15.65
CA LEU B 482 28.07 11.70 -15.08
C LEU B 482 29.04 10.87 -15.91
N PRO B 483 29.57 9.78 -15.34
CA PRO B 483 30.26 8.81 -16.18
C PRO B 483 29.26 8.10 -17.11
N ASP B 484 29.75 7.12 -17.84
CA ASP B 484 28.92 6.36 -18.75
C ASP B 484 28.09 5.35 -17.97
N ILE B 485 26.81 5.66 -17.77
CA ILE B 485 25.94 4.84 -16.94
C ILE B 485 25.19 3.75 -17.74
N ALA B 486 25.22 2.53 -17.19
CA ALA B 486 24.55 1.34 -17.72
C ALA B 486 23.22 1.04 -17.03
N CYS B 487 23.13 1.40 -15.73
CA CYS B 487 22.04 1.03 -14.85
C CYS B 487 21.63 2.21 -14.01
N LEU B 488 20.44 2.74 -14.24
CA LEU B 488 19.98 3.92 -13.55
C LEU B 488 18.65 3.66 -12.85
N ASN B 489 18.60 4.00 -11.57
CA ASN B 489 17.38 3.91 -10.78
C ASN B 489 16.82 5.29 -10.44
N LEU B 490 15.67 5.62 -11.00
CA LEU B 490 15.02 6.93 -10.79
C LEU B 490 13.73 6.76 -9.99
N SER B 491 13.64 5.64 -9.30
CA SER B 491 12.39 5.28 -8.68
C SER B 491 11.93 6.21 -7.56
N ALA B 492 10.67 6.61 -7.62
CA ALA B 492 10.04 7.29 -6.51
C ALA B 492 10.67 8.63 -6.28
N ASN B 493 10.63 9.45 -7.33
CA ASN B 493 11.01 10.84 -7.21
C ASN B 493 9.86 11.76 -7.46
N SER B 494 8.64 11.23 -7.47
CA SER B 494 7.47 12.04 -7.80
C SER B 494 7.72 12.70 -9.15
N ASN B 495 8.27 11.91 -10.08
CA ASN B 495 8.73 12.47 -11.34
C ASN B 495 7.63 12.53 -12.38
N ALA B 496 7.29 13.75 -12.75
CA ALA B 496 6.22 14.00 -13.68
C ALA B 496 6.71 14.40 -15.06
N GLN B 497 7.95 14.07 -15.42
CA GLN B 497 8.48 14.41 -16.75
C GLN B 497 7.60 13.94 -17.92
N VAL B 498 7.36 14.86 -18.85
CA VAL B 498 6.79 14.51 -20.14
C VAL B 498 7.98 14.15 -21.02
N LEU B 499 8.22 12.85 -21.19
CA LEU B 499 9.41 12.39 -21.89
C LEU B 499 9.22 12.69 -23.36
N SER B 500 10.26 13.31 -23.94
CA SER B 500 10.28 13.84 -25.30
C SER B 500 11.42 13.31 -26.18
N GLY B 501 12.27 12.44 -25.65
CA GLY B 501 13.31 11.78 -26.43
C GLY B 501 14.70 12.39 -26.29
N THR B 502 14.87 13.35 -25.38
CA THR B 502 16.16 14.04 -25.21
C THR B 502 16.65 14.08 -23.78
N GLU B 503 15.90 13.50 -22.85
CA GLU B 503 16.18 13.66 -21.43
C GLU B 503 17.46 12.93 -21.04
N PHE B 504 17.68 11.77 -21.69
CA PHE B 504 18.75 10.84 -21.29
C PHE B 504 20.00 10.81 -22.16
N SER B 505 20.05 11.68 -23.18
CA SER B 505 21.12 11.61 -24.16
C SER B 505 22.54 11.92 -23.66
N ALA B 506 22.71 12.45 -22.43
CA ALA B 506 24.07 12.53 -21.84
C ALA B 506 24.57 11.20 -21.27
N ILE B 507 23.67 10.24 -21.10
CA ILE B 507 24.02 8.89 -20.68
C ILE B 507 23.20 7.99 -21.58
N PRO B 508 23.58 7.92 -22.87
CA PRO B 508 22.76 7.19 -23.81
C PRO B 508 22.94 5.68 -23.72
N HIS B 509 23.95 5.24 -22.99
CA HIS B 509 24.25 3.83 -22.95
C HIS B 509 23.64 3.14 -21.73
N VAL B 510 22.47 3.61 -21.31
CA VAL B 510 21.70 2.94 -20.25
C VAL B 510 20.96 1.75 -20.83
N LYS B 511 21.25 0.59 -20.26
CA LYS B 511 20.67 -0.69 -20.67
C LYS B 511 19.48 -1.07 -19.80
N TYR B 512 19.52 -0.68 -18.52
CA TYR B 512 18.49 -1.00 -17.51
C TYR B 512 18.03 0.28 -16.85
N LEU B 513 16.77 0.66 -17.03
CA LEU B 513 16.27 1.92 -16.50
C LEU B 513 15.06 1.68 -15.62
N ASP B 514 15.13 2.13 -14.36
CA ASP B 514 14.07 1.88 -13.40
C ASP B 514 13.35 3.17 -13.04
N LEU B 515 12.13 3.32 -13.54
CA LEU B 515 11.32 4.54 -13.31
C LEU B 515 10.05 4.31 -12.47
N THR B 516 10.03 3.20 -11.76
CA THR B 516 8.91 2.75 -10.95
C THR B 516 8.47 3.77 -9.91
N ASN B 517 7.19 3.75 -9.54
CA ASN B 517 6.63 4.70 -8.57
C ASN B 517 6.78 6.17 -8.93
N ASN B 518 6.67 6.53 -10.20
CA ASN B 518 6.62 7.96 -10.56
C ASN B 518 5.33 8.23 -11.27
N ARG B 519 5.25 9.41 -11.90
CA ARG B 519 4.05 9.82 -12.61
C ARG B 519 4.44 10.22 -14.00
N LEU B 520 5.25 9.40 -14.66
CA LEU B 520 5.77 9.76 -15.96
C LEU B 520 4.67 9.82 -16.99
N ASP B 521 4.89 10.70 -17.95
CA ASP B 521 4.06 10.82 -19.11
C ASP B 521 4.88 10.44 -20.35
N PHE B 522 4.56 9.28 -20.95
CA PHE B 522 5.25 8.75 -22.13
C PHE B 522 4.27 8.66 -23.31
N ASP B 523 3.44 9.70 -23.47
CA ASP B 523 2.47 9.81 -24.56
C ASP B 523 3.19 10.01 -25.91
N ASN B 524 4.28 10.78 -25.89
CA ASN B 524 5.05 11.04 -27.08
C ASN B 524 5.76 9.77 -27.55
N ALA B 525 5.72 9.52 -28.85
CA ALA B 525 6.32 8.32 -29.45
C ALA B 525 7.82 8.35 -29.45
N SER B 526 8.43 9.47 -29.07
CA SER B 526 9.89 9.59 -29.03
C SER B 526 10.44 9.37 -27.63
N ALA B 527 9.56 9.07 -26.67
CA ALA B 527 9.93 8.96 -25.28
C ALA B 527 11.02 7.93 -25.06
N LEU B 528 12.12 8.29 -24.43
CA LEU B 528 13.24 7.36 -24.17
C LEU B 528 14.02 6.78 -25.38
N THR B 529 13.65 7.14 -26.62
CA THR B 529 14.29 6.55 -27.80
C THR B 529 15.80 6.81 -27.82
N GLU B 530 16.22 7.91 -27.21
CA GLU B 530 17.65 8.25 -27.10
C GLU B 530 18.52 7.16 -26.47
N LEU B 531 17.91 6.12 -25.91
CA LEU B 531 18.64 5.04 -25.27
C LEU B 531 18.49 3.85 -26.17
N SER B 532 19.10 3.90 -27.35
CA SER B 532 18.91 2.86 -28.37
C SER B 532 19.50 1.50 -27.99
N ASP B 533 20.21 1.45 -26.85
CA ASP B 533 20.75 0.21 -26.30
C ASP B 533 19.91 -0.36 -25.12
N LEU B 534 18.72 0.21 -24.88
CA LEU B 534 17.91 -0.11 -23.72
C LEU B 534 17.39 -1.52 -23.84
N GLU B 535 17.49 -2.28 -22.75
CA GLU B 535 17.08 -3.68 -22.71
C GLU B 535 16.05 -3.91 -21.62
N VAL B 536 16.19 -3.29 -20.45
CA VAL B 536 15.20 -3.45 -19.38
C VAL B 536 14.54 -2.12 -18.98
N LEU B 537 13.21 -2.07 -19.10
CA LEU B 537 12.47 -0.87 -18.72
C LEU B 537 11.40 -1.21 -17.71
N ASP B 538 11.48 -0.56 -16.55
CA ASP B 538 10.53 -0.83 -15.47
C ASP B 538 9.66 0.39 -15.15
N LEU B 539 8.39 0.33 -15.55
CA LEU B 539 7.45 1.41 -15.28
C LEU B 539 6.35 1.00 -14.25
N SER B 540 6.59 -0.08 -13.51
CA SER B 540 5.67 -0.48 -12.46
C SER B 540 5.14 0.72 -11.60
N TYR B 541 3.83 0.74 -11.39
CA TYR B 541 3.17 1.73 -10.53
C TYR B 541 3.49 3.05 -11.08
N ASN B 542 2.92 3.36 -12.22
CA ASN B 542 3.07 4.67 -12.78
C ASN B 542 1.72 5.17 -13.20
N SER B 543 1.40 6.38 -12.82
CA SER B 543 0.05 6.90 -12.96
C SER B 543 0.15 8.39 -12.94
N HIS B 544 -0.92 9.08 -13.33
CA HIS B 544 -0.89 10.54 -13.44
C HIS B 544 -1.00 11.19 -12.05
N TYR B 545 -0.39 12.37 -11.85
CA TYR B 545 -0.43 13.03 -10.53
C TYR B 545 -1.85 13.41 -10.07
N PHE B 546 -2.82 13.34 -10.98
CA PHE B 546 -4.25 13.30 -10.68
C PHE B 546 -4.84 11.96 -11.13
N GLY B 550 -8.65 8.52 -14.47
CA GLY B 550 -9.10 8.60 -15.86
C GLY B 550 -8.04 8.96 -16.90
N VAL B 551 -6.90 8.25 -16.88
CA VAL B 551 -5.73 8.55 -17.72
C VAL B 551 -5.50 7.56 -18.85
N THR B 552 -5.32 8.05 -20.07
CA THR B 552 -5.02 7.18 -21.25
C THR B 552 -3.55 7.14 -21.64
N HIS B 553 -3.20 6.13 -22.43
CA HIS B 553 -1.81 5.86 -22.79
C HIS B 553 -1.55 5.77 -24.29
N HIS B 554 -0.39 6.26 -24.69
CA HIS B 554 0.12 6.03 -26.02
C HIS B 554 1.36 5.17 -25.81
N LEU B 555 1.47 4.06 -26.55
CA LEU B 555 2.60 3.15 -26.36
C LEU B 555 3.54 2.99 -27.54
N GLU B 556 3.29 3.70 -28.64
CA GLU B 556 4.20 3.70 -29.81
C GLU B 556 5.69 3.69 -29.44
N PHE B 557 6.11 4.31 -28.34
CA PHE B 557 7.55 4.39 -28.09
C PHE B 557 8.24 3.01 -28.08
N ILE B 558 7.51 1.96 -27.74
CA ILE B 558 8.12 0.64 -27.58
C ILE B 558 8.77 0.11 -28.87
N GLN B 559 8.02 0.20 -29.96
CA GLN B 559 8.46 -0.18 -31.32
C GLN B 559 9.84 0.40 -31.72
N ASN B 560 10.15 1.64 -31.34
CA ASN B 560 11.39 2.24 -31.80
C ASN B 560 12.65 1.54 -31.31
N PHE B 561 12.55 0.68 -30.30
CA PHE B 561 13.77 0.10 -29.71
C PHE B 561 14.25 -1.17 -30.40
N THR B 562 15.50 -1.11 -30.82
CA THR B 562 16.11 -2.18 -31.58
C THR B 562 16.43 -3.41 -30.70
N ASN B 563 16.59 -3.18 -29.39
CA ASN B 563 17.19 -4.14 -28.47
C ASN B 563 16.51 -4.29 -27.12
N LEU B 564 15.23 -3.95 -27.04
CA LEU B 564 14.53 -3.95 -25.78
C LEU B 564 14.04 -5.36 -25.44
N LYS B 565 14.45 -5.89 -24.27
CA LYS B 565 14.19 -7.26 -23.85
C LYS B 565 12.94 -7.38 -22.94
N VAL B 566 12.92 -6.59 -21.88
CA VAL B 566 11.95 -6.73 -20.78
C VAL B 566 11.22 -5.43 -20.49
N LEU B 567 9.90 -5.41 -20.65
CA LEU B 567 9.11 -4.19 -20.39
C LEU B 567 8.15 -4.49 -19.27
N ASN B 568 8.12 -3.65 -18.24
CA ASN B 568 7.23 -3.90 -17.12
C ASN B 568 6.28 -2.73 -16.89
N LEU B 569 4.99 -2.99 -17.08
CA LEU B 569 3.94 -1.97 -17.00
C LEU B 569 2.93 -2.27 -15.89
N SER B 570 3.31 -3.13 -14.95
CA SER B 570 2.41 -3.52 -13.91
C SER B 570 1.82 -2.33 -13.18
N HIS B 571 0.53 -2.39 -12.90
CA HIS B 571 -0.15 -1.41 -12.08
C HIS B 571 -0.08 -0.07 -12.69
N ASN B 572 -0.33 -0.03 -14.00
CA ASN B 572 -0.47 1.20 -14.71
C ASN B 572 -1.91 1.53 -15.01
N ASN B 573 -2.86 0.72 -14.52
CA ASN B 573 -4.28 0.96 -14.82
C ASN B 573 -4.49 1.39 -16.26
N ILE B 574 -3.97 0.58 -17.17
CA ILE B 574 -4.16 0.85 -18.57
C ILE B 574 -5.53 0.31 -18.98
N TYR B 575 -6.41 1.24 -19.33
CA TYR B 575 -7.73 0.90 -19.88
C TYR B 575 -7.93 1.34 -21.34
N THR B 576 -7.08 2.24 -21.85
CA THR B 576 -7.19 2.67 -23.25
C THR B 576 -5.87 3.12 -23.84
N LEU B 577 -5.72 2.80 -25.14
CA LEU B 577 -4.64 3.32 -25.96
C LEU B 577 -5.26 4.26 -27.00
N THR B 578 -4.54 5.34 -27.32
CA THR B 578 -4.99 6.34 -28.28
C THR B 578 -4.30 6.10 -29.61
N ASP B 579 -5.00 6.38 -30.70
CA ASP B 579 -4.46 6.18 -32.05
C ASP B 579 -4.10 4.70 -32.23
N LYS B 580 -2.83 4.33 -32.07
CA LYS B 580 -2.37 2.94 -32.31
C LYS B 580 -2.91 1.98 -31.25
N TYR B 581 -3.42 0.84 -31.71
CA TYR B 581 -4.04 -0.17 -30.85
C TYR B 581 -3.23 -1.46 -30.69
N ASN B 582 -2.06 -1.53 -31.33
CA ASN B 582 -1.16 -2.67 -31.16
C ASN B 582 0.14 -2.28 -30.52
N LEU B 583 0.66 -3.15 -29.69
CA LEU B 583 2.05 -3.05 -29.25
C LEU B 583 2.90 -3.78 -30.26
N GLU B 584 4.06 -3.21 -30.56
CA GLU B 584 4.92 -3.77 -31.60
C GLU B 584 6.42 -3.79 -31.25
N SER B 585 7.04 -4.96 -31.32
CA SER B 585 8.47 -5.07 -31.18
C SER B 585 8.96 -6.42 -31.66
N LYS B 586 10.19 -6.41 -32.16
CA LYS B 586 10.86 -7.58 -32.74
C LYS B 586 11.93 -8.10 -31.78
N SER B 587 12.14 -7.36 -30.69
CA SER B 587 13.15 -7.72 -29.70
C SER B 587 12.55 -8.22 -28.37
N LEU B 588 11.38 -7.70 -28.01
CA LEU B 588 10.83 -7.94 -26.68
C LEU B 588 10.66 -9.42 -26.37
N VAL B 589 11.21 -9.83 -25.24
CA VAL B 589 11.13 -11.21 -24.81
C VAL B 589 10.08 -11.35 -23.71
N GLU B 590 9.96 -10.33 -22.84
CA GLU B 590 9.11 -10.39 -21.66
C GLU B 590 8.23 -9.16 -21.50
N LEU B 591 6.93 -9.35 -21.33
CA LEU B 591 6.03 -8.24 -20.97
C LEU B 591 5.27 -8.54 -19.66
N VAL B 592 5.34 -7.62 -18.70
CA VAL B 592 4.56 -7.73 -17.48
C VAL B 592 3.45 -6.69 -17.59
N PHE B 593 2.21 -7.17 -17.73
CA PHE B 593 1.02 -6.32 -17.89
C PHE B 593 0.05 -6.52 -16.72
N SER B 594 0.59 -6.97 -15.60
CA SER B 594 -0.23 -7.18 -14.42
C SER B 594 -0.85 -5.89 -13.96
N GLY B 595 -2.00 -6.00 -13.33
CA GLY B 595 -2.62 -4.85 -12.68
C GLY B 595 -2.97 -3.77 -13.66
N ASN B 596 -3.63 -4.14 -14.75
CA ASN B 596 -4.12 -3.20 -15.79
C ASN B 596 -5.52 -3.62 -16.22
N ARG B 597 -6.12 -2.95 -17.20
CA ARG B 597 -7.54 -3.23 -17.49
C ARG B 597 -7.80 -4.01 -18.77
N LEU B 598 -7.08 -5.10 -18.95
CA LEU B 598 -7.36 -5.98 -20.07
C LEU B 598 -8.82 -6.45 -20.13
N ASP B 599 -9.56 -6.39 -19.02
CA ASP B 599 -10.99 -6.69 -19.10
C ASP B 599 -11.70 -5.62 -19.95
N ILE B 600 -11.32 -4.36 -19.79
CA ILE B 600 -11.94 -3.31 -20.57
C ILE B 600 -11.47 -3.34 -22.01
N LEU B 601 -10.17 -3.50 -22.21
CA LEU B 601 -9.61 -3.46 -23.54
C LEU B 601 -10.20 -4.54 -24.46
N TRP B 602 -10.29 -5.75 -23.93
CA TRP B 602 -10.87 -6.85 -24.68
C TRP B 602 -12.41 -6.90 -24.69
N ASN B 603 -13.09 -5.92 -24.10
CA ASN B 603 -14.55 -5.79 -24.20
C ASN B 603 -14.94 -4.51 -24.89
N ASP B 604 -14.01 -4.03 -25.70
CA ASP B 604 -14.23 -2.94 -26.63
C ASP B 604 -15.28 -3.36 -27.65
N ASP B 605 -16.10 -2.42 -28.09
CA ASP B 605 -17.17 -2.75 -29.03
C ASP B 605 -16.64 -2.94 -30.45
N ASP B 606 -15.83 -2.00 -30.92
CA ASP B 606 -15.24 -2.06 -32.26
C ASP B 606 -14.09 -3.07 -32.37
N ASN B 607 -13.74 -3.74 -31.27
CA ASN B 607 -12.68 -4.75 -31.25
C ASN B 607 -11.29 -4.19 -31.58
N ARG B 608 -11.07 -2.92 -31.25
CA ARG B 608 -9.78 -2.27 -31.51
C ARG B 608 -8.61 -3.10 -31.01
N TYR B 609 -8.72 -3.63 -29.79
CA TYR B 609 -7.59 -4.28 -29.14
C TYR B 609 -7.58 -5.81 -29.22
N ILE B 610 -8.05 -6.40 -30.32
CA ILE B 610 -8.02 -7.88 -30.46
C ILE B 610 -6.61 -8.40 -30.79
N SER B 611 -5.71 -7.48 -31.14
CA SER B 611 -4.35 -7.86 -31.47
C SER B 611 -3.41 -6.95 -30.69
N ILE B 612 -3.65 -6.77 -29.39
CA ILE B 612 -2.84 -5.77 -28.63
C ILE B 612 -1.37 -6.14 -28.66
N PHE B 613 -1.12 -7.43 -28.46
CA PHE B 613 0.23 -7.97 -28.35
C PHE B 613 0.57 -8.81 -29.56
N LYS B 614 -0.30 -8.79 -30.58
CA LYS B 614 -0.16 -9.70 -31.73
C LYS B 614 1.22 -9.50 -32.29
N GLY B 615 1.68 -8.25 -32.28
CA GLY B 615 2.96 -7.86 -32.87
C GLY B 615 4.22 -7.79 -32.02
N LEU B 616 4.23 -8.50 -30.89
CA LEU B 616 5.45 -8.72 -30.13
C LEU B 616 5.90 -10.09 -30.55
N LYS B 617 6.60 -10.13 -31.67
CA LYS B 617 6.83 -11.37 -32.38
C LYS B 617 7.94 -12.21 -31.79
N ASN B 618 8.74 -11.63 -30.88
CA ASN B 618 9.75 -12.38 -30.16
C ASN B 618 9.35 -12.75 -28.72
N LEU B 619 8.07 -12.62 -28.39
CA LEU B 619 7.64 -12.65 -26.99
C LEU B 619 7.60 -14.05 -26.44
N THR B 620 8.38 -14.31 -25.39
CA THR B 620 8.30 -15.60 -24.72
C THR B 620 7.47 -15.58 -23.43
N ARG B 621 7.49 -14.48 -22.67
CA ARG B 621 6.86 -14.44 -21.34
C ARG B 621 5.94 -13.29 -21.18
N LEU B 622 4.68 -13.59 -20.88
CA LEU B 622 3.61 -12.59 -20.79
C LEU B 622 2.77 -12.82 -19.54
N ASP B 623 2.38 -11.72 -18.89
CA ASP B 623 1.83 -11.73 -17.54
C ASP B 623 0.58 -10.86 -17.51
N LEU B 624 -0.55 -11.53 -17.46
CA LEU B 624 -1.85 -10.90 -17.56
C LEU B 624 -2.59 -11.00 -16.22
N SER B 625 -1.84 -11.28 -15.16
CA SER B 625 -2.40 -11.36 -13.80
C SER B 625 -3.10 -10.06 -13.39
N LEU B 626 -4.04 -10.17 -12.47
CA LEU B 626 -4.72 -8.99 -11.92
C LEU B 626 -5.26 -8.04 -13.01
N ASN B 627 -5.97 -8.59 -13.97
CA ASN B 627 -6.58 -7.75 -15.00
C ASN B 627 -8.12 -7.83 -15.00
N ARG B 628 -8.67 -8.47 -13.97
CA ARG B 628 -10.12 -8.46 -13.76
C ARG B 628 -10.82 -9.13 -14.94
N LEU B 629 -10.22 -10.20 -15.43
CA LEU B 629 -10.73 -10.92 -16.55
C LEU B 629 -11.69 -12.03 -16.12
N LYS B 630 -12.94 -11.84 -16.52
CA LYS B 630 -13.94 -12.88 -16.44
C LYS B 630 -13.82 -13.80 -17.64
N HIS B 631 -13.37 -13.24 -18.76
CA HIS B 631 -13.53 -13.87 -20.05
C HIS B 631 -12.54 -13.31 -21.05
N ILE B 632 -11.76 -14.17 -21.67
CA ILE B 632 -10.90 -13.75 -22.77
C ILE B 632 -11.57 -14.11 -24.12
N PRO B 633 -11.98 -13.10 -24.91
CA PRO B 633 -12.58 -13.30 -26.24
C PRO B 633 -11.80 -14.27 -27.08
N ASN B 634 -12.49 -15.26 -27.67
CA ASN B 634 -11.82 -16.47 -28.17
C ASN B 634 -10.67 -16.23 -29.17
N GLU B 635 -10.77 -15.21 -30.01
CA GLU B 635 -9.74 -14.92 -31.05
C GLU B 635 -8.68 -13.95 -30.55
N ALA B 636 -9.01 -13.17 -29.52
CA ALA B 636 -8.03 -12.34 -28.85
C ALA B 636 -6.99 -13.22 -28.22
N PHE B 637 -7.43 -14.33 -27.64
CA PHE B 637 -6.49 -15.32 -27.13
C PHE B 637 -5.59 -15.91 -28.23
N LEU B 638 -6.12 -16.14 -29.44
CA LEU B 638 -5.32 -16.69 -30.57
C LEU B 638 -4.30 -15.70 -31.17
N ASN B 639 -4.52 -14.42 -30.86
CA ASN B 639 -3.62 -13.36 -31.23
C ASN B 639 -2.61 -12.99 -30.15
N LEU B 640 -2.25 -13.95 -29.30
CA LEU B 640 -1.12 -13.77 -28.39
C LEU B 640 0.10 -14.40 -29.10
N PRO B 641 1.30 -13.88 -28.88
CA PRO B 641 2.44 -14.39 -29.63
C PRO B 641 2.58 -15.89 -29.55
N ALA B 642 2.70 -16.54 -30.69
CA ALA B 642 2.82 -17.98 -30.73
C ALA B 642 4.23 -18.34 -30.25
N SER B 643 5.07 -17.32 -30.17
CA SER B 643 6.37 -17.46 -29.56
C SER B 643 6.30 -17.87 -28.07
N LEU B 644 5.17 -17.59 -27.42
CA LEU B 644 5.04 -17.73 -25.96
C LEU B 644 5.43 -19.07 -25.36
N THR B 645 6.17 -18.92 -24.28
CA THR B 645 6.75 -19.98 -23.53
C THR B 645 6.11 -20.08 -22.15
N GLU B 646 5.71 -18.95 -21.60
CA GLU B 646 5.27 -18.83 -20.22
C GLU B 646 4.15 -17.81 -20.23
N LEU B 647 2.91 -18.25 -20.05
CA LEU B 647 1.79 -17.32 -20.01
C LEU B 647 1.10 -17.38 -18.66
N HIS B 648 0.91 -16.22 -18.03
CA HIS B 648 0.39 -16.11 -16.66
C HIS B 648 -0.92 -15.37 -16.73
N ILE B 649 -2.02 -16.03 -16.37
CA ILE B 649 -3.33 -15.33 -16.31
C ILE B 649 -3.95 -15.37 -14.93
N ASN B 650 -3.17 -15.82 -13.95
CA ASN B 650 -3.62 -15.91 -12.56
C ASN B 650 -4.20 -14.63 -11.91
N ASP B 651 -4.96 -14.84 -10.82
CA ASP B 651 -5.55 -13.76 -10.03
C ASP B 651 -6.38 -12.82 -10.92
N ASN B 652 -7.19 -13.45 -11.75
CA ASN B 652 -8.31 -12.82 -12.46
C ASN B 652 -9.58 -13.54 -12.01
N MET B 653 -10.63 -13.55 -12.83
CA MET B 653 -11.93 -14.14 -12.45
C MET B 653 -12.47 -15.04 -13.55
N LEU B 654 -11.63 -15.89 -14.10
CA LEU B 654 -12.04 -16.65 -15.27
C LEU B 654 -13.03 -17.72 -14.87
N LYS B 655 -14.20 -17.69 -15.53
CA LYS B 655 -15.23 -18.73 -15.40
C LYS B 655 -14.85 -19.93 -16.27
N PHE B 656 -14.35 -19.65 -17.47
CA PHE B 656 -14.12 -20.68 -18.49
C PHE B 656 -12.73 -20.55 -19.13
N PHE B 657 -12.16 -21.67 -19.56
CA PHE B 657 -10.93 -21.58 -20.33
C PHE B 657 -10.92 -22.51 -21.56
N ASN B 658 -10.74 -21.93 -22.75
CA ASN B 658 -10.82 -22.70 -24.01
C ASN B 658 -9.56 -23.50 -24.25
N TRP B 659 -9.46 -24.64 -23.57
CA TRP B 659 -8.30 -25.53 -23.68
C TRP B 659 -7.89 -25.94 -25.09
N THR B 660 -8.81 -25.86 -26.05
CA THR B 660 -8.49 -26.25 -27.43
C THR B 660 -7.44 -25.32 -28.02
N LEU B 661 -7.63 -24.02 -27.78
CA LEU B 661 -6.76 -22.96 -28.31
C LEU B 661 -5.27 -23.07 -27.93
N LEU B 662 -4.95 -23.94 -26.98
CA LEU B 662 -3.55 -24.22 -26.67
C LEU B 662 -2.77 -24.82 -27.85
N GLN B 663 -3.49 -25.13 -28.91
CA GLN B 663 -2.90 -25.63 -30.15
C GLN B 663 -2.11 -24.56 -30.83
N GLN B 664 -2.71 -23.38 -30.98
CA GLN B 664 -2.03 -22.20 -31.53
C GLN B 664 -0.70 -21.81 -30.80
N PHE B 665 -0.34 -22.52 -29.71
CA PHE B 665 0.83 -22.17 -28.89
C PHE B 665 1.82 -23.33 -28.70
N PRO B 666 2.47 -23.74 -29.79
CA PRO B 666 3.37 -24.90 -29.83
C PRO B 666 4.61 -24.79 -28.98
N ARG B 667 4.89 -23.63 -28.41
CA ARG B 667 6.10 -23.44 -27.59
C ARG B 667 5.87 -23.43 -26.07
N LEU B 668 4.61 -23.26 -25.68
CA LEU B 668 4.21 -23.08 -24.29
C LEU B 668 4.66 -24.18 -23.28
N GLU B 669 5.53 -23.79 -22.35
CA GLU B 669 6.05 -24.70 -21.34
C GLU B 669 5.19 -24.65 -20.07
N LEU B 670 4.88 -23.43 -19.66
CA LEU B 670 4.19 -23.18 -18.39
C LEU B 670 2.93 -22.38 -18.59
N LEU B 671 1.81 -22.89 -18.10
CA LEU B 671 0.55 -22.11 -18.11
C LEU B 671 0.07 -21.96 -16.66
N ASP B 672 -0.19 -20.70 -16.26
CA ASP B 672 -0.53 -20.33 -14.89
C ASP B 672 -1.89 -19.64 -14.78
N LEU B 673 -2.89 -20.38 -14.30
CA LEU B 673 -4.28 -19.91 -14.19
C LEU B 673 -4.79 -19.79 -12.77
N ARG B 674 -3.92 -20.08 -11.79
CA ARG B 674 -4.16 -19.84 -10.35
C ARG B 674 -5.03 -18.67 -9.96
N GLY B 675 -5.88 -18.88 -8.96
CA GLY B 675 -6.71 -17.80 -8.44
C GLY B 675 -7.70 -17.29 -9.47
N ASN B 676 -8.55 -18.20 -9.95
CA ASN B 676 -9.67 -17.86 -10.85
C ASN B 676 -10.88 -18.71 -10.47
N LYS B 677 -11.96 -18.60 -11.23
CA LYS B 677 -13.19 -19.34 -10.93
C LYS B 677 -13.48 -20.50 -11.92
N LEU B 678 -12.47 -21.30 -12.20
CA LEU B 678 -12.58 -22.26 -13.29
C LEU B 678 -13.30 -23.52 -12.87
N LEU B 679 -14.37 -23.85 -13.60
CA LEU B 679 -15.16 -25.06 -13.31
C LEU B 679 -14.65 -26.33 -13.98
N PHE B 680 -14.13 -26.24 -15.20
CA PHE B 680 -13.87 -27.45 -16.00
C PHE B 680 -12.44 -27.60 -16.54
N LEU B 681 -11.99 -28.85 -16.57
CA LEU B 681 -10.82 -29.23 -17.35
C LEU B 681 -11.26 -30.09 -18.54
N THR B 682 -10.59 -29.96 -19.68
CA THR B 682 -10.87 -30.83 -20.81
C THR B 682 -10.29 -32.23 -20.57
N ASP B 683 -10.89 -33.21 -21.25
CA ASP B 683 -10.52 -34.63 -21.13
C ASP B 683 -9.41 -35.05 -22.08
N SER B 684 -9.16 -34.22 -23.11
CA SER B 684 -8.29 -34.58 -24.23
C SER B 684 -7.19 -33.51 -24.39
N LEU B 685 -6.38 -33.31 -23.35
CA LEU B 685 -5.39 -32.23 -23.36
C LEU B 685 -4.27 -32.53 -24.33
N SER B 686 -3.97 -33.80 -24.51
CA SER B 686 -2.99 -34.23 -25.50
C SER B 686 -3.30 -33.68 -26.91
N ASP B 687 -4.54 -33.81 -27.34
CA ASP B 687 -4.92 -33.25 -28.63
C ASP B 687 -4.45 -31.77 -28.80
N PHE B 688 -4.34 -31.03 -27.69
CA PHE B 688 -4.16 -29.56 -27.75
C PHE B 688 -2.74 -29.03 -27.50
N THR B 689 -1.87 -29.82 -26.87
CA THR B 689 -0.44 -29.46 -26.78
C THR B 689 0.42 -30.67 -26.52
N SER B 690 1.67 -30.61 -26.94
CA SER B 690 2.64 -31.56 -26.46
C SER B 690 3.85 -30.87 -25.87
N SER B 691 3.74 -29.55 -25.66
CA SER B 691 4.85 -28.74 -25.14
C SER B 691 4.74 -28.52 -23.63
N LEU B 692 3.50 -28.34 -23.17
CA LEU B 692 3.21 -27.91 -21.79
C LEU B 692 3.76 -28.83 -20.72
N ARG B 693 4.54 -28.23 -19.82
CA ARG B 693 5.26 -28.90 -18.77
C ARG B 693 4.67 -28.58 -17.40
N THR B 694 4.23 -27.33 -17.24
CA THR B 694 3.77 -26.84 -15.98
C THR B 694 2.46 -26.13 -16.12
N LEU B 695 1.43 -26.74 -15.52
CA LEU B 695 0.09 -26.17 -15.47
C LEU B 695 -0.29 -25.97 -14.02
N LEU B 696 -0.69 -24.73 -13.71
CA LEU B 696 -0.99 -24.26 -12.35
C LEU B 696 -2.44 -23.71 -12.25
N LEU B 697 -3.26 -24.46 -11.51
CA LEU B 697 -4.69 -24.24 -11.37
C LEU B 697 -5.18 -24.00 -9.93
N SER B 698 -4.29 -24.17 -8.95
CA SER B 698 -4.70 -23.91 -7.58
C SER B 698 -5.53 -22.65 -7.41
N HIS B 699 -6.47 -22.74 -6.47
CA HIS B 699 -7.45 -21.68 -6.15
C HIS B 699 -8.43 -21.43 -7.28
N ASN B 700 -9.04 -22.53 -7.73
CA ASN B 700 -10.16 -22.55 -8.68
C ASN B 700 -11.28 -23.49 -8.22
N ARG B 701 -12.42 -23.47 -8.91
CA ARG B 701 -13.61 -24.25 -8.50
C ARG B 701 -13.79 -25.48 -9.35
N ILE B 702 -12.76 -26.31 -9.40
CA ILE B 702 -12.80 -27.52 -10.19
C ILE B 702 -13.07 -28.69 -9.25
N SER B 703 -14.26 -29.26 -9.39
CA SER B 703 -14.63 -30.45 -8.61
C SER B 703 -14.39 -31.75 -9.34
N HIS B 704 -14.09 -31.68 -10.63
CA HIS B 704 -13.97 -32.93 -11.41
C HIS B 704 -12.62 -33.05 -12.16
N LEU B 705 -11.95 -34.19 -11.98
CA LEU B 705 -10.76 -34.56 -12.76
C LEU B 705 -11.11 -35.51 -13.90
N PRO B 706 -11.08 -35.02 -15.15
CA PRO B 706 -11.34 -35.93 -16.26
C PRO B 706 -10.49 -37.18 -16.19
N SER B 707 -11.10 -38.30 -16.53
CA SER B 707 -10.44 -39.59 -16.45
C SER B 707 -9.37 -39.64 -17.53
N GLY B 708 -8.25 -40.30 -17.23
CA GLY B 708 -7.09 -40.20 -18.08
C GLY B 708 -6.89 -38.77 -18.57
N PHE B 709 -6.87 -37.82 -17.63
CA PHE B 709 -6.53 -36.42 -17.93
C PHE B 709 -5.02 -36.36 -18.16
N LEU B 710 -4.28 -36.83 -17.16
CA LEU B 710 -2.84 -36.97 -17.24
C LEU B 710 -2.42 -37.88 -18.41
N SER B 711 -3.20 -38.92 -18.66
CA SER B 711 -2.91 -39.91 -19.70
C SER B 711 -3.52 -39.51 -21.06
N GLU B 712 -2.70 -39.21 -22.07
CA GLU B 712 -1.25 -39.09 -21.92
C GLU B 712 -0.79 -37.71 -22.39
N VAL B 713 -0.64 -36.80 -21.44
CA VAL B 713 0.04 -35.54 -21.66
C VAL B 713 1.42 -35.78 -21.09
N SER B 714 2.18 -36.63 -21.78
CA SER B 714 3.53 -37.01 -21.35
C SER B 714 4.38 -35.80 -20.98
N SER B 715 4.25 -34.72 -21.76
CA SER B 715 5.01 -33.47 -21.55
C SER B 715 4.92 -32.93 -20.11
N LEU B 716 3.76 -33.10 -19.45
CA LEU B 716 3.48 -32.48 -18.14
C LEU B 716 4.35 -33.02 -17.00
N LYS B 717 5.10 -32.13 -16.37
CA LYS B 717 5.98 -32.48 -15.26
C LYS B 717 5.41 -32.05 -13.93
N HIS B 718 4.63 -30.95 -13.91
CA HIS B 718 4.18 -30.34 -12.67
C HIS B 718 2.78 -29.79 -12.77
N LEU B 719 1.88 -30.35 -11.96
CA LEU B 719 0.43 -30.08 -12.09
C LEU B 719 -0.08 -29.67 -10.73
N ASP B 720 -0.49 -28.43 -10.58
CA ASP B 720 -0.90 -27.94 -9.26
C ASP B 720 -2.39 -27.73 -9.25
N LEU B 721 -3.09 -28.64 -8.57
CA LEU B 721 -4.55 -28.55 -8.38
C LEU B 721 -4.97 -28.30 -6.92
N SER B 722 -4.02 -28.06 -6.03
CA SER B 722 -4.30 -27.58 -4.66
C SER B 722 -5.41 -26.49 -4.55
N SER B 723 -6.14 -26.49 -3.44
CA SER B 723 -7.23 -25.51 -3.22
C SER B 723 -8.22 -25.42 -4.39
N ASN B 724 -8.85 -26.55 -4.68
CA ASN B 724 -9.95 -26.63 -5.61
C ASN B 724 -11.04 -27.47 -4.94
N LEU B 725 -12.12 -27.76 -5.66
CA LEU B 725 -13.26 -28.46 -5.07
C LEU B 725 -13.30 -29.95 -5.35
N LEU B 726 -12.16 -30.61 -5.55
CA LEU B 726 -12.20 -32.05 -5.81
C LEU B 726 -12.66 -32.81 -4.59
N LYS B 727 -13.74 -33.60 -4.74
CA LYS B 727 -14.16 -34.54 -3.69
C LYS B 727 -13.44 -35.84 -3.89
N THR B 728 -13.01 -36.11 -5.12
CA THR B 728 -12.17 -37.27 -5.33
C THR B 728 -11.49 -37.37 -6.72
N ILE B 729 -10.61 -38.37 -6.83
CA ILE B 729 -9.91 -38.69 -8.07
C ILE B 729 -10.13 -40.15 -8.51
N ASN B 730 -10.57 -40.33 -9.76
CA ASN B 730 -10.86 -41.65 -10.35
C ASN B 730 -9.71 -42.26 -11.19
N LYS B 731 -10.04 -43.32 -11.93
CA LYS B 731 -9.28 -43.77 -13.09
C LYS B 731 -8.93 -42.62 -14.06
N LYS B 741 4.25 -40.05 -16.60
CA LYS B 741 5.46 -39.27 -16.90
C LYS B 741 5.50 -37.94 -16.14
N LEU B 742 4.77 -37.89 -15.03
CA LEU B 742 4.64 -36.69 -14.22
C LEU B 742 5.63 -36.71 -13.04
N SER B 743 5.91 -35.55 -12.49
CA SER B 743 6.90 -35.46 -11.43
C SER B 743 6.47 -34.71 -10.16
N MET B 744 5.42 -33.90 -10.24
CA MET B 744 4.86 -33.29 -9.05
C MET B 744 3.41 -32.93 -9.33
N LEU B 745 2.61 -33.08 -8.27
CA LEU B 745 1.16 -33.07 -8.34
C LEU B 745 0.71 -32.55 -6.99
N GLU B 746 -0.03 -31.46 -7.00
CA GLU B 746 -0.37 -30.76 -5.78
C GLU B 746 -1.87 -30.81 -5.57
N LEU B 747 -2.25 -31.53 -4.50
CA LEU B 747 -3.65 -31.82 -4.21
C LEU B 747 -4.23 -31.13 -2.96
N HIS B 748 -3.33 -30.62 -2.10
CA HIS B 748 -3.71 -30.10 -0.78
C HIS B 748 -4.79 -29.04 -0.89
N GLY B 749 -5.68 -28.98 0.10
CA GLY B 749 -6.72 -27.96 0.16
C GLY B 749 -8.03 -28.33 -0.47
N ASN B 750 -8.21 -29.63 -0.70
CA ASN B 750 -9.39 -30.15 -1.39
C ASN B 750 -10.30 -30.96 -0.47
N PRO B 751 -11.61 -30.71 -0.60
CA PRO B 751 -12.63 -31.37 0.22
C PRO B 751 -12.78 -32.87 -0.07
N PHE B 752 -11.69 -33.62 0.08
CA PHE B 752 -11.73 -35.04 -0.24
C PHE B 752 -12.76 -35.80 0.59
N GLU B 753 -13.52 -36.65 -0.08
CA GLU B 753 -14.36 -37.65 0.58
C GLU B 753 -13.54 -38.90 0.89
N CYS B 754 -13.47 -39.30 2.15
CA CYS B 754 -12.70 -40.48 2.51
C CYS B 754 -13.54 -41.76 2.71
N THR B 755 -14.42 -42.03 1.73
CA THR B 755 -15.21 -43.26 1.64
C THR B 755 -14.38 -44.36 0.94
N CYS B 756 -14.82 -45.61 1.03
CA CYS B 756 -13.98 -46.71 0.52
C CYS B 756 -13.70 -46.58 -0.99
N ASP B 757 -14.72 -46.17 -1.76
CA ASP B 757 -14.50 -45.87 -3.17
C ASP B 757 -13.56 -44.66 -3.26
N ILE B 758 -12.55 -44.81 -4.11
CA ILE B 758 -11.41 -43.90 -4.17
C ILE B 758 -10.53 -43.98 -2.90
N GLY B 759 -10.24 -45.23 -2.55
CA GLY B 759 -8.92 -45.64 -2.13
C GLY B 759 -8.25 -46.22 -3.38
N ASP B 760 -8.88 -46.06 -4.55
CA ASP B 760 -8.23 -46.22 -5.87
C ASP B 760 -7.05 -45.32 -5.91
N PHE B 761 -7.34 -44.02 -5.77
CA PHE B 761 -6.34 -42.96 -5.87
C PHE B 761 -5.16 -43.24 -4.91
N ARG B 762 -5.52 -43.80 -3.75
CA ARG B 762 -4.55 -44.21 -2.74
C ARG B 762 -3.57 -45.27 -3.21
N ARG B 763 -4.04 -46.14 -4.09
CA ARG B 763 -3.18 -47.18 -4.67
C ARG B 763 -2.44 -46.60 -5.89
N TRP B 764 -3.15 -45.83 -6.69
CA TRP B 764 -2.56 -45.07 -7.80
C TRP B 764 -1.32 -44.28 -7.33
N MET B 765 -1.32 -43.87 -6.07
CA MET B 765 -0.14 -43.25 -5.45
C MET B 765 0.95 -44.27 -5.16
N ASP B 766 0.57 -45.41 -4.60
CA ASP B 766 1.56 -46.44 -4.31
C ASP B 766 2.23 -46.95 -5.59
N GLU B 767 1.47 -47.12 -6.67
CA GLU B 767 2.02 -47.64 -7.93
C GLU B 767 3.06 -46.70 -8.52
N HIS B 768 2.87 -45.39 -8.31
CA HIS B 768 3.78 -44.35 -8.81
C HIS B 768 4.56 -43.63 -7.69
N LEU B 769 5.67 -44.22 -7.26
CA LEU B 769 6.59 -43.57 -6.31
C LEU B 769 7.40 -42.43 -6.95
N ASN B 770 7.60 -42.50 -8.27
CA ASN B 770 8.34 -41.44 -9.00
C ASN B 770 7.68 -40.07 -8.79
N VAL B 771 6.34 -39.99 -8.92
CA VAL B 771 5.58 -38.74 -8.76
C VAL B 771 5.64 -38.19 -7.33
N LYS B 772 5.94 -36.91 -7.22
CA LYS B 772 6.10 -36.24 -5.94
C LYS B 772 4.79 -35.57 -5.59
N ILE B 773 4.39 -35.71 -4.34
CA ILE B 773 3.24 -34.98 -3.83
C ILE B 773 3.75 -34.18 -2.64
N PRO B 774 3.71 -32.87 -2.75
CA PRO B 774 4.14 -32.11 -1.60
C PRO B 774 3.03 -32.04 -0.58
N ARG B 775 3.40 -31.65 0.64
CA ARG B 775 2.44 -31.12 1.60
C ARG B 775 1.31 -32.14 1.85
N LEU B 776 1.74 -33.35 2.16
CA LEU B 776 0.87 -34.54 2.16
C LEU B 776 -0.06 -34.58 3.36
N VAL B 777 0.50 -34.15 4.49
CA VAL B 777 -0.22 -33.93 5.74
C VAL B 777 -1.38 -32.92 5.57
N ASP B 778 -1.41 -32.22 4.45
CA ASP B 778 -2.43 -31.22 4.19
C ASP B 778 -3.39 -31.56 3.09
N VAL B 779 -3.29 -32.79 2.58
CA VAL B 779 -4.38 -33.28 1.74
C VAL B 779 -5.33 -33.96 2.74
N ILE B 780 -6.49 -33.34 2.93
CA ILE B 780 -7.31 -33.56 4.13
C ILE B 780 -8.79 -33.89 3.83
N CYS B 781 -9.22 -35.09 4.26
CA CYS B 781 -10.63 -35.53 4.20
C CYS B 781 -11.50 -34.43 4.73
N ALA B 782 -12.53 -34.07 4.00
CA ALA B 782 -13.55 -33.17 4.54
C ALA B 782 -14.71 -34.00 5.09
N SER B 783 -14.79 -35.25 4.70
CA SER B 783 -16.00 -36.03 4.88
C SER B 783 -15.71 -37.45 4.42
N PRO B 784 -16.51 -38.44 4.83
CA PRO B 784 -17.50 -38.30 5.88
C PRO B 784 -16.74 -38.28 7.20
N GLY B 785 -17.03 -37.32 8.07
CA GLY B 785 -16.09 -37.07 9.16
C GLY B 785 -16.58 -36.62 10.50
N ASP B 786 -16.04 -37.13 11.61
CA ASP B 786 -14.98 -38.17 11.78
C ASP B 786 -13.70 -38.05 10.97
N GLN B 787 -13.64 -38.73 9.83
CA GLN B 787 -12.51 -38.61 8.94
C GLN B 787 -12.13 -37.15 8.79
N ARG B 788 -13.12 -36.28 8.66
CA ARG B 788 -12.91 -34.83 8.65
C ARG B 788 -11.71 -34.39 9.49
N GLY B 789 -10.68 -33.89 8.83
CA GLY B 789 -9.44 -33.45 9.49
C GLY B 789 -8.30 -34.44 9.35
N LYS B 790 -8.60 -35.72 9.13
CA LYS B 790 -7.57 -36.74 8.88
C LYS B 790 -6.93 -36.54 7.49
N SER B 791 -5.67 -36.93 7.39
CA SER B 791 -4.99 -36.95 6.09
C SER B 791 -5.46 -38.15 5.29
N ILE B 792 -5.51 -37.97 3.97
CA ILE B 792 -5.90 -39.03 3.07
C ILE B 792 -5.00 -40.22 3.21
N VAL B 793 -3.74 -40.02 3.54
CA VAL B 793 -2.80 -41.14 3.61
C VAL B 793 -3.18 -42.22 4.62
N SER B 794 -3.83 -41.82 5.71
CA SER B 794 -4.00 -42.70 6.88
C SER B 794 -5.15 -43.72 6.85
N LEU B 795 -6.24 -43.42 6.13
CA LEU B 795 -7.45 -44.28 6.18
C LEU B 795 -7.18 -45.67 5.62
N GLU B 796 -8.02 -46.66 5.97
CA GLU B 796 -7.83 -48.04 5.46
C GLU B 796 -8.91 -48.45 4.48
C1 NAG C . -15.45 26.00 -13.70
C2 NAG C . -15.82 24.53 -13.52
C3 NAG C . -17.23 24.37 -12.96
C4 NAG C . -17.52 25.30 -11.74
C5 NAG C . -17.05 26.70 -12.11
C6 NAG C . -17.24 27.77 -11.04
C7 NAG C . -14.95 22.62 -14.77
C8 NAG C . -14.89 21.82 -16.03
N2 NAG C . -15.69 23.73 -14.72
O3 NAG C . -17.41 22.97 -12.75
O4 NAG C . -18.92 25.40 -11.48
O5 NAG C . -15.69 26.68 -12.48
O6 NAG C . -16.70 28.99 -11.55
O7 NAG C . -14.29 22.25 -13.82
C1 NAG C . -19.41 24.39 -10.57
C2 NAG C . -20.78 24.79 -10.03
C3 NAG C . -21.05 23.92 -8.84
C4 NAG C . -20.94 22.45 -9.17
C5 NAG C . -19.63 22.17 -9.98
C6 NAG C . -19.59 20.77 -10.51
C7 NAG C . -21.59 27.05 -9.48
C8 NAG C . -21.29 28.32 -8.73
N2 NAG C . -20.68 26.08 -9.39
O3 NAG C . -22.34 24.23 -8.43
O4 NAG C . -21.10 21.71 -7.95
O5 NAG C . -19.53 23.08 -11.08
O6 NAG C . -20.78 20.60 -11.25
O7 NAG C . -22.62 26.93 -10.15
C1 BMA C . -22.39 21.09 -7.86
C2 BMA C . -22.22 19.87 -6.98
C3 BMA C . -23.45 19.00 -7.11
C4 BMA C . -24.75 19.82 -6.91
C5 BMA C . -24.74 21.28 -7.46
C6 BMA C . -25.93 22.14 -6.92
O2 BMA C . -22.09 20.21 -5.60
O3 BMA C . -23.26 17.92 -6.18
O4 BMA C . -25.82 19.12 -7.58
O5 BMA C . -23.44 21.88 -7.29
O6 BMA C . -25.83 22.76 -5.60
C1 NAG D . -2.35 15.49 6.29
C2 NAG D . -3.87 15.32 6.26
C3 NAG D . -4.24 13.95 5.71
C4 NAG D . -3.64 13.77 4.31
C5 NAG D . -2.13 13.98 4.48
C6 NAG D . -1.45 13.89 3.15
C7 NAG D . -5.31 16.38 7.96
C8 NAG D . -5.59 16.42 9.42
N2 NAG D . -4.35 15.53 7.59
O3 NAG D . -5.64 13.81 5.71
O4 NAG D . -3.85 12.48 3.76
O5 NAG D . -1.80 15.26 5.00
O6 NAG D . -1.89 15.04 2.52
O7 NAG D . -5.99 17.09 7.22
C1 NAG D . -4.94 12.34 2.84
C2 NAG D . -4.65 11.21 1.85
C3 NAG D . -5.87 10.93 0.98
C4 NAG D . -7.11 10.62 1.82
C5 NAG D . -7.30 11.79 2.82
C6 NAG D . -8.44 11.55 3.82
C7 NAG D . -2.33 10.96 0.99
C8 NAG D . -1.35 11.38 -0.06
N2 NAG D . -3.55 11.51 0.93
O3 NAG D . -5.65 9.82 0.15
O4 NAG D . -8.22 10.32 0.97
O5 NAG D . -6.11 12.07 3.56
O6 NAG D . -7.95 11.00 5.01
O7 NAG D . -1.95 10.15 1.84
C1 NAG E . -7.25 8.10 13.24
C2 NAG E . -7.65 8.30 11.79
C3 NAG E . -8.69 9.38 11.61
C4 NAG E . -9.85 9.25 12.58
C5 NAG E . -9.29 9.00 13.99
C6 NAG E . -10.38 8.69 15.02
C7 NAG E . -6.03 7.88 9.99
C8 NAG E . -4.79 8.29 9.26
N2 NAG E . -6.48 8.64 11.01
O3 NAG E . -9.15 9.18 10.31
O4 NAG E . -10.53 10.49 12.57
O5 NAG E . -8.38 7.94 14.02
O6 NAG E . -11.23 7.71 14.47
O7 NAG E . -6.58 6.88 9.59
C1 NAG E . -11.95 10.36 12.58
C2 NAG E . -12.63 11.73 12.73
C3 NAG E . -14.14 11.50 12.69
C4 NAG E . -14.46 10.75 11.43
C5 NAG E . -13.70 9.46 11.37
C6 NAG E . -14.07 8.75 10.07
C7 NAG E . -11.16 13.08 14.19
C8 NAG E . -10.92 13.56 15.59
N2 NAG E . -12.22 12.31 13.99
O3 NAG E . -14.98 12.64 12.73
O4 NAG E . -15.77 10.31 11.47
O5 NAG E . -12.33 9.72 11.40
O6 NAG E . -13.11 7.72 9.87
O7 NAG E . -10.36 13.47 13.32
C1 BMA E . -16.57 10.95 10.49
C2 BMA E . -17.83 10.13 10.43
C3 BMA E . -18.62 10.64 9.24
C4 BMA E . -18.75 12.16 9.21
C5 BMA E . -17.52 12.96 9.70
C6 BMA E . -17.88 14.38 10.15
O2 BMA E . -18.52 10.20 11.69
O3 BMA E . -19.94 10.04 9.21
O4 BMA E . -18.98 12.50 7.83
O5 BMA E . -16.88 12.31 10.79
O6 BMA E . -19.18 14.37 10.75
C1 MAN E . -19.88 8.68 8.74
C2 MAN E . -19.59 8.68 7.22
C3 MAN E . -20.85 8.97 6.39
C4 MAN E . -22.01 8.05 6.81
C5 MAN E . -22.23 8.05 8.34
C6 MAN E . -23.11 6.86 8.73
O2 MAN E . -18.90 7.50 6.84
O3 MAN E . -20.56 8.89 5.02
O4 MAN E . -23.19 8.44 6.14
O5 MAN E . -21.04 7.93 9.09
O6 MAN E . -23.62 7.02 10.04
C1 MAN E . -19.90 15.62 10.63
C2 MAN E . -19.27 16.57 11.62
C3 MAN E . -19.40 15.97 13.02
C4 MAN E . -20.83 15.44 13.33
C5 MAN E . -21.50 14.77 12.13
C6 MAN E . -22.98 14.51 12.45
O2 MAN E . -19.93 17.82 11.58
O3 MAN E . -19.06 16.99 13.93
O4 MAN E . -20.79 14.48 14.37
O5 MAN E . -21.29 15.52 10.93
O6 MAN E . -23.02 13.65 13.56
C1 NAG F . 29.30 -8.05 12.85
C2 NAG F . 27.95 -8.78 12.79
C3 NAG F . 28.10 -10.22 12.30
C4 NAG F . 29.01 -10.36 11.10
C5 NAG F . 30.24 -9.47 11.28
C6 NAG F . 31.14 -9.40 10.05
C7 NAG F . 25.93 -8.26 14.12
C8 NAG F . 25.26 -8.34 15.46
N2 NAG F . 27.17 -8.78 14.03
O3 NAG F . 26.79 -10.62 12.00
O4 NAG F . 29.39 -11.74 10.95
O5 NAG F . 29.89 -8.14 11.58
O6 NAG F . 32.44 -9.26 10.58
O7 NAG F . 25.36 -7.73 13.17
C1 NAG F . 28.49 -12.42 10.05
C2 NAG F . 29.06 -13.65 9.39
C3 NAG F . 28.02 -14.20 8.40
C4 NAG F . 26.67 -14.48 9.12
C5 NAG F . 26.30 -13.15 9.77
C6 NAG F . 24.94 -13.17 10.43
C7 NAG F . 31.39 -14.19 8.76
C8 NAG F . 32.57 -13.84 7.89
N2 NAG F . 30.27 -13.42 8.63
O3 NAG F . 28.58 -15.29 7.70
O4 NAG F . 25.51 -14.94 8.38
O5 NAG F . 27.32 -12.87 10.70
O6 NAG F . 24.98 -14.10 11.50
O7 NAG F . 31.52 -15.14 9.54
C1 MAN F . 25.75 -15.62 7.14
C2 MAN F . 24.44 -15.71 6.39
C3 MAN F . 23.69 -17.01 6.59
C4 MAN F . 24.63 -18.18 6.40
C5 MAN F . 25.83 -18.13 7.33
C6 MAN F . 26.89 -19.12 6.86
O2 MAN F . 24.73 -15.57 4.99
O3 MAN F . 22.60 -17.13 5.66
O4 MAN F . 23.92 -19.37 6.71
O5 MAN F . 26.45 -16.85 7.36
O6 MAN F . 27.37 -18.77 5.54
C1 MAN F . 27.11 -19.76 4.50
C2 MAN F . 28.45 -20.41 4.14
C3 MAN F . 29.31 -19.45 3.34
C4 MAN F . 28.58 -18.90 2.10
C5 MAN F . 27.23 -18.32 2.52
C6 MAN F . 26.38 -17.77 1.36
O2 MAN F . 28.20 -21.59 3.39
O3 MAN F . 30.47 -20.16 3.03
O4 MAN F . 29.33 -17.90 1.43
O5 MAN F . 26.48 -19.26 3.30
O6 MAN F . 26.29 -18.66 0.28
C1 NAG G . 15.37 1.23 -7.19
C2 NAG G . 15.72 -0.27 -7.14
C3 NAG G . 14.63 -1.03 -6.43
C4 NAG G . 14.23 -0.38 -5.09
C5 NAG G . 14.00 1.12 -5.30
C6 NAG G . 13.77 1.86 -4.00
C7 NAG G . 16.92 -1.43 -9.01
C8 NAG G . 16.87 -1.78 -10.44
N2 NAG G . 15.87 -0.74 -8.51
O3 NAG G . 15.12 -2.33 -6.28
O4 NAG G . 13.00 -0.92 -4.55
O5 NAG G . 15.07 1.80 -5.94
O6 NAG G . 14.86 1.61 -3.15
O7 NAG G . 17.91 -1.85 -8.40
C1 NAG G . 13.05 -2.16 -3.79
C2 NAG G . 12.11 -2.06 -2.60
C3 NAG G . 12.01 -3.34 -1.78
C4 NAG G . 11.80 -4.59 -2.65
C5 NAG G . 12.75 -4.54 -3.88
C6 NAG G . 12.47 -5.65 -4.91
C7 NAG G . 11.99 0.13 -1.55
C8 NAG G . 12.70 1.05 -0.57
N2 NAG G . 12.60 -1.06 -1.71
O3 NAG G . 10.91 -3.22 -0.91
O4 NAG G . 11.92 -5.73 -1.80
O5 NAG G . 12.66 -3.30 -4.56
O6 NAG G . 13.54 -5.84 -5.82
O7 NAG G . 10.94 0.43 -2.15
C1 NAG H . 9.08 -5.72 -13.55
C2 NAG H . 9.38 -5.99 -12.06
C3 NAG H . 10.72 -6.61 -11.83
C4 NAG H . 10.90 -7.88 -12.69
C5 NAG H . 10.55 -7.50 -14.12
C6 NAG H . 10.63 -8.62 -15.14
C7 NAG H . 8.51 -4.65 -10.21
C8 NAG H . 8.42 -3.32 -9.51
N2 NAG H . 9.26 -4.74 -11.30
O3 NAG H . 10.82 -6.82 -10.45
O4 NAG H . 12.27 -8.21 -12.62
O5 NAG H . 9.28 -6.91 -14.26
O6 NAG H . 9.69 -9.60 -14.83
O7 NAG H . 7.91 -5.62 -9.75
C1 NAG H . 12.51 -9.62 -12.56
C2 NAG H . 13.95 -10.02 -12.95
C3 NAG H . 14.12 -11.52 -12.91
C4 NAG H . 13.65 -11.97 -11.55
C5 NAG H . 12.26 -11.49 -11.22
C6 NAG H . 11.81 -11.85 -9.82
C7 NAG H . 14.92 -8.34 -14.38
C8 NAG H . 15.12 -7.87 -15.79
N2 NAG H . 14.25 -9.49 -14.26
O3 NAG H . 15.48 -11.88 -13.01
O4 NAG H . 13.72 -13.37 -11.42
O5 NAG H . 12.31 -10.08 -11.26
O6 NAG H . 10.67 -11.04 -9.58
O7 NAG H . 15.36 -7.70 -13.40
C1 BMA H . 14.49 -13.62 -10.26
C2 BMA H . 13.99 -14.98 -9.82
C3 BMA H . 14.93 -15.63 -8.82
C4 BMA H . 16.34 -15.54 -9.38
C5 BMA H . 16.77 -14.09 -9.56
C6 BMA H . 18.26 -14.00 -10.00
O2 BMA H . 13.86 -15.72 -11.04
O3 BMA H . 14.58 -17.00 -8.60
O4 BMA H . 17.24 -16.15 -8.49
O5 BMA H . 15.90 -13.49 -10.53
O6 BMA H . 18.41 -14.81 -11.20
C1 MAN H . 19.71 -14.84 -11.85
C2 MAN H . 19.48 -15.64 -13.16
C3 MAN H . 19.28 -17.15 -12.91
C4 MAN H . 20.21 -17.69 -11.81
C5 MAN H . 20.43 -16.72 -10.64
C6 MAN H . 21.53 -17.18 -9.69
O2 MAN H . 20.45 -15.38 -14.15
O3 MAN H . 19.39 -17.90 -14.09
O4 MAN H . 19.63 -18.89 -11.33
O5 MAN H . 20.75 -15.42 -11.09
O6 MAN H . 21.65 -16.30 -8.59
C4 7VC I . 8.91 21.92 -14.46
C5 7VC I . 6.49 19.75 -12.64
C6 7VC I . 5.46 20.52 -12.10
C10 7VC I . 6.06 17.96 -11.12
C1 7VC I . 8.44 20.17 -15.97
C2 7VC I . 7.36 20.25 -13.73
C11 7VC I . 3.57 20.82 -10.52
C12 7VC I . 6.87 18.38 -15.36
C14 7VC I . 8.65 19.56 -17.21
C16 7VC I . 9.26 18.04 -19.66
O1 7VC I . 4.36 18.04 -9.53
C8 7VC I . 5.03 18.64 -10.55
C7 7VC I . 4.69 20.00 -11.07
C9 7VC I . 6.80 18.50 -12.15
C3 7VC I . 8.06 21.41 -13.48
N 7VC I . 9.07 21.31 -15.64
C 7VC I . 7.51 19.56 -15.01
C13 7VC I . 7.12 17.81 -16.62
C15 7VC I . 8.00 18.38 -17.54
O 7VC I . 8.18 17.75 -18.76
C1 NAG J . -14.91 40.63 4.92
C2 NAG J . -15.59 41.68 4.04
C3 NAG J . -16.75 42.40 4.72
C4 NAG J . -17.71 41.42 5.41
C5 NAG J . -16.93 40.45 6.29
C6 NAG J . -17.86 39.44 7.00
C7 NAG J . -14.55 43.14 2.36
C8 NAG J . -13.42 44.08 2.10
N2 NAG J . -14.59 42.63 3.59
O3 NAG J . -17.41 43.11 3.71
O4 NAG J . -18.66 42.10 6.20
O5 NAG J . -15.92 39.80 5.52
O6 NAG J . -18.17 38.30 6.20
O7 NAG J . -15.36 42.89 1.46
C1 NAG K . -15.57 11.64 29.66
C2 NAG K . -15.69 12.91 30.47
C3 NAG K . -17.14 13.36 30.44
C4 NAG K . -17.63 13.50 29.01
C5 NAG K . -17.24 12.31 28.14
C6 NAG K . -17.38 12.67 26.69
C7 NAG K . -13.95 12.82 32.16
C8 NAG K . -13.63 12.59 33.60
N2 NAG K . -15.23 12.73 31.84
O3 NAG K . -17.23 14.62 31.06
O4 NAG K . -19.02 13.70 29.00
O5 NAG K . -15.88 11.95 28.32
O6 NAG K . -17.09 11.48 26.01
O7 NAG K . -13.06 13.06 31.35
C4 7VC L . 19.78 14.82 12.72
C5 7VC L . 18.12 11.75 11.15
C6 7VC L . 19.11 10.97 10.55
C10 7VC L . 16.41 10.50 9.93
C1 7VC L . 18.26 14.08 14.37
C2 7VC L . 18.48 12.84 12.12
C11 7VC L . 19.81 9.10 9.00
C12 7VC L . 16.86 12.12 13.95
C14 7VC L . 17.65 14.23 15.62
C16 7VC L . 16.47 14.21 18.38
O1 7VC L . 17.06 8.74 8.43
C8 7VC L . 17.37 9.71 9.31
C7 7VC L . 18.77 9.96 9.64
C9 7VC L . 16.79 11.50 10.82
C3 7VC L . 19.45 13.80 11.80
N 7VC L . 19.21 14.95 13.94
C 7VC L . 17.84 12.97 13.48
C13 7VC L . 16.28 12.31 15.21
C15 7VC L . 16.65 13.34 16.04
O 7VC L . 16.01 13.42 17.28
C1 NAG M . 14.71 -12.70 -29.65
C2 NAG M . 15.94 -11.85 -30.01
C3 NAG M . 17.16 -12.72 -30.21
C4 NAG M . 17.39 -13.64 -28.99
C5 NAG M . 16.06 -14.31 -28.54
C6 NAG M . 16.20 -15.00 -27.19
C7 NAG M . 15.84 -9.95 -31.57
C8 NAG M . 15.40 -9.49 -32.93
N2 NAG M . 15.60 -11.23 -31.28
O3 NAG M . 18.34 -11.97 -30.48
O4 NAG M . 18.42 -14.59 -29.28
O5 NAG M . 14.98 -13.38 -28.46
O6 NAG M . 16.44 -14.03 -26.18
O7 NAG M . 16.39 -9.17 -30.80
#